data_6FRN
#
_entry.id   6FRN
#
_cell.length_a   73.660
_cell.length_b   144.970
_cell.length_c   74.210
_cell.angle_alpha   90.00
_cell.angle_beta   91.78
_cell.angle_gamma   90.00
#
_symmetry.space_group_name_H-M   'P 1 21 1'
#
loop_
_entity.id
_entity.type
_entity.pdbx_description
1 polymer 'F420H2 oxidase (FprA)'
2 non-polymer 'FLAVIN MONONUCLEOTIDE'
3 non-polymer 'CALCIUM ION'
4 non-polymer 'TERBIUM(III) ION'
5 non-polymer GLYCEROL
6 non-polymer 2-{2-[2-(2-{2-[2-(2-ETHOXY-ETHOXY)-ETHOXY]-ETHOXY}-ETHOXY)-ETHOXY]-ETHOXY}-ETHANOL
7 non-polymer Tb-Xo4
8 non-polymer 'SODIUM ION'
9 water water
#
_entity_poly.entity_id   1
_entity_poly.type   'polypeptide(L)'
_entity_poly.pdbx_seq_one_letter_code
;MKADAVKIADGVYWVGVLDWDIRMYHGYTLNGTTYNAYLVFGDDKVALIDNTYPGTSAQMWGRIKDACEKEGREFKIDVI
VQNHVEKDHSGALPEIHKKFPEAPIYCTEVAVEGLVKHFPSLKGAPFKVVKSLESIDLGGKTLTFLEAPLLHWPDSMFTL
YAEEGILFSNDAFGQHLCFTQRFDHEIPENILMDANQKFYANLITPLSKLVLKKFKEVIELGLLEKIKMIAPSHGQIWTD
PMKVIGAYQDFATGKCKDKVTIVYDTMHGSTQKMAHAFAEGIMSEGVDVKMYFLHNDERSEIVKDILDSKAFLLGAPTIY
DEPFPSVGDLIYYLKGLKFNRTGLKRLALAFGSMGGNGGGTKVLAEKLKECGFEVLDEYELYYVPTEDELEKCYNMGKRL
AVKVKEMKTE
;
_entity_poly.pdbx_strand_id   A,B,C,D
#
loop_
_chem_comp.id
_chem_comp.type
_chem_comp.name
_chem_comp.formula
7MT non-polymer Tb-Xo4 'C20 H23 N5 O4 Tb 5'
CA non-polymer 'CALCIUM ION' 'Ca 2'
FMN non-polymer 'FLAVIN MONONUCLEOTIDE' 'C17 H21 N4 O9 P'
GOL non-polymer GLYCEROL 'C3 H8 O3'
NA non-polymer 'SODIUM ION' 'Na 1'
PE4 non-polymer 2-{2-[2-(2-{2-[2-(2-ETHOXY-ETHOXY)-ETHOXY]-ETHOXY}-ETHOXY)-ETHOXY]-ETHOXY}-ETHANOL 'C16 H34 O8'
TB non-polymer 'TERBIUM(III) ION' 'Tb 3'
#
# COMPACT_ATOMS: atom_id res chain seq x y z
N MET A 1 -30.58 9.17 9.32
CA MET A 1 -29.56 9.15 10.36
C MET A 1 -29.77 10.36 11.27
N LYS A 2 -29.70 10.16 12.59
CA LYS A 2 -29.78 11.27 13.54
C LYS A 2 -28.36 11.87 13.66
N ALA A 3 -28.24 13.18 13.47
CA ALA A 3 -26.95 13.91 13.49
C ALA A 3 -27.22 15.36 13.84
N ASP A 4 -26.48 15.94 14.76
CA ASP A 4 -26.76 17.30 15.21
C ASP A 4 -26.13 18.39 14.36
N ALA A 5 -26.87 19.49 14.18
CA ALA A 5 -26.36 20.68 13.52
C ALA A 5 -25.55 21.47 14.54
N VAL A 6 -24.65 22.34 14.06
CA VAL A 6 -23.82 23.15 14.94
C VAL A 6 -24.10 24.60 14.64
N LYS A 7 -24.48 25.36 15.66
CA LYS A 7 -24.78 26.76 15.45
C LYS A 7 -23.49 27.53 15.30
N ILE A 8 -23.34 28.34 14.22
CA ILE A 8 -22.12 29.15 14.02
C ILE A 8 -22.43 30.66 14.23
N ALA A 9 -23.71 31.05 14.23
CA ALA A 9 -24.13 32.42 14.47
C ALA A 9 -25.62 32.36 14.71
N ASP A 10 -26.24 33.45 15.08
CA ASP A 10 -27.68 33.47 15.31
C ASP A 10 -28.43 33.11 14.00
N GLY A 11 -29.24 32.07 14.04
CA GLY A 11 -29.95 31.59 12.85
C GLY A 11 -29.09 30.98 11.75
N VAL A 12 -27.79 30.61 12.02
CA VAL A 12 -26.89 30.05 11.00
C VAL A 12 -26.28 28.80 11.55
N TYR A 13 -26.36 27.68 10.80
CA TYR A 13 -25.84 26.40 11.26
C TYR A 13 -24.97 25.73 10.23
N TRP A 14 -24.01 24.99 10.72
CA TRP A 14 -23.23 24.07 9.92
C TRP A 14 -24.08 22.80 9.89
N VAL A 15 -24.33 22.28 8.69
CA VAL A 15 -25.10 21.04 8.50
C VAL A 15 -24.33 20.12 7.54
N GLY A 16 -23.01 20.15 7.64
CA GLY A 16 -22.14 19.41 6.76
C GLY A 16 -21.96 17.95 7.08
N VAL A 17 -20.99 17.35 6.41
CA VAL A 17 -20.69 15.93 6.51
C VAL A 17 -19.26 15.71 6.93
N LEU A 18 -19.05 14.81 7.90
CA LEU A 18 -17.74 14.38 8.36
C LEU A 18 -17.40 13.14 7.55
N ASP A 19 -16.47 13.27 6.58
CA ASP A 19 -16.01 12.11 5.82
C ASP A 19 -14.83 11.54 6.61
N TRP A 20 -15.14 10.80 7.66
CA TRP A 20 -14.12 10.33 8.59
C TRP A 20 -13.03 9.48 7.98
N ASP A 21 -13.42 8.59 7.09
CA ASP A 21 -12.57 7.49 6.66
C ASP A 21 -11.85 7.62 5.31
N ILE A 22 -12.11 8.67 4.54
CA ILE A 22 -11.38 8.90 3.30
C ILE A 22 -9.88 9.18 3.63
N ARG A 23 -8.98 8.60 2.81
CA ARG A 23 -7.53 8.79 2.95
C ARG A 23 -6.89 9.49 1.74
N MET A 24 -7.59 9.60 0.63
CA MET A 24 -7.06 10.25 -0.56
C MET A 24 -8.21 10.79 -1.40
N TYR A 25 -7.99 11.95 -1.98
CA TYR A 25 -8.97 12.60 -2.84
C TYR A 25 -8.22 13.32 -3.95
N HIS A 26 -8.41 12.89 -5.21
CA HIS A 26 -7.68 13.39 -6.39
C HIS A 26 -6.17 13.43 -6.18
N GLY A 27 -5.63 12.40 -5.53
CA GLY A 27 -4.19 12.30 -5.32
C GLY A 27 -3.65 13.12 -4.17
N TYR A 28 -4.54 13.69 -3.36
CA TYR A 28 -4.19 14.51 -2.20
C TYR A 28 -4.45 13.66 -0.95
N THR A 29 -3.43 13.38 -0.14
CA THR A 29 -3.58 12.54 1.05
C THR A 29 -4.14 13.35 2.23
N LEU A 30 -4.92 12.68 3.07
CA LEU A 30 -5.59 13.36 4.18
C LEU A 30 -6.10 12.33 5.18
N ASN A 31 -6.39 12.75 6.38
CA ASN A 31 -6.93 11.86 7.45
C ASN A 31 -8.40 12.24 7.62
N GLY A 32 -9.17 11.95 6.59
CA GLY A 32 -10.55 12.36 6.50
C GLY A 32 -10.66 13.82 6.08
N THR A 33 -11.86 14.23 5.71
CA THR A 33 -12.16 15.63 5.44
C THR A 33 -13.62 15.89 5.77
N THR A 34 -14.09 17.10 5.52
CA THR A 34 -15.51 17.41 5.72
C THR A 34 -16.02 18.05 4.45
N TYR A 35 -17.31 17.96 4.23
CA TYR A 35 -18.02 18.68 3.16
C TYR A 35 -18.95 19.62 3.90
N ASN A 36 -18.52 20.88 4.01
CA ASN A 36 -19.26 21.85 4.79
C ASN A 36 -20.40 22.46 4.00
N ALA A 37 -21.59 22.37 4.60
CA ALA A 37 -22.84 22.92 4.07
C ALA A 37 -23.46 23.75 5.19
N TYR A 38 -24.17 24.82 4.84
CA TYR A 38 -24.67 25.74 5.83
C TYR A 38 -26.14 26.09 5.63
N LEU A 39 -26.87 26.28 6.72
CA LEU A 39 -28.31 26.57 6.69
C LEU A 39 -28.49 27.92 7.35
N VAL A 40 -29.09 28.89 6.62
CA VAL A 40 -29.35 30.26 7.11
C VAL A 40 -30.84 30.41 7.27
N PHE A 41 -31.29 30.73 8.49
CA PHE A 41 -32.72 30.90 8.77
C PHE A 41 -33.07 32.36 8.81
N GLY A 42 -33.65 32.86 7.73
CA GLY A 42 -34.20 34.20 7.72
C GLY A 42 -35.56 34.13 8.38
N ASP A 43 -36.21 35.28 8.58
CA ASP A 43 -37.55 35.29 9.16
C ASP A 43 -38.59 34.72 8.19
N ASP A 44 -38.34 34.84 6.87
CA ASP A 44 -39.27 34.36 5.85
C ASP A 44 -38.80 33.17 5.07
N LYS A 45 -37.50 33.05 4.79
CA LYS A 45 -36.96 31.97 3.98
C LYS A 45 -35.75 31.32 4.63
N VAL A 46 -35.59 30.01 4.37
CA VAL A 46 -34.47 29.20 4.84
C VAL A 46 -33.67 28.85 3.60
N ALA A 47 -32.35 29.11 3.65
CA ALA A 47 -31.45 28.90 2.53
C ALA A 47 -30.40 27.88 2.87
N LEU A 48 -30.17 26.90 1.99
CA LEU A 48 -29.11 25.91 2.15
C LEU A 48 -28.00 26.30 1.22
N ILE A 49 -26.78 26.45 1.75
CA ILE A 49 -25.57 26.84 1.02
C ILE A 49 -24.68 25.62 0.87
N ASP A 50 -24.58 25.12 -0.37
CA ASP A 50 -23.81 23.94 -0.73
C ASP A 50 -24.35 22.68 -0.09
N ASN A 51 -23.74 21.52 -0.41
CA ASN A 51 -24.24 20.28 0.18
C ASN A 51 -23.11 19.26 0.30
N THR A 52 -23.15 18.09 -0.36
CA THR A 52 -22.14 17.11 -0.08
C THR A 52 -21.94 16.11 -1.23
N TYR A 53 -20.92 15.28 -1.09
CA TYR A 53 -20.52 14.26 -2.07
C TYR A 53 -21.63 13.23 -2.33
N PRO A 54 -21.83 12.71 -3.56
CA PRO A 54 -22.91 11.72 -3.77
C PRO A 54 -22.79 10.52 -2.84
N GLY A 55 -23.91 10.12 -2.26
CA GLY A 55 -23.96 8.98 -1.34
C GLY A 55 -23.61 9.28 0.10
N THR A 56 -23.33 10.54 0.45
CA THR A 56 -22.94 10.93 1.82
C THR A 56 -23.96 11.85 2.46
N SER A 57 -25.17 11.98 1.89
CA SER A 57 -26.16 12.93 2.43
C SER A 57 -26.81 12.54 3.75
N ALA A 58 -26.67 11.29 4.25
CA ALA A 58 -27.37 10.88 5.48
C ALA A 58 -27.11 11.83 6.64
N GLN A 59 -25.85 12.18 6.88
CA GLN A 59 -25.53 13.14 7.95
C GLN A 59 -26.16 14.51 7.69
N MET A 60 -26.02 15.02 6.46
CA MET A 60 -26.54 16.33 6.10
C MET A 60 -28.04 16.45 6.40
N TRP A 61 -28.82 15.49 5.96
CA TRP A 61 -30.27 15.50 6.20
C TRP A 61 -30.60 15.46 7.68
N GLY A 62 -29.84 14.71 8.46
CA GLY A 62 -30.04 14.63 9.90
C GLY A 62 -29.79 15.98 10.54
N ARG A 63 -28.72 16.67 10.13
CA ARG A 63 -28.37 17.98 10.68
C ARG A 63 -29.35 19.06 10.24
N ILE A 64 -29.83 18.99 9.01
CA ILE A 64 -30.84 19.94 8.53
C ILE A 64 -32.10 19.80 9.39
N LYS A 65 -32.56 18.55 9.59
CA LYS A 65 -33.77 18.31 10.39
C LYS A 65 -33.56 18.76 11.84
N ASP A 66 -32.36 18.53 12.40
CA ASP A 66 -32.04 18.99 13.74
C ASP A 66 -32.09 20.53 13.84
N ALA A 67 -31.53 21.27 12.85
CA ALA A 67 -31.51 22.74 12.84
C ALA A 67 -32.92 23.29 12.79
N CYS A 68 -33.74 22.73 11.89
CA CYS A 68 -35.15 23.14 11.76
C CYS A 68 -35.92 22.93 13.07
N GLU A 69 -35.66 21.81 13.77
CA GLU A 69 -36.27 21.51 15.08
C GLU A 69 -35.77 22.49 16.16
N LYS A 70 -34.47 22.79 16.21
CA LYS A 70 -33.89 23.77 17.14
C LYS A 70 -34.48 25.17 16.94
N GLU A 71 -34.78 25.52 15.68
CA GLU A 71 -35.36 26.82 15.32
C GLU A 71 -36.87 26.89 15.49
N GLY A 72 -37.52 25.75 15.73
CA GLY A 72 -38.97 25.71 15.85
C GLY A 72 -39.62 25.96 14.50
N ARG A 73 -38.95 25.47 13.41
CA ARG A 73 -39.39 25.68 12.05
C ARG A 73 -39.69 24.35 11.41
N GLU A 74 -40.54 24.36 10.43
CA GLU A 74 -40.84 23.13 9.70
C GLU A 74 -39.61 22.69 8.90
N PHE A 75 -39.58 21.41 8.52
CA PHE A 75 -38.51 20.88 7.71
C PHE A 75 -38.74 21.34 6.27
N LYS A 76 -38.16 22.49 5.91
CA LYS A 76 -38.35 23.11 4.60
C LYS A 76 -37.21 24.01 4.23
N ILE A 77 -36.71 23.84 3.01
CA ILE A 77 -35.66 24.68 2.44
C ILE A 77 -36.37 25.49 1.36
N ASP A 78 -36.28 26.82 1.43
CA ASP A 78 -36.91 27.72 0.45
C ASP A 78 -35.97 28.22 -0.64
N VAL A 79 -34.65 28.28 -0.35
CA VAL A 79 -33.64 28.75 -1.27
C VAL A 79 -32.45 27.77 -1.27
N ILE A 80 -31.91 27.45 -2.44
CA ILE A 80 -30.74 26.58 -2.52
C ILE A 80 -29.64 27.41 -3.17
N VAL A 81 -28.45 27.46 -2.56
CA VAL A 81 -27.25 28.14 -3.10
C VAL A 81 -26.23 27.08 -3.43
N GLN A 82 -25.69 27.15 -4.65
CA GLN A 82 -24.72 26.19 -5.14
C GLN A 82 -23.50 26.99 -5.58
N ASN A 83 -22.54 27.14 -4.63
CA ASN A 83 -21.32 27.93 -4.87
C ASN A 83 -20.35 27.34 -5.86
N HIS A 84 -20.45 26.04 -6.16
CA HIS A 84 -19.50 25.38 -7.06
C HIS A 84 -20.19 24.15 -7.67
N VAL A 85 -19.78 23.74 -8.87
CA VAL A 85 -20.34 22.55 -9.55
CA VAL A 85 -20.31 22.57 -9.59
C VAL A 85 -19.77 21.24 -9.06
N GLU A 86 -18.51 21.22 -8.63
CA GLU A 86 -17.86 19.97 -8.27
C GLU A 86 -18.67 19.13 -7.29
N LYS A 87 -18.72 17.84 -7.55
CA LYS A 87 -19.59 16.89 -6.85
C LYS A 87 -19.38 16.77 -5.34
N ASP A 88 -18.22 17.19 -4.80
CA ASP A 88 -18.03 17.17 -3.35
C ASP A 88 -18.91 18.20 -2.65
N HIS A 89 -19.45 19.21 -3.41
CA HIS A 89 -20.33 20.24 -2.86
C HIS A 89 -21.72 20.28 -3.53
N SER A 90 -21.96 19.52 -4.60
CA SER A 90 -23.25 19.52 -5.32
C SER A 90 -23.84 18.14 -5.47
N GLY A 91 -23.19 17.12 -4.93
CA GLY A 91 -23.60 15.73 -5.08
C GLY A 91 -24.98 15.39 -4.56
N ALA A 92 -25.49 16.14 -3.59
CA ALA A 92 -26.84 15.90 -3.05
C ALA A 92 -27.87 16.83 -3.69
N LEU A 93 -27.48 17.68 -4.67
CA LEU A 93 -28.43 18.59 -5.30
C LEU A 93 -29.62 17.87 -5.92
N PRO A 94 -29.43 16.71 -6.58
CA PRO A 94 -30.60 15.99 -7.13
C PRO A 94 -31.60 15.55 -6.08
N GLU A 95 -31.10 15.18 -4.87
CA GLU A 95 -31.98 14.80 -3.76
C GLU A 95 -32.69 16.03 -3.20
N ILE A 96 -31.95 17.14 -3.05
CA ILE A 96 -32.51 18.37 -2.47
C ILE A 96 -33.59 18.93 -3.40
N HIS A 97 -33.31 18.97 -4.70
CA HIS A 97 -34.30 19.42 -5.69
C HIS A 97 -35.52 18.51 -5.72
N LYS A 98 -35.34 17.19 -5.59
CA LYS A 98 -36.49 16.26 -5.56
C LYS A 98 -37.39 16.49 -4.31
N LYS A 99 -36.79 16.79 -3.16
CA LYS A 99 -37.55 17.04 -1.94
C LYS A 99 -38.22 18.39 -1.94
N PHE A 100 -37.55 19.43 -2.50
CA PHE A 100 -38.02 20.81 -2.53
C PHE A 100 -37.96 21.33 -3.96
N PRO A 101 -38.82 20.81 -4.86
CA PRO A 101 -38.72 21.17 -6.27
C PRO A 101 -39.05 22.59 -6.67
N GLU A 102 -39.63 23.40 -5.78
CA GLU A 102 -39.94 24.79 -6.09
C GLU A 102 -38.91 25.75 -5.54
N ALA A 103 -37.92 25.26 -4.77
CA ALA A 103 -36.89 26.12 -4.23
C ALA A 103 -35.98 26.54 -5.37
N PRO A 104 -35.81 27.84 -5.66
CA PRO A 104 -34.86 28.22 -6.71
C PRO A 104 -33.42 27.84 -6.34
N ILE A 105 -32.63 27.52 -7.34
CA ILE A 105 -31.23 27.13 -7.18
C ILE A 105 -30.38 28.28 -7.69
N TYR A 106 -29.65 28.96 -6.79
CA TYR A 106 -28.79 30.09 -7.15
C TYR A 106 -27.39 29.64 -7.42
N CYS A 107 -26.88 29.96 -8.63
CA CYS A 107 -25.55 29.58 -9.08
C CYS A 107 -25.14 30.45 -10.27
N THR A 108 -23.92 30.28 -10.77
CA THR A 108 -23.44 31.03 -11.93
C THR A 108 -24.02 30.41 -13.23
N GLU A 109 -23.89 31.12 -14.37
CA GLU A 109 -24.40 30.63 -15.65
C GLU A 109 -23.71 29.35 -16.11
N VAL A 110 -22.37 29.28 -16.01
CA VAL A 110 -21.62 28.07 -16.37
C VAL A 110 -21.99 26.94 -15.43
N ALA A 111 -22.30 27.26 -14.16
CA ALA A 111 -22.64 26.22 -13.22
C ALA A 111 -23.93 25.50 -13.59
N VAL A 112 -24.90 26.22 -14.17
CA VAL A 112 -26.15 25.58 -14.58
C VAL A 112 -25.79 24.45 -15.55
N GLU A 113 -24.90 24.74 -16.53
CA GLU A 113 -24.52 23.75 -17.54
C GLU A 113 -23.80 22.57 -16.91
N GLY A 114 -22.83 22.86 -16.05
CA GLY A 114 -22.06 21.83 -15.38
C GLY A 114 -22.89 20.94 -14.47
N LEU A 115 -23.84 21.53 -13.73
CA LEU A 115 -24.72 20.76 -12.83
C LEU A 115 -25.62 19.82 -13.58
N VAL A 116 -26.24 20.28 -14.71
CA VAL A 116 -27.13 19.45 -15.48
C VAL A 116 -26.32 18.35 -16.18
N LYS A 117 -25.06 18.62 -16.55
CA LYS A 117 -24.23 17.60 -17.18
C LYS A 117 -23.94 16.48 -16.15
N HIS A 118 -23.67 16.85 -14.90
CA HIS A 118 -23.47 15.87 -13.83
C HIS A 118 -24.78 15.15 -13.51
N PHE A 119 -25.89 15.93 -13.39
CA PHE A 119 -27.17 15.43 -12.91
C PHE A 119 -28.30 15.76 -13.87
N PRO A 120 -28.58 14.88 -14.85
CA PRO A 120 -29.64 15.17 -15.82
C PRO A 120 -31.04 15.37 -15.25
N SER A 121 -31.32 14.84 -14.04
CA SER A 121 -32.64 15.03 -13.42
C SER A 121 -32.89 16.51 -13.06
N LEU A 122 -31.83 17.35 -13.07
CA LEU A 122 -31.95 18.78 -12.80
C LEU A 122 -32.36 19.57 -14.03
N LYS A 123 -32.54 18.92 -15.18
CA LYS A 123 -33.00 19.62 -16.37
C LYS A 123 -34.43 20.07 -16.07
N GLY A 124 -34.68 21.36 -16.22
CA GLY A 124 -35.98 21.92 -15.87
C GLY A 124 -36.14 22.33 -14.42
N ALA A 125 -35.05 22.26 -13.62
CA ALA A 125 -35.09 22.73 -12.22
C ALA A 125 -35.12 24.28 -12.23
N PRO A 126 -35.61 24.92 -11.16
CA PRO A 126 -35.69 26.39 -11.16
C PRO A 126 -34.38 27.12 -10.86
N PHE A 127 -33.43 27.07 -11.78
CA PHE A 127 -32.16 27.80 -11.64
C PHE A 127 -32.36 29.30 -11.76
N LYS A 128 -31.65 30.06 -10.93
CA LYS A 128 -31.66 31.52 -10.96
C LYS A 128 -30.22 31.91 -11.11
N VAL A 129 -29.85 32.26 -12.34
CA VAL A 129 -28.49 32.57 -12.70
C VAL A 129 -28.04 33.86 -12.02
N VAL A 130 -26.88 33.80 -11.37
CA VAL A 130 -26.26 34.96 -10.72
C VAL A 130 -25.15 35.50 -11.64
N LYS A 131 -25.21 36.80 -11.96
CA LYS A 131 -24.21 37.49 -12.78
C LYS A 131 -23.54 38.57 -11.90
N SER A 132 -23.05 38.12 -10.72
CA SER A 132 -22.31 38.85 -9.69
C SER A 132 -23.07 39.99 -9.01
N LEU A 133 -22.63 40.31 -7.77
CA LEU A 133 -23.17 41.34 -6.87
C LEU A 133 -24.72 41.34 -6.72
N GLU A 134 -25.37 40.19 -6.96
CA GLU A 134 -26.82 40.06 -6.80
C GLU A 134 -27.03 39.71 -5.35
N SER A 135 -28.13 40.16 -4.78
CA SER A 135 -28.46 39.88 -3.39
C SER A 135 -29.90 39.46 -3.25
N ILE A 136 -30.17 38.64 -2.25
CA ILE A 136 -31.54 38.20 -1.93
C ILE A 136 -31.80 38.46 -0.44
N ASP A 137 -33.05 38.75 -0.10
CA ASP A 137 -33.47 39.01 1.27
C ASP A 137 -34.20 37.77 1.76
N LEU A 138 -33.76 37.21 2.90
CA LEU A 138 -34.40 36.04 3.52
C LEU A 138 -35.39 36.43 4.61
N GLY A 139 -35.39 37.71 5.01
CA GLY A 139 -36.19 38.23 6.10
C GLY A 139 -35.24 38.54 7.23
N GLY A 140 -34.69 39.76 7.24
CA GLY A 140 -33.73 40.21 8.24
C GLY A 140 -32.29 39.76 8.00
N LYS A 141 -32.05 38.91 6.98
CA LYS A 141 -30.75 38.38 6.63
C LYS A 141 -30.60 38.52 5.13
N THR A 142 -29.47 39.04 4.66
CA THR A 142 -29.21 39.27 3.24
C THR A 142 -28.07 38.39 2.79
N LEU A 143 -28.25 37.72 1.63
CA LEU A 143 -27.21 36.90 1.05
C LEU A 143 -26.79 37.54 -0.24
N THR A 144 -25.52 37.94 -0.37
CA THR A 144 -24.98 38.54 -1.59
C THR A 144 -24.07 37.53 -2.25
N PHE A 145 -24.30 37.29 -3.54
CA PHE A 145 -23.56 36.33 -4.32
C PHE A 145 -22.54 37.05 -5.18
N LEU A 146 -21.30 36.52 -5.24
CA LEU A 146 -20.18 37.12 -5.96
C LEU A 146 -19.47 36.06 -6.81
N GLU A 147 -19.55 36.16 -8.15
CA GLU A 147 -18.89 35.20 -9.04
C GLU A 147 -17.40 35.04 -8.71
N PRO A 154 -15.16 29.76 -13.73
CA PRO A 154 -16.44 30.46 -13.93
C PRO A 154 -17.64 29.75 -13.28
N ASP A 155 -17.46 28.49 -12.88
CA ASP A 155 -18.52 27.73 -12.21
C ASP A 155 -18.66 28.03 -10.71
N SER A 156 -17.74 28.86 -10.14
CA SER A 156 -17.74 29.13 -8.72
C SER A 156 -18.20 30.52 -8.32
N MET A 157 -18.54 30.66 -7.04
CA MET A 157 -18.90 31.93 -6.45
C MET A 157 -18.71 31.88 -4.95
N PHE A 158 -18.70 33.05 -4.33
CA PHE A 158 -18.68 33.21 -2.88
C PHE A 158 -20.06 33.72 -2.50
N THR A 159 -20.54 33.39 -1.30
CA THR A 159 -21.80 33.91 -0.78
C THR A 159 -21.47 34.63 0.53
N LEU A 160 -21.90 35.88 0.65
CA LEU A 160 -21.68 36.67 1.86
C LEU A 160 -22.97 36.90 2.59
N TYR A 161 -23.03 36.51 3.86
CA TYR A 161 -24.18 36.83 4.70
C TYR A 161 -23.77 38.20 5.27
N ALA A 162 -24.28 39.27 4.64
CA ALA A 162 -23.86 40.65 4.90
C ALA A 162 -23.97 41.14 6.33
N GLU A 163 -25.08 40.86 7.03
CA GLU A 163 -25.30 41.42 8.38
C GLU A 163 -24.29 40.96 9.41
N GLU A 164 -23.82 39.72 9.33
CA GLU A 164 -22.81 39.16 10.25
C GLU A 164 -21.41 39.08 9.64
N GLY A 165 -21.27 39.40 8.36
CA GLY A 165 -19.98 39.35 7.69
C GLY A 165 -19.42 37.94 7.57
N ILE A 166 -20.29 36.93 7.31
CA ILE A 166 -19.84 35.54 7.14
C ILE A 166 -19.66 35.30 5.66
N LEU A 167 -18.42 35.00 5.26
CA LEU A 167 -18.11 34.71 3.87
C LEU A 167 -18.10 33.18 3.68
N PHE A 168 -19.03 32.66 2.87
CA PHE A 168 -19.08 31.26 2.47
C PHE A 168 -18.23 31.22 1.22
N SER A 169 -16.95 30.85 1.41
CA SER A 169 -15.90 30.95 0.40
C SER A 169 -15.67 29.70 -0.46
N ASN A 170 -16.52 28.68 -0.29
CA ASN A 170 -16.36 27.38 -0.98
C ASN A 170 -14.91 26.86 -0.76
N ASP A 171 -14.17 26.35 -1.75
CA ASP A 171 -12.83 25.76 -1.48
C ASP A 171 -11.78 26.79 -1.05
N ALA A 172 -11.94 28.07 -1.39
CA ALA A 172 -10.96 29.09 -0.97
C ALA A 172 -10.89 29.12 0.55
N PHE A 173 -9.67 29.03 1.11
CA PHE A 173 -9.42 29.03 2.56
C PHE A 173 -9.83 27.72 3.24
N GLY A 174 -10.10 26.70 2.46
CA GLY A 174 -10.46 25.40 3.01
C GLY A 174 -9.22 24.65 3.46
N GLN A 175 -9.42 23.58 4.25
CA GLN A 175 -8.37 22.66 4.65
C GLN A 175 -8.98 21.26 4.79
N HIS A 176 -8.24 20.24 4.37
CA HIS A 176 -8.75 18.90 4.44
C HIS A 176 -8.46 18.32 5.82
N LEU A 177 -9.38 18.60 6.76
CA LEU A 177 -9.30 18.16 8.15
C LEU A 177 -10.66 17.65 8.58
N CYS A 178 -10.69 16.62 9.42
CA CYS A 178 -11.95 16.05 9.91
C CYS A 178 -11.86 15.87 11.42
N PHE A 179 -12.32 16.91 12.14
CA PHE A 179 -12.41 16.95 13.58
C PHE A 179 -13.87 17.15 14.00
N THR A 180 -14.18 16.79 15.25
CA THR A 180 -15.49 17.07 15.83
C THR A 180 -15.57 18.59 16.08
N GLN A 181 -14.40 19.22 16.32
CA GLN A 181 -14.32 20.67 16.54
C GLN A 181 -14.51 21.35 15.17
N ARG A 182 -15.31 22.42 15.12
CA ARG A 182 -15.64 23.09 13.85
C ARG A 182 -14.87 24.33 13.54
N PHE A 183 -14.34 25.02 14.57
CA PHE A 183 -13.68 26.30 14.39
C PHE A 183 -12.17 26.24 14.43
N ASP A 184 -11.54 27.20 13.74
CA ASP A 184 -10.09 27.30 13.68
C ASP A 184 -9.41 27.27 15.06
N HIS A 185 -9.93 28.02 16.03
CA HIS A 185 -9.32 28.14 17.34
C HIS A 185 -9.44 26.91 18.24
N GLU A 186 -10.21 25.88 17.84
CA GLU A 186 -10.43 24.71 18.70
C GLU A 186 -9.47 23.56 18.46
N ILE A 187 -8.53 23.71 17.51
CA ILE A 187 -7.54 22.68 17.22
C ILE A 187 -6.15 23.30 17.32
N PRO A 188 -5.07 22.49 17.44
CA PRO A 188 -3.72 23.06 17.51
C PRO A 188 -3.40 23.90 16.28
N GLU A 189 -2.84 25.08 16.48
CA GLU A 189 -2.51 26.00 15.39
C GLU A 189 -1.60 25.37 14.34
N ASN A 190 -0.63 24.57 14.75
CA ASN A 190 0.28 23.89 13.82
C ASN A 190 -0.48 22.97 12.86
N ILE A 191 -1.50 22.26 13.37
CA ILE A 191 -2.27 21.35 12.52
C ILE A 191 -3.05 22.15 11.50
N LEU A 192 -3.69 23.21 11.95
CA LEU A 192 -4.52 24.07 11.11
C LEU A 192 -3.68 24.72 10.03
N MET A 193 -2.56 25.33 10.41
CA MET A 193 -1.73 26.08 9.46
C MET A 193 -0.96 25.16 8.52
N ASP A 194 -0.53 23.96 8.98
CA ASP A 194 0.08 22.94 8.11
C ASP A 194 -0.95 22.49 7.08
N ALA A 195 -2.20 22.22 7.51
CA ALA A 195 -3.26 21.80 6.58
C ALA A 195 -3.58 22.91 5.58
N ASN A 196 -3.62 24.16 6.02
CA ASN A 196 -3.86 25.28 5.15
C ASN A 196 -2.71 25.41 4.14
N GLN A 197 -1.48 25.18 4.57
CA GLN A 197 -0.31 25.28 3.70
C GLN A 197 -0.40 24.21 2.63
N LYS A 198 -0.80 23.01 3.02
CA LYS A 198 -0.96 21.86 2.07
C LYS A 198 -2.07 22.17 1.04
N PHE A 199 -3.14 22.78 1.49
CA PHE A 199 -4.27 23.14 0.63
C PHE A 199 -3.84 24.22 -0.37
N TYR A 200 -3.18 25.28 0.10
CA TYR A 200 -2.67 26.29 -0.80
C TYR A 200 -1.68 25.66 -1.83
N ALA A 201 -0.70 24.90 -1.35
CA ALA A 201 0.35 24.34 -2.21
C ALA A 201 -0.21 23.50 -3.34
N ASN A 202 -1.20 22.70 -3.04
CA ASN A 202 -1.75 21.73 -4.03
C ASN A 202 -2.84 22.32 -4.89
N LEU A 203 -3.58 23.30 -4.39
CA LEU A 203 -4.75 23.81 -5.10
C LEU A 203 -4.73 25.28 -5.47
N ILE A 204 -3.94 26.13 -4.82
CA ILE A 204 -3.97 27.57 -5.09
C ILE A 204 -2.71 28.07 -5.80
N THR A 205 -1.55 27.41 -5.62
CA THR A 205 -0.29 27.87 -6.23
C THR A 205 -0.42 28.43 -7.64
N PRO A 206 -0.97 27.70 -8.63
CA PRO A 206 -1.02 28.28 -9.98
C PRO A 206 -1.90 29.52 -10.14
N LEU A 207 -2.78 29.80 -9.17
CA LEU A 207 -3.67 30.97 -9.15
C LEU A 207 -3.06 32.10 -8.31
N SER A 208 -1.77 31.97 -7.85
CA SER A 208 -1.12 33.00 -7.03
C SER A 208 -1.22 34.44 -7.55
N LYS A 209 -1.02 34.67 -8.85
CA LYS A 209 -1.12 36.04 -9.40
C LYS A 209 -2.57 36.56 -9.27
N LEU A 210 -3.60 35.67 -9.44
CA LEU A 210 -5.02 36.01 -9.26
C LEU A 210 -5.30 36.36 -7.80
N VAL A 211 -4.71 35.60 -6.85
CA VAL A 211 -4.89 35.84 -5.41
C VAL A 211 -4.38 37.24 -5.06
N LEU A 212 -3.20 37.62 -5.58
CA LEU A 212 -2.62 38.94 -5.31
C LEU A 212 -3.46 40.05 -5.87
N LYS A 213 -3.88 39.91 -7.13
CA LYS A 213 -4.68 40.91 -7.83
C LYS A 213 -6.02 41.12 -7.11
N LYS A 214 -6.69 40.03 -6.75
CA LYS A 214 -7.97 40.05 -6.04
C LYS A 214 -7.86 40.69 -4.65
N PHE A 215 -6.83 40.32 -3.88
CA PHE A 215 -6.67 40.84 -2.52
C PHE A 215 -6.46 42.36 -2.50
N LYS A 216 -5.63 42.89 -3.42
CA LYS A 216 -5.42 44.36 -3.53
C LYS A 216 -6.71 45.06 -3.85
N GLU A 217 -7.50 44.52 -4.78
CA GLU A 217 -8.80 45.08 -5.15
C GLU A 217 -9.69 45.11 -3.90
N VAL A 218 -9.84 43.97 -3.24
CA VAL A 218 -10.62 43.85 -1.99
C VAL A 218 -10.14 44.82 -0.89
N ILE A 219 -8.81 44.95 -0.73
CA ILE A 219 -8.21 45.86 0.26
C ILE A 219 -8.48 47.31 -0.11
N GLU A 220 -8.17 47.70 -1.36
CA GLU A 220 -8.39 49.08 -1.82
C GLU A 220 -9.86 49.51 -1.83
N LEU A 221 -10.80 48.58 -2.12
CA LEU A 221 -12.22 48.88 -2.11
C LEU A 221 -12.82 48.99 -0.69
N GLY A 222 -12.15 48.42 0.31
CA GLY A 222 -12.61 48.43 1.70
C GLY A 222 -13.57 47.28 2.03
N LEU A 223 -13.55 46.20 1.22
CA LEU A 223 -14.43 45.02 1.41
C LEU A 223 -13.82 44.04 2.42
N LEU A 224 -12.48 44.11 2.65
CA LEU A 224 -11.78 43.24 3.61
C LEU A 224 -12.37 43.33 5.02
N GLU A 225 -12.58 44.56 5.50
CA GLU A 225 -13.13 44.83 6.83
C GLU A 225 -14.59 44.35 7.05
N LYS A 226 -15.34 44.04 5.98
CA LYS A 226 -16.69 43.51 6.13
C LYS A 226 -16.65 41.98 6.43
N ILE A 227 -15.47 41.32 6.34
CA ILE A 227 -15.35 39.88 6.56
C ILE A 227 -15.00 39.61 8.02
N LYS A 228 -15.97 39.07 8.79
CA LYS A 228 -15.80 38.72 10.21
C LYS A 228 -15.53 37.22 10.40
N MET A 229 -15.98 36.39 9.48
CA MET A 229 -15.75 34.96 9.57
C MET A 229 -15.66 34.41 8.15
N ILE A 230 -14.81 33.39 7.93
CA ILE A 230 -14.70 32.72 6.64
C ILE A 230 -15.10 31.30 6.88
N ALA A 231 -16.19 30.83 6.21
CA ALA A 231 -16.76 29.51 6.38
C ALA A 231 -16.55 28.74 5.08
N PRO A 232 -15.43 28.00 4.95
CA PRO A 232 -15.12 27.33 3.69
C PRO A 232 -15.85 26.03 3.53
N SER A 233 -15.66 25.38 2.39
CA SER A 233 -16.36 24.13 2.10
C SER A 233 -15.68 22.86 2.65
N HIS A 234 -14.46 22.97 3.22
CA HIS A 234 -13.76 21.86 3.86
C HIS A 234 -13.06 22.38 5.08
N GLY A 235 -13.03 21.57 6.13
CA GLY A 235 -12.25 21.87 7.32
C GLY A 235 -12.85 22.91 8.22
N GLN A 236 -11.96 23.54 8.92
CA GLN A 236 -12.34 24.51 9.96
C GLN A 236 -12.87 25.84 9.44
N ILE A 237 -13.73 26.48 10.27
CA ILE A 237 -14.31 27.79 10.01
C ILE A 237 -13.40 28.79 10.68
N TRP A 238 -13.01 29.85 9.94
CA TRP A 238 -12.08 30.85 10.43
C TRP A 238 -12.79 31.94 11.17
N THR A 239 -12.63 31.95 12.48
CA THR A 239 -13.12 33.02 13.34
C THR A 239 -12.09 34.15 13.33
N ASP A 240 -10.87 33.89 12.81
CA ASP A 240 -9.81 34.88 12.68
C ASP A 240 -9.46 34.93 11.17
N PRO A 241 -10.33 35.55 10.35
CA PRO A 241 -10.09 35.55 8.90
C PRO A 241 -8.76 36.18 8.45
N MET A 242 -8.24 37.19 9.15
CA MET A 242 -6.94 37.77 8.78
C MET A 242 -5.77 36.79 8.89
N LYS A 243 -5.90 35.73 9.69
CA LYS A 243 -4.86 34.73 9.83
C LYS A 243 -4.70 33.95 8.52
N VAL A 244 -5.80 33.50 7.93
CA VAL A 244 -5.73 32.76 6.67
C VAL A 244 -5.46 33.70 5.48
N ILE A 245 -6.05 34.91 5.51
CA ILE A 245 -5.78 35.90 4.45
C ILE A 245 -4.28 36.23 4.41
N GLY A 246 -3.68 36.48 5.60
CA GLY A 246 -2.24 36.72 5.73
C GLY A 246 -1.38 35.59 5.19
N ALA A 247 -1.75 34.34 5.51
CA ALA A 247 -1.03 33.16 5.02
C ALA A 247 -1.09 33.11 3.49
N TYR A 248 -2.29 33.33 2.91
CA TYR A 248 -2.47 33.34 1.46
C TYR A 248 -1.59 34.42 0.81
N GLN A 249 -1.50 35.60 1.43
CA GLN A 249 -0.65 36.69 0.91
C GLN A 249 0.82 36.28 0.90
N ASP A 250 1.28 35.63 1.98
CA ASP A 250 2.67 35.17 2.08
C ASP A 250 2.99 34.12 1.03
N PHE A 251 2.09 33.16 0.87
CA PHE A 251 2.29 32.08 -0.11
C PHE A 251 2.22 32.61 -1.55
N ALA A 252 1.32 33.57 -1.79
CA ALA A 252 1.17 34.13 -3.14
C ALA A 252 2.35 35.02 -3.55
N THR A 253 3.08 35.62 -2.57
CA THR A 253 4.21 36.51 -2.87
C THR A 253 5.57 35.82 -2.74
N GLY A 254 5.59 34.52 -2.46
CA GLY A 254 6.85 33.78 -2.37
C GLY A 254 7.66 33.99 -1.11
N LYS A 255 7.01 34.21 0.05
CA LYS A 255 7.72 34.34 1.32
C LYS A 255 8.08 32.93 1.77
N CYS A 256 9.38 32.60 1.77
CA CYS A 256 9.89 31.28 2.09
C CYS A 256 10.81 31.29 3.30
N LYS A 257 11.05 30.10 3.84
CA LYS A 257 11.97 29.89 4.95
C LYS A 257 13.35 29.54 4.40
N ASP A 258 14.40 29.60 5.24
CA ASP A 258 15.75 29.15 4.85
C ASP A 258 15.67 27.65 4.98
N LYS A 259 15.16 27.05 3.91
CA LYS A 259 14.79 25.65 3.91
C LYS A 259 14.92 25.10 2.51
N VAL A 260 15.29 23.83 2.42
CA VAL A 260 15.46 23.10 1.18
C VAL A 260 14.64 21.82 1.26
N THR A 261 13.91 21.49 0.18
CA THR A 261 13.17 20.23 0.09
C THR A 261 13.96 19.35 -0.85
N ILE A 262 14.29 18.12 -0.43
CA ILE A 262 15.05 17.16 -1.22
C ILE A 262 14.16 16.01 -1.53
N VAL A 263 14.08 15.63 -2.79
CA VAL A 263 13.26 14.52 -3.19
C VAL A 263 14.13 13.60 -4.00
N TYR A 264 14.02 12.31 -3.78
CA TYR A 264 14.78 11.39 -4.61
C TYR A 264 14.07 10.05 -4.73
N ASP A 265 14.53 9.26 -5.68
CA ASP A 265 14.19 7.84 -5.76
C ASP A 265 15.48 7.06 -5.99
N THR A 266 15.47 5.76 -5.72
CA THR A 266 16.68 4.92 -5.84
C THR A 266 16.25 3.48 -6.08
N MET A 267 17.06 2.75 -6.79
CA MET A 267 16.89 1.32 -7.04
C MET A 267 17.82 0.48 -6.13
N HIS A 268 19.10 0.87 -6.06
CA HIS A 268 20.14 0.19 -5.28
C HIS A 268 20.69 0.98 -4.08
N GLY A 269 20.23 2.21 -3.87
CA GLY A 269 20.64 3.04 -2.73
C GLY A 269 21.67 4.13 -2.95
N SER A 270 22.30 4.20 -4.12
CA SER A 270 23.36 5.22 -4.35
C SER A 270 22.82 6.65 -4.38
N THR A 271 21.68 6.88 -5.05
CA THR A 271 21.08 8.21 -5.08
C THR A 271 20.65 8.62 -3.72
N GLN A 272 20.21 7.66 -2.88
CA GLN A 272 19.86 7.94 -1.49
C GLN A 272 21.07 8.47 -0.72
N LYS A 273 22.21 7.79 -0.85
CA LYS A 273 23.46 8.26 -0.22
C LYS A 273 23.82 9.67 -0.63
N MET A 274 23.69 9.99 -1.92
CA MET A 274 23.92 11.34 -2.42
C MET A 274 22.97 12.34 -1.79
N ALA A 275 21.64 12.02 -1.75
CA ALA A 275 20.64 12.90 -1.16
C ALA A 275 20.99 13.22 0.28
N HIS A 276 21.33 12.20 1.05
CA HIS A 276 21.70 12.41 2.44
C HIS A 276 22.96 13.26 2.59
N ALA A 277 23.94 13.07 1.70
CA ALA A 277 25.18 13.88 1.71
C ALA A 277 24.89 15.36 1.38
N PHE A 278 24.03 15.62 0.38
CA PHE A 278 23.64 17.01 0.10
C PHE A 278 23.00 17.62 1.35
N ALA A 279 22.11 16.86 2.03
CA ALA A 279 21.45 17.35 3.25
C ALA A 279 22.47 17.75 4.30
N GLU A 280 23.52 16.94 4.51
CA GLU A 280 24.55 17.24 5.52
C GLU A 280 25.26 18.58 5.23
N GLY A 281 25.52 18.85 3.97
CA GLY A 281 26.11 20.10 3.54
C GLY A 281 25.22 21.27 3.83
N ILE A 282 23.92 21.14 3.51
CA ILE A 282 22.92 22.16 3.77
C ILE A 282 22.79 22.40 5.24
N MET A 283 22.68 21.31 6.03
CA MET A 283 22.56 21.44 7.47
C MET A 283 23.76 22.08 8.13
N SER A 284 24.97 21.93 7.54
CA SER A 284 26.17 22.57 8.12
C SER A 284 26.08 24.09 8.13
N GLU A 285 25.21 24.66 7.28
CA GLU A 285 24.97 26.11 7.20
C GLU A 285 23.74 26.58 8.02
N GLY A 286 23.14 25.69 8.83
CA GLY A 286 21.96 26.02 9.61
C GLY A 286 20.70 26.19 8.79
N VAL A 287 20.66 25.59 7.59
CA VAL A 287 19.48 25.63 6.72
C VAL A 287 18.67 24.33 6.94
N ASP A 288 17.34 24.46 6.98
CA ASP A 288 16.46 23.31 7.22
C ASP A 288 16.36 22.42 6.01
N VAL A 289 16.13 21.16 6.25
CA VAL A 289 15.95 20.16 5.19
C VAL A 289 14.70 19.33 5.45
N LYS A 290 13.92 19.07 4.39
CA LYS A 290 12.84 18.10 4.40
C LYS A 290 13.25 17.08 3.34
N MET A 291 13.23 15.81 3.68
CA MET A 291 13.68 14.72 2.80
C MET A 291 12.52 13.83 2.45
N TYR A 292 12.34 13.57 1.14
CA TYR A 292 11.25 12.74 0.66
C TYR A 292 11.84 11.65 -0.24
N PHE A 293 11.32 10.46 -0.08
CA PHE A 293 11.71 9.27 -0.84
C PHE A 293 10.50 8.90 -1.69
N LEU A 294 10.60 9.07 -3.02
CA LEU A 294 9.46 8.85 -3.91
C LEU A 294 8.90 7.45 -3.92
N HIS A 295 9.66 6.46 -3.48
CA HIS A 295 9.17 5.09 -3.40
C HIS A 295 7.90 5.01 -2.56
N ASN A 296 7.85 5.72 -1.47
CA ASN A 296 6.66 5.61 -0.63
C ASN A 296 6.09 6.94 -0.10
N ASP A 297 6.62 8.09 -0.52
CA ASP A 297 6.10 9.40 -0.09
C ASP A 297 5.14 9.97 -1.15
N GLU A 298 4.38 10.96 -0.76
CA GLU A 298 3.26 11.50 -1.52
C GLU A 298 3.54 12.83 -2.16
N ARG A 299 3.09 13.01 -3.43
CA ARG A 299 3.27 14.28 -4.11
C ARG A 299 2.65 15.45 -3.35
N SER A 300 1.49 15.22 -2.68
CA SER A 300 0.80 16.32 -1.99
C SER A 300 1.55 16.85 -0.77
N GLU A 301 2.31 16.00 -0.06
CA GLU A 301 3.15 16.45 1.05
C GLU A 301 4.41 17.12 0.49
N ILE A 302 4.97 16.59 -0.58
CA ILE A 302 6.17 17.17 -1.18
C ILE A 302 5.93 18.61 -1.54
N VAL A 303 4.84 18.90 -2.26
CA VAL A 303 4.60 20.25 -2.75
C VAL A 303 4.26 21.20 -1.62
N LYS A 304 3.66 20.69 -0.51
CA LYS A 304 3.42 21.48 0.70
C LYS A 304 4.76 22.07 1.19
N ASP A 305 5.82 21.24 1.22
CA ASP A 305 7.12 21.70 1.70
C ASP A 305 7.85 22.54 0.66
N ILE A 306 7.69 22.25 -0.64
CA ILE A 306 8.31 23.14 -1.66
C ILE A 306 7.79 24.58 -1.50
N LEU A 307 6.48 24.73 -1.17
CA LEU A 307 5.85 26.04 -1.08
C LEU A 307 6.58 27.02 -0.19
N ASP A 308 7.14 26.60 0.94
CA ASP A 308 7.88 27.58 1.74
C ASP A 308 9.41 27.29 1.78
N SER A 309 9.92 26.52 0.79
CA SER A 309 11.35 26.24 0.63
C SER A 309 11.93 27.20 -0.41
N LYS A 310 13.16 27.69 -0.20
CA LYS A 310 13.84 28.55 -1.16
C LYS A 310 14.56 27.71 -2.23
N ALA A 311 14.77 26.42 -1.98
CA ALA A 311 15.43 25.53 -2.92
C ALA A 311 14.82 24.16 -2.91
N PHE A 312 15.00 23.45 -4.03
CA PHE A 312 14.41 22.14 -4.26
C PHE A 312 15.41 21.27 -4.98
N LEU A 313 15.78 20.14 -4.39
CA LEU A 313 16.73 19.21 -5.03
C LEU A 313 15.98 17.98 -5.49
N LEU A 314 16.25 17.51 -6.71
CA LEU A 314 15.59 16.32 -7.21
C LEU A 314 16.64 15.34 -7.73
N GLY A 315 16.58 14.10 -7.23
CA GLY A 315 17.53 13.08 -7.62
C GLY A 315 16.90 11.78 -8.04
N ALA A 316 17.55 11.15 -8.97
CA ALA A 316 17.10 9.83 -9.42
C ALA A 316 18.18 9.16 -10.25
N PRO A 317 18.25 7.82 -10.18
CA PRO A 317 19.18 7.11 -11.06
C PRO A 317 18.67 7.04 -12.49
N THR A 318 19.57 6.62 -13.42
CA THR A 318 19.19 6.45 -14.80
C THR A 318 18.76 5.02 -15.05
N ILE A 319 17.66 4.87 -15.78
CA ILE A 319 17.11 3.59 -16.19
C ILE A 319 16.71 3.77 -17.66
N TYR A 320 17.39 3.05 -18.55
CA TYR A 320 17.19 3.14 -19.99
C TYR A 320 17.15 4.61 -20.48
N ASP A 321 18.24 5.33 -20.16
CA ASP A 321 18.51 6.71 -20.58
C ASP A 321 17.62 7.75 -19.97
N GLU A 322 16.66 7.38 -19.11
CA GLU A 322 15.75 8.31 -18.50
C GLU A 322 15.90 8.28 -17.01
N PRO A 323 15.47 9.32 -16.30
CA PRO A 323 15.46 9.24 -14.84
C PRO A 323 14.42 8.23 -14.38
N PHE A 324 14.60 7.64 -13.19
CA PHE A 324 13.66 6.67 -12.60
C PHE A 324 12.23 7.21 -12.73
N PRO A 325 11.26 6.42 -13.25
CA PRO A 325 9.99 7.04 -13.69
C PRO A 325 9.12 7.71 -12.67
N SER A 326 9.27 7.39 -11.38
CA SER A 326 8.47 8.04 -10.33
C SER A 326 8.62 9.55 -10.35
N VAL A 327 9.78 10.09 -10.84
CA VAL A 327 9.97 11.54 -10.93
C VAL A 327 9.02 12.18 -11.95
N GLY A 328 8.58 11.44 -12.95
CA GLY A 328 7.68 11.94 -13.97
C GLY A 328 6.34 12.34 -13.41
N ASP A 329 5.89 11.68 -12.35
CA ASP A 329 4.63 12.01 -11.73
C ASP A 329 4.78 13.35 -11.04
N LEU A 330 5.84 13.49 -10.27
CA LEU A 330 6.07 14.76 -9.55
C LEU A 330 6.30 15.90 -10.55
N ILE A 331 7.06 15.67 -11.61
CA ILE A 331 7.32 16.68 -12.64
C ILE A 331 6.00 17.12 -13.32
N TYR A 332 5.13 16.18 -13.70
CA TYR A 332 3.83 16.52 -14.29
C TYR A 332 2.99 17.37 -13.32
N TYR A 333 3.04 17.06 -12.04
CA TYR A 333 2.30 17.78 -11.03
C TYR A 333 2.86 19.18 -10.85
N LEU A 334 4.21 19.31 -10.82
CA LEU A 334 4.84 20.63 -10.72
C LEU A 334 4.59 21.49 -11.98
N LYS A 335 4.48 20.87 -13.13
CA LYS A 335 4.19 21.60 -14.37
C LYS A 335 2.78 22.23 -14.28
N GLY A 336 1.86 21.57 -13.60
CA GLY A 336 0.52 22.09 -13.39
C GLY A 336 0.47 23.17 -12.33
N LEU A 337 1.20 22.98 -11.22
CA LEU A 337 1.19 23.91 -10.09
C LEU A 337 1.87 25.23 -10.39
N LYS A 338 2.90 25.27 -11.25
CA LYS A 338 3.58 26.48 -11.67
C LYS A 338 4.06 27.35 -10.51
N PHE A 339 4.98 26.81 -9.68
CA PHE A 339 5.51 27.54 -8.53
C PHE A 339 6.14 28.91 -8.84
N ASN A 340 6.63 29.11 -10.04
CA ASN A 340 7.14 30.45 -10.44
C ASN A 340 6.03 31.53 -10.38
N ARG A 341 4.71 31.14 -10.41
CA ARG A 341 3.57 32.09 -10.30
C ARG A 341 3.56 32.82 -8.94
N THR A 342 4.25 32.25 -7.93
CA THR A 342 4.37 32.90 -6.63
C THR A 342 5.24 34.20 -6.64
N GLY A 343 6.00 34.46 -7.72
CA GLY A 343 6.92 35.60 -7.80
C GLY A 343 8.35 35.25 -7.46
N LEU A 344 8.62 33.96 -7.15
CA LEU A 344 9.97 33.50 -6.81
C LEU A 344 10.34 32.33 -7.68
N LYS A 345 11.59 32.32 -8.20
CA LYS A 345 12.14 31.17 -8.92
C LYS A 345 13.02 30.49 -7.90
N ARG A 346 12.51 29.45 -7.24
CA ARG A 346 13.27 28.74 -6.22
C ARG A 346 14.49 28.09 -6.86
N LEU A 347 15.58 27.98 -6.10
CA LEU A 347 16.81 27.36 -6.58
C LEU A 347 16.65 25.86 -6.70
N ALA A 348 17.50 25.25 -7.51
CA ALA A 348 17.43 23.81 -7.65
C ALA A 348 18.72 23.19 -8.10
N LEU A 349 18.89 21.88 -7.75
CA LEU A 349 19.99 21.02 -8.17
C LEU A 349 19.40 19.70 -8.62
N ALA A 350 19.96 19.10 -9.67
CA ALA A 350 19.57 17.77 -10.14
C ALA A 350 20.73 16.82 -9.87
N PHE A 351 20.43 15.59 -9.40
CA PHE A 351 21.51 14.64 -9.13
C PHE A 351 21.12 13.19 -9.36
N GLY A 352 22.08 12.31 -9.34
CA GLY A 352 21.79 10.91 -9.55
C GLY A 352 22.98 10.03 -9.78
N SER A 353 22.73 8.71 -9.74
CA SER A 353 23.76 7.72 -10.02
C SER A 353 23.41 7.02 -11.34
N MET A 354 24.41 6.46 -12.00
CA MET A 354 24.25 5.78 -13.31
C MET A 354 25.22 4.62 -13.37
N GLY A 355 24.98 3.71 -14.29
CA GLY A 355 25.87 2.56 -14.52
C GLY A 355 26.54 2.53 -15.88
N GLY A 356 26.14 3.41 -16.79
CA GLY A 356 26.67 3.42 -18.16
C GLY A 356 26.69 4.79 -18.76
N ASN A 357 25.81 5.04 -19.75
CA ASN A 357 25.75 6.33 -20.42
C ASN A 357 25.13 7.43 -19.58
N GLY A 358 24.33 7.10 -18.57
CA GLY A 358 23.70 8.15 -17.78
C GLY A 358 22.69 8.93 -18.59
N GLY A 359 22.46 10.17 -18.18
CA GLY A 359 21.53 11.07 -18.85
C GLY A 359 20.30 11.45 -18.05
N GLY A 360 19.97 10.69 -17.01
CA GLY A 360 18.82 11.00 -16.19
C GLY A 360 18.90 12.35 -15.52
N THR A 361 20.09 12.75 -15.06
CA THR A 361 20.24 14.04 -14.37
C THR A 361 20.03 15.19 -15.36
N LYS A 362 20.45 15.00 -16.61
CA LYS A 362 20.30 15.98 -17.70
C LYS A 362 18.81 16.23 -17.97
N VAL A 363 18.01 15.17 -17.96
CA VAL A 363 16.56 15.29 -18.12
C VAL A 363 15.99 16.03 -16.92
N LEU A 364 16.37 15.65 -15.68
CA LEU A 364 15.86 16.33 -14.46
C LEU A 364 16.12 17.84 -14.51
N ALA A 365 17.32 18.24 -14.90
CA ALA A 365 17.70 19.65 -14.99
C ALA A 365 16.81 20.42 -15.99
N GLU A 366 16.54 19.82 -17.15
CA GLU A 366 15.69 20.44 -18.18
C GLU A 366 14.26 20.59 -17.68
N LYS A 367 13.75 19.56 -17.00
CA LYS A 367 12.38 19.58 -16.49
C LYS A 367 12.21 20.55 -15.34
N LEU A 368 13.20 20.64 -14.45
CA LEU A 368 13.17 21.61 -13.33
C LEU A 368 13.09 23.03 -13.90
N LYS A 369 13.87 23.32 -14.95
CA LYS A 369 13.81 24.64 -15.61
C LYS A 369 12.41 24.86 -16.21
N GLU A 370 11.82 23.85 -16.86
CA GLU A 370 10.45 23.97 -17.41
C GLU A 370 9.42 24.26 -16.31
N CYS A 371 9.64 23.74 -15.08
CA CYS A 371 8.73 23.94 -13.93
C CYS A 371 8.96 25.27 -13.22
N GLY A 372 9.88 26.09 -13.72
CA GLY A 372 10.14 27.42 -13.19
C GLY A 372 11.23 27.56 -12.15
N PHE A 373 12.04 26.51 -11.92
CA PHE A 373 13.13 26.57 -10.95
C PHE A 373 14.40 27.12 -11.58
N GLU A 374 15.24 27.77 -10.76
CA GLU A 374 16.55 28.28 -11.21
C GLU A 374 17.56 27.16 -10.92
N VAL A 375 17.84 26.31 -11.92
CA VAL A 375 18.75 25.18 -11.75
C VAL A 375 20.19 25.68 -11.74
N LEU A 376 20.86 25.49 -10.61
CA LEU A 376 22.24 25.97 -10.47
C LEU A 376 23.27 24.99 -10.92
N ASP A 377 23.01 23.68 -10.76
CA ASP A 377 23.99 22.69 -11.15
C ASP A 377 23.38 21.30 -11.23
N GLU A 378 24.17 20.39 -11.77
CA GLU A 378 23.81 18.99 -11.92
C GLU A 378 24.98 18.14 -11.44
N TYR A 379 24.70 16.99 -10.84
CA TYR A 379 25.77 16.06 -10.49
C TYR A 379 25.35 14.62 -10.66
N GLU A 380 25.96 13.93 -11.61
CA GLU A 380 25.73 12.52 -11.88
C GLU A 380 27.03 11.75 -11.65
N LEU A 381 26.97 10.62 -10.89
CA LEU A 381 28.16 9.81 -10.63
C LEU A 381 27.92 8.36 -11.00
N TYR A 382 28.99 7.57 -10.99
CA TYR A 382 28.99 6.16 -11.40
C TYR A 382 28.78 5.23 -10.21
N TYR A 383 27.70 4.44 -10.23
CA TYR A 383 27.40 3.45 -9.17
C TYR A 383 27.51 4.04 -7.75
N VAL A 384 28.25 3.38 -6.82
CA VAL A 384 28.27 3.76 -5.42
C VAL A 384 29.20 4.94 -5.24
N PRO A 385 28.76 6.02 -4.57
CA PRO A 385 29.67 7.15 -4.35
C PRO A 385 30.86 6.79 -3.48
N THR A 386 32.03 7.32 -3.82
CA THR A 386 33.21 7.15 -2.99
C THR A 386 33.09 8.20 -1.88
N GLU A 387 34.00 8.15 -0.91
CA GLU A 387 34.04 9.14 0.18
C GLU A 387 34.24 10.56 -0.39
N ASP A 388 35.14 10.71 -1.37
CA ASP A 388 35.36 12.02 -2.01
C ASP A 388 34.11 12.50 -2.75
N GLU A 389 33.37 11.62 -3.40
CA GLU A 389 32.14 12.05 -4.10
C GLU A 389 31.07 12.49 -3.11
N LEU A 390 30.98 11.84 -1.94
CA LEU A 390 30.04 12.26 -0.92
C LEU A 390 30.47 13.60 -0.34
N GLU A 391 31.79 13.87 -0.27
CA GLU A 391 32.27 15.17 0.20
C GLU A 391 31.91 16.25 -0.86
N LYS A 392 31.93 15.91 -2.15
CA LYS A 392 31.50 16.83 -3.20
C LYS A 392 30.00 17.17 -3.04
N CYS A 393 29.15 16.17 -2.77
CA CYS A 393 27.72 16.40 -2.54
C CYS A 393 27.56 17.37 -1.35
N TYR A 394 28.28 17.11 -0.25
CA TYR A 394 28.27 17.97 0.95
C TYR A 394 28.63 19.40 0.57
N ASN A 395 29.74 19.58 -0.15
CA ASN A 395 30.21 20.93 -0.53
C ASN A 395 29.23 21.65 -1.40
N MET A 396 28.62 20.94 -2.35
CA MET A 396 27.57 21.51 -3.21
C MET A 396 26.33 21.93 -2.40
N GLY A 397 25.96 21.12 -1.43
CA GLY A 397 24.83 21.45 -0.55
C GLY A 397 25.18 22.64 0.32
N LYS A 398 26.42 22.70 0.80
CA LYS A 398 26.89 23.86 1.60
C LYS A 398 26.85 25.17 0.78
N ARG A 399 27.36 25.14 -0.47
CA ARG A 399 27.35 26.33 -1.35
C ARG A 399 25.90 26.74 -1.67
N LEU A 400 25.02 25.77 -1.88
CA LEU A 400 23.60 26.06 -2.10
C LEU A 400 22.98 26.73 -0.88
N ALA A 401 23.32 26.21 0.31
CA ALA A 401 22.74 26.76 1.53
C ALA A 401 23.17 28.17 1.80
N VAL A 402 24.39 28.56 1.38
CA VAL A 402 24.86 29.94 1.50
C VAL A 402 24.01 30.82 0.54
N LYS A 403 23.75 30.36 -0.70
CA LYS A 403 22.91 31.10 -1.66
C LYS A 403 21.49 31.28 -1.16
N VAL A 404 20.96 30.26 -0.51
CA VAL A 404 19.62 30.27 0.07
C VAL A 404 19.52 31.38 1.13
N LYS A 405 20.47 31.45 2.04
CA LYS A 405 20.47 32.48 3.10
C LYS A 405 20.61 33.89 2.57
N GLU A 406 21.30 34.08 1.44
CA GLU A 406 21.48 35.40 0.82
C GLU A 406 20.22 35.88 0.07
N MET A 407 19.31 34.96 -0.30
CA MET A 407 18.07 35.33 -1.02
C MET A 407 17.13 36.09 -0.09
N LYS A 408 16.65 37.25 -0.54
CA LYS A 408 15.76 38.13 0.25
C LYS A 408 14.32 37.58 0.33
N THR A 409 13.71 37.63 1.55
CA THR A 409 12.34 37.20 1.87
C THR A 409 12.08 35.73 1.53
N MET B 1 31.51 9.32 4.76
CA MET B 1 30.54 10.38 4.53
C MET B 1 30.87 11.56 5.42
N LYS B 2 30.85 12.79 4.89
CA LYS B 2 31.07 13.99 5.69
C LYS B 2 29.71 14.35 6.34
N ALA B 3 29.68 14.51 7.66
CA ALA B 3 28.44 14.81 8.41
C ALA B 3 28.84 15.50 9.70
N ASP B 4 28.18 16.61 10.04
CA ASP B 4 28.59 17.37 11.23
C ASP B 4 28.01 16.88 12.54
N ALA B 5 28.83 16.94 13.60
CA ALA B 5 28.36 16.64 14.95
C ALA B 5 27.66 17.88 15.48
N VAL B 6 26.81 17.71 16.50
CA VAL B 6 26.09 18.83 17.12
C VAL B 6 26.47 18.90 18.56
N LYS B 7 26.97 20.05 19.00
CA LYS B 7 27.38 20.21 20.36
C LYS B 7 26.16 20.39 21.23
N ILE B 8 26.05 19.60 22.31
CA ILE B 8 24.93 19.74 23.23
C ILE B 8 25.39 20.32 24.59
N ALA B 9 26.70 20.29 24.88
CA ALA B 9 27.28 20.85 26.10
C ALA B 9 28.78 20.90 25.87
N ASP B 10 29.53 21.48 26.79
CA ASP B 10 30.99 21.54 26.63
C ASP B 10 31.56 20.12 26.57
N GLY B 11 32.25 19.81 25.48
CA GLY B 11 32.81 18.47 25.25
C GLY B 11 31.80 17.34 25.11
N VAL B 12 30.52 17.63 24.75
CA VAL B 12 29.49 16.61 24.58
C VAL B 12 28.82 16.85 23.27
N TYR B 13 28.76 15.81 22.40
CA TYR B 13 28.16 15.99 21.10
C TYR B 13 27.18 14.89 20.80
N TRP B 14 26.20 15.24 19.97
CA TRP B 14 25.30 14.28 19.36
C TRP B 14 26.07 13.86 18.09
N VAL B 15 26.20 12.56 17.89
CA VAL B 15 26.87 11.99 16.71
C VAL B 15 25.99 10.89 16.13
N GLY B 16 24.67 11.08 16.22
CA GLY B 16 23.71 10.10 15.78
C GLY B 16 23.45 10.04 14.30
N VAL B 17 22.40 9.29 13.95
CA VAL B 17 22.02 9.05 12.58
C VAL B 17 20.58 9.50 12.32
N LEU B 18 20.37 10.22 11.22
CA LEU B 18 19.05 10.63 10.75
C LEU B 18 18.59 9.54 9.78
N ASP B 19 17.61 8.72 10.21
CA ASP B 19 17.05 7.70 9.32
C ASP B 19 15.87 8.38 8.63
N TRP B 20 16.18 9.18 7.63
CA TRP B 20 15.18 10.02 6.98
C TRP B 20 14.03 9.29 6.39
N ASP B 21 14.30 8.17 5.75
CA ASP B 21 13.34 7.53 4.86
C ASP B 21 12.55 6.32 5.38
N ILE B 22 12.85 5.84 6.57
CA ILE B 22 12.08 4.75 7.16
C ILE B 22 10.62 5.24 7.42
N ARG B 23 9.66 4.36 7.12
CA ARG B 23 8.24 4.63 7.36
C ARG B 23 7.58 3.68 8.36
N MET B 24 8.25 2.59 8.73
CA MET B 24 7.70 1.64 9.70
C MET B 24 8.82 0.90 10.37
N TYR B 25 8.66 0.65 11.67
CA TYR B 25 9.64 -0.05 12.47
C TYR B 25 8.86 -0.90 13.49
N HIS B 26 8.97 -2.24 13.41
CA HIS B 26 8.22 -3.20 14.25
C HIS B 26 6.73 -2.90 14.29
N GLY B 27 6.16 -2.51 13.15
CA GLY B 27 4.72 -2.22 13.07
C GLY B 27 4.30 -0.87 13.60
N TYR B 28 5.26 0.01 13.89
CA TYR B 28 5.04 1.37 14.39
C TYR B 28 5.30 2.33 13.22
N THR B 29 4.30 3.09 12.78
CA THR B 29 4.47 3.99 11.64
C THR B 29 5.14 5.30 12.07
N LEU B 30 5.90 5.90 11.16
CA LEU B 30 6.63 7.11 11.47
C LEU B 30 7.11 7.79 10.20
N ASN B 31 7.51 9.05 10.29
CA ASN B 31 8.05 9.82 9.16
C ASN B 31 9.55 10.00 9.39
N GLY B 32 10.25 8.87 9.33
CA GLY B 32 11.66 8.80 9.67
C GLY B 32 11.85 8.78 11.18
N THR B 33 13.05 8.45 11.61
CA THR B 33 13.43 8.51 13.02
C THR B 33 14.93 8.81 13.10
N THR B 34 15.46 8.85 14.31
CA THR B 34 16.91 9.01 14.47
C THR B 34 17.39 7.93 15.40
N TYR B 35 18.68 7.63 15.31
CA TYR B 35 19.37 6.72 16.23
C TYR B 35 20.40 7.61 16.89
N ASN B 36 20.08 8.08 18.09
CA ASN B 36 20.91 9.04 18.78
C ASN B 36 22.06 8.35 19.51
N ALA B 37 23.26 8.81 19.22
CA ALA B 37 24.53 8.36 19.81
C ALA B 37 25.26 9.61 20.28
N TYR B 38 26.01 9.51 21.36
CA TYR B 38 26.64 10.67 21.98
C TYR B 38 28.11 10.48 22.28
N LEU B 39 28.91 11.51 22.12
CA LEU B 39 30.36 11.44 22.28
C LEU B 39 30.73 12.39 23.37
N VAL B 40 31.39 11.91 24.44
CA VAL B 40 31.74 12.71 25.59
C VAL B 40 33.23 12.77 25.69
N PHE B 41 33.77 13.98 25.72
CA PHE B 41 35.20 14.22 25.76
C PHE B 41 35.64 14.65 27.10
N GLY B 42 36.12 13.71 27.86
CA GLY B 42 36.81 13.99 29.11
C GLY B 42 38.19 14.52 28.74
N ASP B 43 38.89 15.03 29.73
CA ASP B 43 40.26 15.53 29.50
C ASP B 43 41.21 14.38 29.16
N ASP B 44 40.91 13.16 29.64
CA ASP B 44 41.77 11.99 29.43
C ASP B 44 41.21 10.94 28.53
N LYS B 45 39.89 10.72 28.56
CA LYS B 45 39.27 9.69 27.76
C LYS B 45 38.03 10.20 27.06
N VAL B 46 37.74 9.61 25.89
CA VAL B 46 36.56 9.91 25.10
C VAL B 46 35.66 8.69 25.17
N ALA B 47 34.37 8.88 25.45
CA ALA B 47 33.38 7.80 25.55
C ALA B 47 32.31 7.94 24.48
N LEU B 48 31.98 6.83 23.78
CA LEU B 48 30.88 6.82 22.81
C LEU B 48 29.71 6.14 23.51
N ILE B 49 28.52 6.79 23.55
CA ILE B 49 27.32 6.26 24.23
C ILE B 49 26.34 5.88 23.17
N ASP B 50 26.11 4.55 23.00
CA ASP B 50 25.22 4.00 22.00
C ASP B 50 25.73 4.24 20.57
N ASN B 51 25.04 3.66 19.60
CA ASN B 51 25.50 3.81 18.23
C ASN B 51 24.34 3.72 17.30
N THR B 52 24.21 2.75 16.40
CA THR B 52 23.13 2.87 15.42
C THR B 52 22.84 1.54 14.75
N TYR B 53 21.77 1.53 13.95
CA TYR B 53 21.27 0.36 13.24
C TYR B 53 22.28 -0.23 12.27
N PRO B 54 22.37 -1.58 12.08
CA PRO B 54 23.37 -2.09 11.13
C PRO B 54 23.23 -1.50 9.73
N GLY B 55 24.35 -1.11 9.14
CA GLY B 55 24.38 -0.54 7.80
C GLY B 55 24.12 0.94 7.72
N THR B 56 23.94 1.63 8.86
CA THR B 56 23.65 3.07 8.87
C THR B 56 24.76 3.87 9.54
N SER B 57 25.94 3.27 9.75
CA SER B 57 27.01 3.96 10.47
C SER B 57 27.71 5.08 9.71
N ALA B 58 27.50 5.23 8.37
CA ALA B 58 28.23 6.26 7.61
C ALA B 58 28.10 7.65 8.25
N GLN B 59 26.89 8.06 8.59
CA GLN B 59 26.70 9.36 9.24
C GLN B 59 27.40 9.43 10.58
N MET B 60 27.24 8.40 11.41
CA MET B 60 27.84 8.36 12.74
C MET B 60 29.35 8.57 12.68
N TRP B 61 30.04 7.84 11.83
CA TRP B 61 31.50 7.97 11.71
C TRP B 61 31.91 9.36 11.23
N GLY B 62 31.13 9.97 10.35
CA GLY B 62 31.39 11.33 9.88
C GLY B 62 31.27 12.32 11.03
N ARG B 63 30.24 12.16 11.86
CA ARG B 63 30.01 13.08 12.99
C ARG B 63 31.06 12.86 14.09
N ILE B 64 31.45 11.63 14.33
CA ILE B 64 32.50 11.34 15.31
C ILE B 64 33.78 12.04 14.86
N LYS B 65 34.15 11.86 13.60
CA LYS B 65 35.36 12.52 13.06
C LYS B 65 35.26 14.03 13.15
N ASP B 66 34.10 14.60 12.85
CA ASP B 66 33.89 16.03 12.95
C ASP B 66 34.06 16.52 14.38
N ALA B 67 33.49 15.82 15.35
CA ALA B 67 33.57 16.20 16.77
C ALA B 67 35.02 16.19 17.29
N CYS B 68 35.77 15.12 16.98
CA CYS B 68 37.20 15.01 17.33
C CYS B 68 37.97 16.21 16.71
N GLU B 69 37.69 16.53 15.42
CA GLU B 69 38.35 17.67 14.76
C GLU B 69 37.98 19.01 15.45
N LYS B 70 36.70 19.21 15.81
CA LYS B 70 36.26 20.42 16.54
C LYS B 70 36.94 20.54 17.90
N GLU B 71 37.19 19.40 18.56
CA GLU B 71 37.85 19.35 19.87
C GLU B 71 39.36 19.41 19.80
N GLY B 72 39.93 19.30 18.60
CA GLY B 72 41.39 19.26 18.44
C GLY B 72 41.94 17.97 19.02
N ARG B 73 41.19 16.86 18.89
CA ARG B 73 41.57 15.57 19.44
C ARG B 73 41.77 14.58 18.34
N GLU B 74 42.54 13.55 18.62
CA GLU B 74 42.74 12.51 17.63
C GLU B 74 41.45 11.72 17.46
N PHE B 75 41.32 11.04 16.33
CA PHE B 75 40.15 10.20 16.07
C PHE B 75 40.34 8.91 16.87
N LYS B 76 39.81 8.90 18.11
CA LYS B 76 39.97 7.78 19.01
C LYS B 76 38.86 7.75 20.06
N ILE B 77 38.34 6.55 20.30
CA ILE B 77 37.32 6.27 21.31
C ILE B 77 38.02 5.38 22.32
N ASP B 78 38.04 5.79 23.59
CA ASP B 78 38.67 5.06 24.71
C ASP B 78 37.70 4.18 25.47
N VAL B 79 36.43 4.59 25.50
CA VAL B 79 35.37 3.91 26.25
C VAL B 79 34.14 3.80 25.39
N ILE B 80 33.49 2.65 25.37
CA ILE B 80 32.26 2.41 24.60
C ILE B 80 31.19 2.10 25.62
N VAL B 81 30.03 2.77 25.55
CA VAL B 81 28.93 2.50 26.49
C VAL B 81 27.78 1.95 25.63
N GLN B 82 27.18 0.79 26.02
CA GLN B 82 26.07 0.20 25.30
C GLN B 82 24.90 0.11 26.32
N ASN B 83 23.99 1.07 26.24
CA ASN B 83 22.83 1.17 27.15
C ASN B 83 21.74 0.15 26.88
N HIS B 84 21.76 -0.51 25.74
CA HIS B 84 20.73 -1.46 25.39
C HIS B 84 21.32 -2.43 24.38
N VAL B 85 20.80 -3.65 24.31
CA VAL B 85 21.24 -4.65 23.32
C VAL B 85 20.59 -4.47 21.96
N GLU B 86 19.35 -3.95 21.89
CA GLU B 86 18.64 -3.89 20.60
C GLU B 86 19.47 -3.26 19.46
N LYS B 87 19.40 -3.86 18.26
CA LYS B 87 20.26 -3.49 17.10
C LYS B 87 20.12 -2.06 16.59
N ASP B 88 19.02 -1.35 16.92
CA ASP B 88 18.91 0.07 16.53
C ASP B 88 19.89 0.93 17.29
N HIS B 89 20.47 0.45 18.43
CA HIS B 89 21.45 1.17 19.22
C HIS B 89 22.79 0.46 19.34
N SER B 90 22.92 -0.80 18.90
CA SER B 90 24.16 -1.58 19.02
C SER B 90 24.65 -2.12 17.72
N GLY B 91 23.96 -1.83 16.62
CA GLY B 91 24.26 -2.36 15.30
C GLY B 91 25.63 -2.05 14.75
N ALA B 92 26.25 -0.95 15.20
CA ALA B 92 27.60 -0.60 14.75
C ALA B 92 28.66 -1.05 15.75
N LEU B 93 28.28 -1.74 16.85
CA LEU B 93 29.27 -2.16 17.85
C LEU B 93 30.36 -3.03 17.25
N PRO B 94 30.06 -3.98 16.33
CA PRO B 94 31.14 -4.77 15.73
C PRO B 94 32.16 -3.92 14.98
N GLU B 95 31.71 -2.84 14.30
CA GLU B 95 32.61 -1.92 13.61
C GLU B 95 33.42 -1.09 14.59
N ILE B 96 32.78 -0.61 15.66
CA ILE B 96 33.45 0.23 16.66
C ILE B 96 34.51 -0.60 17.39
N HIS B 97 34.16 -1.83 17.78
CA HIS B 97 35.11 -2.72 18.45
C HIS B 97 36.28 -3.08 17.51
N LYS B 98 36.03 -3.27 16.22
CA LYS B 98 37.11 -3.57 15.26
C LYS B 98 38.08 -2.37 15.11
N LYS B 99 37.57 -1.14 15.15
CA LYS B 99 38.41 0.05 15.02
C LYS B 99 39.17 0.37 16.30
N PHE B 100 38.56 0.12 17.48
CA PHE B 100 39.12 0.43 18.78
C PHE B 100 39.00 -0.83 19.66
N PRO B 101 39.78 -1.90 19.34
CA PRO B 101 39.62 -3.18 20.06
C PRO B 101 40.04 -3.22 21.52
N GLU B 102 40.73 -2.21 22.03
CA GLU B 102 41.12 -2.16 23.43
C GLU B 102 40.18 -1.29 24.25
N ALA B 103 39.20 -0.63 23.62
CA ALA B 103 38.26 0.22 24.32
C ALA B 103 37.28 -0.67 25.08
N PRO B 104 37.20 -0.61 26.42
CA PRO B 104 36.22 -1.45 27.12
C PRO B 104 34.77 -1.09 26.74
N ILE B 105 33.91 -2.10 26.75
CA ILE B 105 32.49 -1.95 26.46
C ILE B 105 31.70 -2.10 27.75
N TYR B 106 31.18 -0.98 28.28
CA TYR B 106 30.34 -0.94 29.47
C TYR B 106 28.87 -1.25 29.14
N CYS B 107 28.30 -2.26 29.82
CA CYS B 107 26.91 -2.68 29.64
C CYS B 107 26.53 -3.61 30.81
N THR B 108 25.26 -4.00 30.87
CA THR B 108 24.80 -4.91 31.94
C THR B 108 25.24 -6.37 31.61
N GLU B 109 25.18 -7.30 32.59
CA GLU B 109 25.59 -8.70 32.41
C GLU B 109 24.78 -9.43 31.35
N VAL B 110 23.46 -9.26 31.35
CA VAL B 110 22.59 -9.87 30.34
C VAL B 110 22.91 -9.29 28.97
N ALA B 111 23.24 -7.98 28.91
CA ALA B 111 23.57 -7.37 27.62
C ALA B 111 24.79 -8.01 26.96
N VAL B 112 25.77 -8.48 27.75
CA VAL B 112 26.94 -9.13 27.13
C VAL B 112 26.47 -10.35 26.34
N GLU B 113 25.57 -11.13 26.94
CA GLU B 113 25.07 -12.34 26.28
C GLU B 113 24.28 -12.03 25.00
N GLY B 114 23.38 -11.08 25.07
CA GLY B 114 22.56 -10.68 23.94
C GLY B 114 23.39 -10.05 22.82
N LEU B 115 24.40 -9.23 23.18
CA LEU B 115 25.27 -8.61 22.16
C LEU B 115 26.12 -9.66 21.41
N VAL B 116 26.68 -10.64 22.14
CA VAL B 116 27.46 -11.70 21.50
C VAL B 116 26.54 -12.61 20.67
N LYS B 117 25.27 -12.76 21.06
CA LYS B 117 24.36 -13.60 20.28
C LYS B 117 24.06 -12.88 18.95
N HIS B 118 23.87 -11.56 18.99
CA HIS B 118 23.66 -10.75 17.78
C HIS B 118 24.93 -10.72 16.93
N PHE B 119 26.09 -10.47 17.58
CA PHE B 119 27.36 -10.23 16.91
C PHE B 119 28.45 -11.16 17.42
N PRO B 120 28.62 -12.34 16.82
CA PRO B 120 29.64 -13.28 17.31
C PRO B 120 31.08 -12.78 17.27
N SER B 121 31.40 -11.76 16.43
CA SER B 121 32.76 -11.23 16.37
C SER B 121 33.12 -10.50 17.67
N LEU B 122 32.13 -10.21 18.55
CA LEU B 122 32.37 -9.58 19.84
C LEU B 122 32.78 -10.58 20.92
N LYS B 123 32.83 -11.89 20.59
CA LYS B 123 33.28 -12.89 21.54
C LYS B 123 34.75 -12.56 21.82
N GLY B 124 35.09 -12.38 23.08
CA GLY B 124 36.45 -12.01 23.45
C GLY B 124 36.68 -10.51 23.50
N ALA B 125 35.65 -9.67 23.26
CA ALA B 125 35.78 -8.21 23.34
C ALA B 125 35.92 -7.83 24.83
N PRO B 126 36.50 -6.65 25.14
CA PRO B 126 36.69 -6.27 26.55
C PRO B 126 35.44 -5.69 27.25
N PHE B 127 34.44 -6.54 27.47
CA PHE B 127 33.24 -6.13 28.20
C PHE B 127 33.52 -5.85 29.66
N LYS B 128 32.93 -4.78 30.18
CA LYS B 128 33.03 -4.36 31.57
C LYS B 128 31.61 -4.36 32.10
N VAL B 129 31.24 -5.38 32.87
CA VAL B 129 29.88 -5.54 33.36
C VAL B 129 29.55 -4.51 34.44
N VAL B 130 28.35 -3.89 34.33
CA VAL B 130 27.81 -2.92 35.27
C VAL B 130 26.72 -3.60 36.11
N LYS B 131 26.70 -3.32 37.45
CA LYS B 131 25.69 -3.82 38.39
C LYS B 131 24.66 -2.76 38.81
N SER B 132 25.05 -1.45 38.92
CA SER B 132 24.22 -0.25 39.20
C SER B 132 24.96 0.75 40.10
N LEU B 133 24.81 2.05 39.78
CA LEU B 133 25.47 3.17 40.45
C LEU B 133 27.02 3.07 40.35
N GLU B 134 27.53 2.46 39.27
CA GLU B 134 28.97 2.38 39.03
C GLU B 134 29.36 3.64 38.28
N SER B 135 30.53 4.19 38.58
CA SER B 135 31.00 5.39 37.89
C SER B 135 32.38 5.22 37.30
N ILE B 136 32.65 5.95 36.20
CA ILE B 136 33.99 6.03 35.59
C ILE B 136 34.37 7.49 35.42
N ASP B 137 35.64 7.79 35.56
CA ASP B 137 36.15 9.15 35.46
C ASP B 137 36.83 9.27 34.11
N LEU B 138 36.35 10.18 33.28
CA LEU B 138 36.95 10.46 31.98
C LEU B 138 37.97 11.59 32.04
N GLY B 139 38.18 12.19 33.21
CA GLY B 139 39.08 13.32 33.39
C GLY B 139 38.26 14.58 33.37
N GLY B 140 37.84 15.02 34.55
CA GLY B 140 36.97 16.19 34.70
C GLY B 140 35.51 15.95 34.34
N LYS B 141 35.10 14.72 33.91
CA LYS B 141 33.72 14.37 33.60
C LYS B 141 33.49 12.97 34.15
N THR B 142 32.33 12.71 34.76
CA THR B 142 32.01 11.41 35.34
C THR B 142 30.78 10.83 34.67
N LEU B 143 30.79 9.52 34.35
CA LEU B 143 29.61 8.83 33.82
C LEU B 143 29.17 7.83 34.87
N THR B 144 27.90 7.86 35.27
CA THR B 144 27.36 6.96 36.28
C THR B 144 26.38 6.05 35.59
N PHE B 145 26.62 4.74 35.66
CA PHE B 145 25.77 3.75 35.02
C PHE B 145 24.74 3.24 35.97
N LEU B 146 23.47 3.19 35.52
CA LEU B 146 22.34 2.77 36.34
C LEU B 146 21.65 1.57 35.66
N GLU B 147 21.75 0.37 36.21
CA GLU B 147 21.09 -0.81 35.61
C GLU B 147 19.59 -0.68 35.91
N ALA B 148 18.74 -0.59 34.85
CA ALA B 148 17.29 -0.41 34.99
C ALA B 148 16.54 -0.93 33.77
N ASP B 155 19.02 -6.18 30.48
CA ASP B 155 19.82 -5.82 29.29
C ASP B 155 19.99 -4.30 29.07
N SER B 156 19.23 -3.44 29.82
CA SER B 156 19.25 -1.98 29.64
C SER B 156 19.77 -1.19 30.82
N MET B 157 20.23 0.02 30.54
CA MET B 157 20.72 0.91 31.56
C MET B 157 20.61 2.36 31.13
N PHE B 158 20.68 3.25 32.10
CA PHE B 158 20.71 4.68 31.85
C PHE B 158 22.17 5.05 32.16
N THR B 159 22.70 6.09 31.48
CA THR B 159 24.03 6.62 31.77
C THR B 159 23.82 8.09 32.14
N LEU B 160 24.36 8.53 33.24
CA LEU B 160 24.24 9.93 33.66
C LEU B 160 25.59 10.62 33.57
N TYR B 161 25.70 11.75 32.87
CA TYR B 161 26.91 12.58 32.89
C TYR B 161 26.62 13.51 34.08
N ALA B 162 27.18 13.14 35.25
CA ALA B 162 26.88 13.77 36.54
C ALA B 162 27.10 15.27 36.64
N GLU B 163 28.22 15.79 36.13
CA GLU B 163 28.56 17.20 36.31
C GLU B 163 27.58 18.17 35.65
N GLU B 164 27.02 17.82 34.49
CA GLU B 164 26.03 18.64 33.78
C GLU B 164 24.60 18.13 33.94
N GLY B 165 24.41 16.99 34.58
CA GLY B 165 23.08 16.43 34.78
C GLY B 165 22.42 15.98 33.50
N ILE B 166 23.21 15.41 32.57
CA ILE B 166 22.66 14.93 31.31
C ILE B 166 22.39 13.43 31.44
N LEU B 167 21.09 13.03 31.33
CA LEU B 167 20.69 11.64 31.43
C LEU B 167 20.55 11.04 30.04
N PHE B 168 21.38 10.03 29.73
CA PHE B 168 21.28 9.28 28.47
C PHE B 168 20.36 8.14 28.82
N SER B 169 19.06 8.28 28.47
CA SER B 169 17.97 7.41 28.90
C SER B 169 17.62 6.28 27.95
N ASN B 170 18.38 6.13 26.86
CA ASN B 170 18.08 5.16 25.80
C ASN B 170 16.62 5.34 25.36
N ASP B 171 15.81 4.28 25.15
CA ASP B 171 14.46 4.46 24.60
C ASP B 171 13.51 5.23 25.50
N ALA B 172 13.74 5.22 26.84
CA ALA B 172 12.86 5.95 27.74
C ALA B 172 12.86 7.42 27.35
N PHE B 173 11.67 8.02 27.18
CA PHE B 173 11.50 9.43 26.83
C PHE B 173 11.85 9.72 25.35
N GLY B 174 12.00 8.69 24.56
CA GLY B 174 12.30 8.85 23.15
C GLY B 174 11.04 9.16 22.36
N GLN B 175 11.22 9.64 21.14
CA GLN B 175 10.12 9.87 20.21
C GLN B 175 10.63 9.58 18.81
N HIS B 176 9.78 8.96 17.96
CA HIS B 176 10.20 8.64 16.62
C HIS B 176 9.96 9.84 15.70
N LEU B 177 10.95 10.75 15.67
CA LEU B 177 10.91 11.97 14.86
C LEU B 177 12.25 12.17 14.20
N CYS B 178 12.26 12.71 12.98
CA CYS B 178 13.48 12.95 12.24
C CYS B 178 13.48 14.34 11.68
N PHE B 179 14.06 15.29 12.47
CA PHE B 179 14.23 16.68 12.11
C PHE B 179 15.72 17.03 12.11
N THR B 180 16.05 18.11 11.41
CA THR B 180 17.41 18.67 11.45
C THR B 180 17.61 19.28 12.84
N GLN B 181 16.52 19.77 13.45
CA GLN B 181 16.55 20.37 14.78
C GLN B 181 16.72 19.22 15.80
N ARG B 182 17.59 19.40 16.81
CA ARG B 182 17.90 18.33 17.77
C ARG B 182 17.19 18.41 19.10
N PHE B 183 16.77 19.62 19.52
CA PHE B 183 16.19 19.82 20.81
C PHE B 183 14.68 19.94 20.83
N ASP B 184 14.09 19.56 21.95
CA ASP B 184 12.63 19.64 22.14
C ASP B 184 12.03 21.00 21.79
N HIS B 185 12.67 22.09 22.23
CA HIS B 185 12.13 23.43 22.01
C HIS B 185 12.23 23.96 20.58
N GLU B 186 12.90 23.26 19.66
CA GLU B 186 13.08 23.74 18.30
C GLU B 186 12.04 23.27 17.31
N ILE B 187 11.05 22.47 17.74
CA ILE B 187 9.99 22.00 16.88
C ILE B 187 8.64 22.34 17.52
N PRO B 188 7.53 22.34 16.76
CA PRO B 188 6.22 22.64 17.36
C PRO B 188 5.89 21.69 18.51
N GLU B 189 5.44 22.24 19.63
CA GLU B 189 5.09 21.46 20.83
C GLU B 189 4.09 20.35 20.54
N ASN B 190 3.09 20.59 19.70
CA ASN B 190 2.08 19.60 19.36
C ASN B 190 2.72 18.36 18.68
N ILE B 191 3.71 18.60 17.81
CA ILE B 191 4.38 17.49 17.13
C ILE B 191 5.17 16.68 18.14
N LEU B 192 5.89 17.35 18.99
CA LEU B 192 6.73 16.70 20.01
C LEU B 192 5.88 15.89 20.97
N MET B 193 4.81 16.49 21.51
CA MET B 193 3.98 15.83 22.51
C MET B 193 3.10 14.73 21.92
N ASP B 194 2.63 14.89 20.66
CA ASP B 194 1.89 13.82 19.95
C ASP B 194 2.83 12.64 19.73
N ALA B 195 4.09 12.90 19.30
CA ALA B 195 5.07 11.82 19.10
C ALA B 195 5.42 11.12 20.42
N ASN B 196 5.54 11.89 21.50
CA ASN B 196 5.83 11.33 22.80
C ASN B 196 4.63 10.45 23.26
N GLN B 197 3.40 10.88 22.96
CA GLN B 197 2.20 10.15 23.35
C GLN B 197 2.16 8.83 22.61
N LYS B 198 2.50 8.86 21.32
CA LYS B 198 2.54 7.64 20.49
C LYS B 198 3.59 6.66 21.01
N PHE B 199 4.75 7.18 21.40
CA PHE B 199 5.85 6.37 21.93
C PHE B 199 5.45 5.72 23.26
N TYR B 200 4.88 6.50 24.17
CA TYR B 200 4.39 5.91 25.41
C TYR B 200 3.31 4.83 25.14
N ALA B 201 2.31 5.17 24.33
CA ALA B 201 1.18 4.26 24.07
C ALA B 201 1.62 2.91 23.54
N ASN B 202 2.58 2.91 22.63
CA ASN B 202 3.01 1.68 21.94
C ASN B 202 4.09 0.94 22.67
N LEU B 203 4.92 1.62 23.46
CA LEU B 203 6.08 0.99 24.08
C LEU B 203 6.15 1.01 25.59
N ILE B 204 5.44 1.93 26.28
CA ILE B 204 5.55 2.03 27.73
C ILE B 204 4.31 1.59 28.47
N THR B 205 3.10 1.67 27.86
CA THR B 205 1.86 1.29 28.52
C THR B 205 1.94 0.08 29.43
N PRO B 206 2.41 -1.10 28.97
CA PRO B 206 2.43 -2.27 29.89
C PRO B 206 3.37 -2.15 31.09
N LEU B 207 4.32 -1.19 31.04
CA LEU B 207 5.27 -0.93 32.13
C LEU B 207 4.79 0.22 33.03
N SER B 208 3.52 0.66 32.89
CA SER B 208 2.99 1.78 33.66
C SER B 208 3.15 1.69 35.16
N LYS B 209 2.90 0.51 35.75
CA LYS B 209 3.06 0.35 37.20
C LYS B 209 4.53 0.55 37.61
N LEU B 210 5.48 0.13 36.76
CA LEU B 210 6.92 0.29 37.02
C LEU B 210 7.37 1.74 36.86
N VAL B 211 6.79 2.47 35.91
CA VAL B 211 7.10 3.88 35.72
C VAL B 211 6.70 4.65 37.00
N LEU B 212 5.49 4.39 37.53
CA LEU B 212 5.03 5.06 38.74
C LEU B 212 5.86 4.71 39.96
N LYS B 213 6.24 3.43 40.09
CA LYS B 213 7.09 2.95 41.20
C LYS B 213 8.44 3.61 41.14
N LYS B 214 9.07 3.65 39.95
CA LYS B 214 10.37 4.26 39.77
C LYS B 214 10.32 5.76 40.03
N PHE B 215 9.34 6.44 39.45
CA PHE B 215 9.22 7.90 39.63
C PHE B 215 9.05 8.27 41.09
N LYS B 216 8.21 7.54 41.85
CA LYS B 216 8.02 7.79 43.29
C LYS B 216 9.35 7.60 44.04
N GLU B 217 10.09 6.55 43.70
CA GLU B 217 11.40 6.28 44.30
C GLU B 217 12.35 7.46 44.01
N VAL B 218 12.49 7.84 42.73
CA VAL B 218 13.33 8.95 42.26
C VAL B 218 12.92 10.34 42.87
N ILE B 219 11.62 10.59 43.09
CA ILE B 219 11.15 11.86 43.67
C ILE B 219 11.45 11.91 45.17
N GLU B 220 11.11 10.81 45.91
CA GLU B 220 11.33 10.72 47.36
C GLU B 220 12.81 10.94 47.68
N LEU B 221 13.71 10.42 46.82
CA LEU B 221 15.16 10.63 46.92
C LEU B 221 15.49 11.92 46.14
N GLY B 222 16.77 12.30 46.10
CA GLY B 222 17.21 13.50 45.40
C GLY B 222 17.85 13.29 44.04
N LEU B 223 17.37 12.29 43.25
CA LEU B 223 17.91 12.06 41.90
C LEU B 223 17.25 12.99 40.88
N LEU B 224 15.90 13.18 40.94
CA LEU B 224 15.13 13.99 39.98
C LEU B 224 15.72 15.37 39.75
N GLU B 225 16.04 16.11 40.82
CA GLU B 225 16.64 17.44 40.69
C GLU B 225 18.05 17.45 40.08
N LYS B 226 18.75 16.31 40.02
CA LYS B 226 20.05 16.23 39.37
C LYS B 226 19.89 16.11 37.83
N ILE B 227 18.67 15.91 37.31
CA ILE B 227 18.45 15.75 35.86
C ILE B 227 18.14 17.11 35.23
N LYS B 228 19.09 17.64 34.43
CA LYS B 228 18.96 18.91 33.72
C LYS B 228 18.58 18.75 32.27
N MET B 229 18.87 17.58 31.68
CA MET B 229 18.60 17.34 30.30
C MET B 229 18.43 15.83 30.13
N ILE B 230 17.47 15.39 29.30
CA ILE B 230 17.26 13.97 29.00
C ILE B 230 17.55 13.81 27.54
N ALA B 231 18.57 12.99 27.21
CA ALA B 231 19.04 12.75 25.86
C ALA B 231 18.71 11.29 25.51
N PRO B 232 17.53 11.05 24.88
CA PRO B 232 17.12 9.68 24.59
C PRO B 232 17.75 9.14 23.33
N SER B 233 17.43 7.90 23.00
CA SER B 233 18.03 7.24 21.83
C SER B 233 17.31 7.48 20.52
N HIS B 234 16.13 8.14 20.55
CA HIS B 234 15.39 8.52 19.34
C HIS B 234 14.80 9.88 19.56
N GLY B 235 14.77 10.69 18.50
CA GLY B 235 14.09 11.95 18.52
C GLY B 235 14.80 13.06 19.23
N GLN B 236 14.00 13.96 19.73
CA GLN B 236 14.50 15.19 20.36
C GLN B 236 15.09 15.00 21.73
N ILE B 237 16.04 15.91 22.06
CA ILE B 237 16.70 15.95 23.37
C ILE B 237 15.87 16.91 24.23
N TRP B 238 15.52 16.50 25.46
CA TRP B 238 14.69 17.30 26.33
C TRP B 238 15.51 18.25 27.14
N THR B 239 15.41 19.52 26.82
CA THR B 239 16.02 20.62 27.60
C THR B 239 15.08 20.97 28.74
N ASP B 240 13.82 20.47 28.68
CA ASP B 240 12.82 20.66 29.74
C ASP B 240 12.40 19.25 30.20
N PRO B 241 13.27 18.57 30.98
CA PRO B 241 12.96 17.19 31.38
C PRO B 241 11.66 17.00 32.17
N MET B 242 11.24 17.97 32.99
CA MET B 242 9.97 17.83 33.71
C MET B 242 8.74 17.78 32.79
N LYS B 243 8.84 18.28 31.56
CA LYS B 243 7.74 18.22 30.60
C LYS B 243 7.45 16.77 30.21
N VAL B 244 8.48 16.00 29.88
CA VAL B 244 8.25 14.58 29.50
C VAL B 244 7.97 13.70 30.72
N ILE B 245 8.63 13.98 31.87
CA ILE B 245 8.40 13.23 33.10
C ILE B 245 6.93 13.42 33.49
N GLY B 246 6.44 14.67 33.44
CA GLY B 246 5.03 14.99 33.71
C GLY B 246 4.06 14.23 32.80
N ALA B 247 4.37 14.18 31.50
CA ALA B 247 3.53 13.46 30.54
C ALA B 247 3.50 11.97 30.90
N TYR B 248 4.68 11.38 31.21
CA TYR B 248 4.78 9.97 31.60
C TYR B 248 3.95 9.70 32.86
N GLN B 249 3.97 10.61 33.84
CA GLN B 249 3.18 10.47 35.05
C GLN B 249 1.69 10.44 34.73
N ASP B 250 1.23 11.33 33.83
CA ASP B 250 -0.18 11.41 33.44
C ASP B 250 -0.61 10.14 32.73
N PHE B 251 0.21 9.66 31.81
CA PHE B 251 -0.11 8.45 31.04
C PHE B 251 -0.07 7.20 31.95
N ALA B 252 0.88 7.16 32.88
CA ALA B 252 0.99 6.00 33.77
C ALA B 252 -0.15 5.92 34.80
N THR B 253 -0.78 7.07 35.16
CA THR B 253 -1.87 7.11 36.13
C THR B 253 -3.25 7.12 35.51
N GLY B 254 -3.35 7.06 34.18
CA GLY B 254 -4.64 7.04 33.50
C GLY B 254 -5.38 8.37 33.43
N LYS B 255 -4.66 9.49 33.25
CA LYS B 255 -5.30 10.79 33.09
C LYS B 255 -5.76 10.86 31.63
N CYS B 256 -7.09 10.85 31.41
CA CYS B 256 -7.68 10.84 30.06
C CYS B 256 -8.52 12.07 29.79
N LYS B 257 -8.79 12.30 28.51
CA LYS B 257 -9.66 13.38 28.07
C LYS B 257 -11.09 12.86 27.94
N ASP B 258 -12.08 13.75 27.82
CA ASP B 258 -13.49 13.37 27.55
C ASP B 258 -13.49 13.08 26.07
N LYS B 259 -13.09 11.86 25.75
CA LYS B 259 -12.81 11.45 24.40
C LYS B 259 -13.04 9.97 24.24
N VAL B 260 -13.49 9.59 23.07
CA VAL B 260 -13.77 8.20 22.71
C VAL B 260 -13.05 7.89 21.42
N THR B 261 -12.42 6.70 21.35
CA THR B 261 -11.77 6.23 20.13
C THR B 261 -12.66 5.13 19.58
N ILE B 262 -13.04 5.24 18.32
CA ILE B 262 -13.92 4.28 17.65
C ILE B 262 -13.11 3.62 16.56
N VAL B 263 -13.14 2.30 16.53
CA VAL B 263 -12.42 1.55 15.52
C VAL B 263 -13.38 0.60 14.90
N TYR B 264 -13.35 0.45 13.60
CA TYR B 264 -14.21 -0.54 12.98
C TYR B 264 -13.63 -1.05 11.69
N ASP B 265 -14.17 -2.16 11.22
CA ASP B 265 -13.94 -2.64 9.86
C ASP B 265 -15.30 -2.98 9.24
N THR B 266 -15.35 -3.06 7.91
CA THR B 266 -16.60 -3.31 7.21
C THR B 266 -16.29 -3.98 5.87
N MET B 267 -17.20 -4.79 5.40
CA MET B 267 -17.14 -5.42 4.08
C MET B 267 -18.08 -4.70 3.09
N HIS B 268 -19.34 -4.47 3.50
CA HIS B 268 -20.38 -3.82 2.69
C HIS B 268 -20.81 -2.41 3.16
N GLY B 269 -20.25 -1.92 4.26
CA GLY B 269 -20.55 -0.59 4.76
C GLY B 269 -21.51 -0.43 5.92
N SER B 270 -22.19 -1.50 6.35
CA SER B 270 -23.18 -1.38 7.45
C SER B 270 -22.57 -1.07 8.80
N THR B 271 -21.43 -1.71 9.13
CA THR B 271 -20.74 -1.42 10.38
C THR B 271 -20.22 -0.01 10.39
N GLN B 272 -19.79 0.50 9.21
CA GLN B 272 -19.35 1.89 9.09
C GLN B 272 -20.49 2.84 9.45
N LYS B 273 -21.67 2.60 8.90
CA LYS B 273 -22.85 3.42 9.23
C LYS B 273 -23.12 3.44 10.73
N MET B 274 -23.04 2.27 11.37
CA MET B 274 -23.22 2.17 12.81
C MET B 274 -22.16 2.99 13.55
N ALA B 275 -20.87 2.84 13.17
CA ALA B 275 -19.77 3.58 13.81
C ALA B 275 -20.02 5.08 13.75
N HIS B 276 -20.40 5.58 12.56
CA HIS B 276 -20.66 7.01 12.41
C HIS B 276 -21.87 7.46 13.25
N ALA B 277 -22.87 6.62 13.38
CA ALA B 277 -24.06 6.93 14.21
C ALA B 277 -23.70 6.98 15.68
N PHE B 278 -22.86 6.03 16.18
CA PHE B 278 -22.39 6.12 17.56
C PHE B 278 -21.66 7.44 17.78
N ALA B 279 -20.78 7.83 16.81
CA ALA B 279 -20.03 9.09 16.91
C ALA B 279 -20.95 10.27 17.06
N GLU B 280 -22.04 10.33 16.29
CA GLU B 280 -23.00 11.45 16.35
C GLU B 280 -23.63 11.60 17.74
N GLY B 281 -23.92 10.46 18.37
CA GLY B 281 -24.47 10.44 19.71
C GLY B 281 -23.49 10.97 20.72
N ILE B 282 -22.23 10.53 20.61
CA ILE B 282 -21.14 10.98 21.48
C ILE B 282 -20.92 12.44 21.31
N MET B 283 -20.85 12.90 20.04
CA MET B 283 -20.63 14.32 19.76
C MET B 283 -21.73 15.22 20.26
N SER B 284 -22.99 14.71 20.33
CA SER B 284 -24.12 15.51 20.83
C SER B 284 -23.91 15.93 22.29
N GLU B 285 -23.06 15.20 23.04
CA GLU B 285 -22.73 15.51 24.43
C GLU B 285 -21.43 16.32 24.61
N GLY B 286 -20.86 16.82 23.51
CA GLY B 286 -19.61 17.57 23.55
C GLY B 286 -18.40 16.74 23.87
N VAL B 287 -18.45 15.41 23.64
CA VAL B 287 -17.31 14.50 23.86
C VAL B 287 -16.58 14.30 22.50
N ASP B 288 -15.24 14.28 22.54
CA ASP B 288 -14.44 14.16 21.34
C ASP B 288 -14.46 12.72 20.82
N VAL B 289 -14.31 12.59 19.53
CA VAL B 289 -14.27 11.30 18.82
C VAL B 289 -13.07 11.26 17.90
N LYS B 290 -12.36 10.11 17.91
CA LYS B 290 -11.36 9.79 16.92
C LYS B 290 -11.89 8.52 16.24
N MET B 291 -11.95 8.51 14.92
CA MET B 291 -12.52 7.41 14.13
C MET B 291 -11.43 6.74 13.30
N TYR B 292 -11.33 5.41 13.41
CA TYR B 292 -10.34 4.64 12.68
C TYR B 292 -11.04 3.54 11.91
N PHE B 293 -10.61 3.32 10.68
CA PHE B 293 -11.12 2.32 9.79
C PHE B 293 -9.99 1.32 9.57
N LEU B 294 -10.14 0.09 10.10
CA LEU B 294 -9.06 -0.91 10.06
C LEU B 294 -8.60 -1.33 8.70
N HIS B 295 -9.39 -1.11 7.66
CA HIS B 295 -9.01 -1.43 6.31
C HIS B 295 -7.70 -0.73 5.94
N ASN B 296 -7.54 0.51 6.32
CA ASN B 296 -6.32 1.22 5.93
C ASN B 296 -5.65 2.04 7.04
N ASP B 297 -6.11 1.98 8.28
CA ASP B 297 -5.48 2.69 9.40
C ASP B 297 -4.53 1.78 10.17
N GLU B 298 -3.69 2.38 10.99
CA GLU B 298 -2.57 1.71 11.68
C GLU B 298 -2.79 1.46 13.14
N ARG B 299 -2.40 0.27 13.63
CA ARG B 299 -2.52 -0.05 15.05
C ARG B 299 -1.78 0.96 15.92
N SER B 300 -0.60 1.47 15.46
CA SER B 300 0.18 2.37 16.31
C SER B 300 -0.46 3.73 16.54
N GLU B 301 -1.23 4.24 15.56
CA GLU B 301 -1.98 5.49 15.74
C GLU B 301 -3.22 5.21 16.61
N ILE B 302 -3.86 4.08 16.41
CA ILE B 302 -5.06 3.73 17.19
C ILE B 302 -4.74 3.74 18.66
N VAL B 303 -3.67 3.04 19.06
CA VAL B 303 -3.36 2.93 20.49
C VAL B 303 -2.89 4.24 21.08
N LYS B 304 -2.29 5.14 20.27
CA LYS B 304 -1.93 6.50 20.69
C LYS B 304 -3.21 7.21 21.20
N ASP B 305 -4.31 7.08 20.45
CA ASP B 305 -5.55 7.75 20.81
C ASP B 305 -6.29 7.04 21.93
N ILE B 306 -6.21 5.70 22.01
CA ILE B 306 -6.80 4.99 23.17
C ILE B 306 -6.18 5.47 24.48
N LEU B 307 -4.86 5.76 24.48
CA LEU B 307 -4.14 6.14 25.68
C LEU B 307 -4.74 7.30 26.42
N ASP B 308 -5.28 8.31 25.74
CA ASP B 308 -5.91 9.40 26.50
C ASP B 308 -7.46 9.46 26.29
N SER B 309 -8.06 8.35 25.84
CA SER B 309 -9.51 8.22 25.68
C SER B 309 -10.08 7.50 26.91
N LYS B 310 -11.27 7.92 27.37
CA LYS B 310 -11.95 7.25 28.49
C LYS B 310 -12.78 6.07 28.00
N ALA B 311 -13.05 5.98 26.69
CA ALA B 311 -13.81 4.87 26.12
C ALA B 311 -13.29 4.48 24.79
N PHE B 312 -13.57 3.22 24.41
CA PHE B 312 -13.09 2.61 23.19
C PHE B 312 -14.20 1.76 22.60
N LEU B 313 -14.64 2.05 21.36
CA LEU B 313 -15.69 1.27 20.69
C LEU B 313 -15.01 0.44 19.60
N LEU B 314 -15.36 -0.84 19.49
CA LEU B 314 -14.80 -1.71 18.46
C LEU B 314 -15.93 -2.39 17.71
N GLY B 315 -15.95 -2.23 16.38
CA GLY B 315 -17.00 -2.80 15.56
C GLY B 315 -16.48 -3.59 14.39
N ALA B 316 -17.21 -4.61 14.05
CA ALA B 316 -16.89 -5.44 12.90
C ALA B 316 -18.05 -6.35 12.55
N PRO B 317 -18.22 -6.63 11.24
CA PRO B 317 -19.24 -7.60 10.85
C PRO B 317 -18.82 -9.03 11.14
N THR B 318 -19.79 -9.97 11.05
CA THR B 318 -19.51 -11.37 11.24
C THR B 318 -19.18 -12.02 9.90
N ILE B 319 -18.14 -12.84 9.90
CA ILE B 319 -17.69 -13.61 8.76
C ILE B 319 -17.38 -15.00 9.30
N TYR B 320 -18.15 -16.00 8.88
CA TYR B 320 -18.03 -17.38 9.35
C TYR B 320 -17.92 -17.47 10.87
N ASP B 321 -18.93 -16.90 11.55
CA ASP B 321 -19.11 -16.91 13.00
C ASP B 321 -18.12 -16.10 13.79
N GLU B 322 -17.15 -15.45 13.15
CA GLU B 322 -16.12 -14.69 13.83
C GLU B 322 -16.21 -13.24 13.41
N PRO B 323 -15.65 -12.31 14.20
CA PRO B 323 -15.59 -10.94 13.72
C PRO B 323 -14.58 -10.83 12.57
N PHE B 324 -14.75 -9.82 11.69
CA PHE B 324 -13.85 -9.58 10.55
C PHE B 324 -12.40 -9.65 11.01
N PRO B 325 -11.51 -10.44 10.35
CA PRO B 325 -10.23 -10.79 10.99
C PRO B 325 -9.25 -9.68 11.31
N SER B 326 -9.34 -8.51 10.66
CA SER B 326 -8.47 -7.38 10.97
C SER B 326 -8.51 -6.99 12.43
N VAL B 327 -9.63 -7.23 13.12
CA VAL B 327 -9.73 -6.91 14.56
C VAL B 327 -8.77 -7.78 15.40
N GLY B 328 -8.45 -8.97 14.93
CA GLY B 328 -7.57 -9.87 15.65
C GLY B 328 -6.17 -9.31 15.81
N ASP B 329 -5.71 -8.51 14.86
CA ASP B 329 -4.41 -7.88 14.94
C ASP B 329 -4.42 -6.84 16.04
N LEU B 330 -5.43 -6.01 16.04
CA LEU B 330 -5.54 -4.98 17.09
C LEU B 330 -5.73 -5.61 18.47
N ILE B 331 -6.56 -6.64 18.56
CA ILE B 331 -6.81 -7.35 19.82
C ILE B 331 -5.47 -7.97 20.36
N TYR B 332 -4.70 -8.62 19.50
CA TYR B 332 -3.41 -9.19 19.94
C TYR B 332 -2.48 -8.10 20.47
N TYR B 333 -2.49 -6.95 19.84
CA TYR B 333 -1.65 -5.84 20.22
C TYR B 333 -2.11 -5.27 21.54
N LEU B 334 -3.43 -5.11 21.72
CA LEU B 334 -3.97 -4.61 23.00
C LEU B 334 -3.72 -5.62 24.14
N LYS B 335 -3.69 -6.94 23.84
CA LYS B 335 -3.38 -7.95 24.88
C LYS B 335 -1.98 -7.77 25.39
N GLY B 336 -1.06 -7.34 24.52
CA GLY B 336 0.31 -7.08 24.89
C GLY B 336 0.48 -5.78 25.66
N LEU B 337 -0.22 -4.72 25.21
CA LEU B 337 -0.08 -3.40 25.82
C LEU B 337 -0.69 -3.28 27.20
N LYS B 338 -1.74 -4.04 27.50
CA LYS B 338 -2.37 -4.07 28.84
C LYS B 338 -2.73 -2.68 29.37
N PHE B 339 -3.62 -1.98 28.68
CA PHE B 339 -4.06 -0.62 29.10
C PHE B 339 -4.61 -0.52 30.53
N ASN B 340 -5.15 -1.60 31.07
CA ASN B 340 -5.58 -1.59 32.50
C ASN B 340 -4.38 -1.31 33.47
N ARG B 341 -3.10 -1.54 33.03
CA ARG B 341 -1.91 -1.27 33.86
C ARG B 341 -1.77 0.23 34.19
N THR B 342 -2.42 1.10 33.39
CA THR B 342 -2.48 2.53 33.69
C THR B 342 -3.31 2.86 34.98
N GLY B 343 -4.04 1.90 35.55
CA GLY B 343 -4.89 2.12 36.72
C GLY B 343 -6.34 2.43 36.35
N LEU B 344 -6.68 2.42 35.04
CA LEU B 344 -8.02 2.75 34.57
C LEU B 344 -8.54 1.67 33.69
N LYS B 345 -9.82 1.27 33.89
CA LYS B 345 -10.48 0.36 32.97
C LYS B 345 -11.33 1.22 32.07
N ARG B 346 -10.84 1.54 30.90
CA ARG B 346 -11.60 2.39 29.98
C ARG B 346 -12.89 1.69 29.59
N LEU B 347 -13.94 2.47 29.34
CA LEU B 347 -15.23 1.91 28.93
C LEU B 347 -15.19 1.37 27.52
N ALA B 348 -16.00 0.38 27.23
CA ALA B 348 -16.05 -0.14 25.87
C ALA B 348 -17.40 -0.64 25.45
N LEU B 349 -17.66 -0.58 24.11
CA LEU B 349 -18.84 -1.14 23.46
C LEU B 349 -18.39 -1.93 22.25
N ALA B 350 -19.05 -3.05 22.01
CA ALA B 350 -18.81 -3.88 20.83
C ALA B 350 -20.01 -3.77 19.91
N PHE B 351 -19.79 -3.66 18.60
CA PHE B 351 -20.92 -3.56 17.68
C PHE B 351 -20.64 -4.20 16.34
N GLY B 352 -21.67 -4.33 15.54
CA GLY B 352 -21.50 -4.94 14.22
C GLY B 352 -22.74 -5.32 13.50
N SER B 353 -22.59 -5.66 12.22
CA SER B 353 -23.71 -6.12 11.41
C SER B 353 -23.49 -7.60 11.08
N MET B 354 -24.55 -8.30 10.77
CA MET B 354 -24.53 -9.73 10.46
C MET B 354 -25.54 -10.05 9.39
N GLY B 355 -25.43 -11.21 8.77
CA GLY B 355 -26.41 -11.67 7.78
C GLY B 355 -27.15 -12.96 8.16
N GLY B 356 -26.74 -13.63 9.24
CA GLY B 356 -27.34 -14.88 9.63
C GLY B 356 -27.30 -15.12 11.11
N ASN B 357 -26.47 -16.07 11.57
CA ASN B 357 -26.37 -16.38 12.98
C ASN B 357 -25.64 -15.31 13.81
N GLY B 358 -24.81 -14.49 13.18
CA GLY B 358 -24.06 -13.48 13.93
C GLY B 358 -23.03 -14.11 14.82
N GLY B 359 -22.67 -13.43 15.90
CA GLY B 359 -21.70 -13.90 16.89
C GLY B 359 -20.42 -13.11 16.98
N GLY B 360 -20.09 -12.32 15.95
CA GLY B 360 -18.87 -11.54 15.97
C GLY B 360 -18.82 -10.53 17.11
N THR B 361 -19.94 -9.88 17.47
CA THR B 361 -19.92 -8.90 18.58
C THR B 361 -19.69 -9.56 19.92
N LYS B 362 -20.19 -10.79 20.09
CA LYS B 362 -19.99 -11.52 21.35
C LYS B 362 -18.53 -11.84 21.51
N VAL B 363 -17.84 -12.21 20.42
CA VAL B 363 -16.39 -12.44 20.47
C VAL B 363 -15.70 -11.11 20.84
N LEU B 364 -16.04 -9.98 20.15
CA LEU B 364 -15.42 -8.68 20.43
C LEU B 364 -15.58 -8.30 21.89
N ALA B 365 -16.79 -8.48 22.44
CA ALA B 365 -17.05 -8.14 23.85
C ALA B 365 -16.20 -9.00 24.79
N GLU B 366 -16.01 -10.29 24.50
CA GLU B 366 -15.19 -11.15 25.36
C GLU B 366 -13.69 -10.75 25.31
N LYS B 367 -13.22 -10.42 24.12
CA LYS B 367 -11.81 -10.01 23.92
C LYS B 367 -11.53 -8.66 24.54
N LEU B 368 -12.45 -7.74 24.43
CA LEU B 368 -12.27 -6.41 25.07
C LEU B 368 -12.15 -6.60 26.60
N LYS B 369 -12.96 -7.45 27.19
CA LYS B 369 -12.83 -7.73 28.64
C LYS B 369 -11.44 -8.34 28.94
N GLU B 370 -10.96 -9.27 28.11
CA GLU B 370 -9.61 -9.84 28.29
C GLU B 370 -8.51 -8.77 28.21
N CYS B 371 -8.72 -7.71 27.40
CA CYS B 371 -7.75 -6.62 27.23
C CYS B 371 -7.85 -5.56 28.34
N GLY B 372 -8.75 -5.76 29.31
CA GLY B 372 -8.88 -4.88 30.45
C GLY B 372 -9.90 -3.77 30.36
N PHE B 373 -10.76 -3.77 29.31
CA PHE B 373 -11.79 -2.76 29.17
C PHE B 373 -13.05 -3.13 29.97
N GLU B 374 -13.80 -2.12 30.43
CA GLU B 374 -15.08 -2.30 31.11
C GLU B 374 -16.14 -2.28 30.03
N VAL B 375 -16.48 -3.46 29.52
CA VAL B 375 -17.47 -3.57 28.44
C VAL B 375 -18.85 -3.32 28.97
N LEU B 376 -19.52 -2.27 28.45
CA LEU B 376 -20.85 -1.88 28.91
C LEU B 376 -21.97 -2.53 28.14
N ASP B 377 -21.81 -2.73 26.84
CA ASP B 377 -22.88 -3.32 26.05
C ASP B 377 -22.37 -3.81 24.72
N GLU B 378 -23.21 -4.56 24.02
CA GLU B 378 -22.97 -4.96 22.66
C GLU B 378 -24.21 -4.71 21.83
N TYR B 379 -24.01 -4.40 20.54
CA TYR B 379 -25.13 -4.19 19.64
C TYR B 379 -24.82 -4.77 18.30
N GLU B 380 -25.58 -5.81 17.92
CA GLU B 380 -25.45 -6.47 16.62
C GLU B 380 -26.78 -6.34 15.88
N LEU B 381 -26.74 -5.94 14.61
CA LEU B 381 -27.98 -5.84 13.82
C LEU B 381 -27.86 -6.62 12.52
N TYR B 382 -28.99 -6.75 11.82
CA TYR B 382 -29.10 -7.53 10.58
C TYR B 382 -28.90 -6.65 9.35
N TYR B 383 -27.90 -6.94 8.54
CA TYR B 383 -27.62 -6.22 7.29
C TYR B 383 -27.62 -4.68 7.47
N VAL B 384 -28.34 -3.92 6.60
CA VAL B 384 -28.24 -2.46 6.59
C VAL B 384 -29.07 -1.91 7.73
N PRO B 385 -28.52 -1.01 8.56
CA PRO B 385 -29.34 -0.43 9.63
C PRO B 385 -30.51 0.38 9.10
N THR B 386 -31.64 0.28 9.76
CA THR B 386 -32.79 1.11 9.45
C THR B 386 -32.54 2.46 10.14
N GLU B 387 -33.40 3.44 9.88
CA GLU B 387 -33.30 4.76 10.53
C GLU B 387 -33.42 4.60 12.05
N ASP B 388 -34.35 3.77 12.53
CA ASP B 388 -34.52 3.53 13.97
C ASP B 388 -33.27 2.86 14.57
N GLU B 389 -32.64 1.94 13.85
CA GLU B 389 -31.41 1.32 14.39
C GLU B 389 -30.26 2.31 14.48
N LEU B 390 -30.17 3.27 13.54
CA LEU B 390 -29.14 4.29 13.60
C LEU B 390 -29.45 5.25 14.75
N GLU B 391 -30.74 5.46 15.04
CA GLU B 391 -31.12 6.29 16.21
C GLU B 391 -30.72 5.56 17.51
N LYS B 392 -30.81 4.22 17.53
CA LYS B 392 -30.38 3.43 18.69
C LYS B 392 -28.87 3.58 18.90
N CYS B 393 -28.07 3.52 17.82
CA CYS B 393 -26.62 3.71 17.92
C CYS B 393 -26.33 5.11 18.52
N TYR B 394 -27.00 6.13 17.99
CA TYR B 394 -26.88 7.51 18.48
C TYR B 394 -27.17 7.56 19.99
N ASN B 395 -28.31 6.99 20.42
CA ASN B 395 -28.71 7.03 21.83
C ASN B 395 -27.72 6.31 22.71
N MET B 396 -27.22 5.17 22.27
CA MET B 396 -26.16 4.42 22.99
C MET B 396 -24.88 5.24 23.13
N GLY B 397 -24.50 5.94 22.04
CA GLY B 397 -23.32 6.79 22.06
C GLY B 397 -23.54 7.95 22.99
N LYS B 398 -24.76 8.51 23.00
CA LYS B 398 -25.11 9.64 23.89
C LYS B 398 -25.00 9.22 25.36
N ARG B 399 -25.54 8.08 25.72
CA ARG B 399 -25.48 7.57 27.10
C ARG B 399 -24.07 7.26 27.52
N LEU B 400 -23.28 6.70 26.60
CA LEU B 400 -21.86 6.44 26.87
C LEU B 400 -21.14 7.76 27.14
N ALA B 401 -21.40 8.78 26.34
CA ALA B 401 -20.75 10.08 26.52
C ALA B 401 -21.14 10.76 27.84
N VAL B 402 -22.34 10.52 28.34
CA VAL B 402 -22.70 11.05 29.65
C VAL B 402 -21.87 10.34 30.73
N LYS B 403 -21.70 9.03 30.59
CA LYS B 403 -20.91 8.25 31.55
C LYS B 403 -19.43 8.64 31.49
N VAL B 404 -18.90 8.88 30.29
CA VAL B 404 -17.53 9.36 30.08
C VAL B 404 -17.31 10.65 30.87
N LYS B 405 -18.21 11.63 30.72
CA LYS B 405 -18.08 12.92 31.43
C LYS B 405 -18.15 12.81 32.95
N GLU B 406 -18.88 11.83 33.47
CA GLU B 406 -18.99 11.59 34.92
C GLU B 406 -17.77 10.88 35.49
N MET B 407 -16.97 10.20 34.67
CA MET B 407 -15.75 9.50 35.15
C MET B 407 -14.71 10.52 35.60
N LYS B 408 -14.17 10.36 36.81
CA LYS B 408 -13.15 11.29 37.34
C LYS B 408 -11.79 11.00 36.73
N THR B 409 -11.17 12.02 36.12
CA THR B 409 -9.85 11.94 35.48
C THR B 409 -8.75 11.73 36.53
N MET C 1 -25.01 3.20 -21.28
CA MET C 1 -23.75 2.72 -21.81
C MET C 1 -24.02 1.62 -22.83
N LYS C 2 -23.35 1.66 -23.99
CA LYS C 2 -23.46 0.59 -24.99
C LYS C 2 -22.47 -0.53 -24.56
N ALA C 3 -22.95 -1.78 -24.45
CA ALA C 3 -22.15 -2.94 -24.01
C ALA C 3 -22.79 -4.20 -24.56
N ASP C 4 -22.02 -5.11 -25.14
CA ASP C 4 -22.59 -6.27 -25.78
C ASP C 4 -22.84 -7.46 -24.85
N ALA C 5 -23.97 -8.16 -25.09
CA ALA C 5 -24.29 -9.39 -24.38
C ALA C 5 -23.52 -10.51 -25.03
N VAL C 6 -23.34 -11.64 -24.32
CA VAL C 6 -22.63 -12.82 -24.86
C VAL C 6 -23.56 -13.99 -24.83
N LYS C 7 -23.81 -14.60 -25.99
CA LYS C 7 -24.70 -15.75 -26.05
C LYS C 7 -24.00 -16.96 -25.48
N ILE C 8 -24.65 -17.68 -24.55
CA ILE C 8 -24.06 -18.89 -23.98
C ILE C 8 -24.83 -20.16 -24.40
N ALA C 9 -26.05 -20.03 -24.92
CA ALA C 9 -26.86 -21.12 -25.44
C ALA C 9 -27.99 -20.46 -26.22
N ASP C 10 -28.83 -21.23 -26.89
CA ASP C 10 -29.95 -20.66 -27.64
C ASP C 10 -30.90 -19.91 -26.68
N GLY C 11 -31.04 -18.61 -26.90
CA GLY C 11 -31.88 -17.76 -26.06
C GLY C 11 -31.37 -17.57 -24.64
N VAL C 12 -30.08 -17.77 -24.38
CA VAL C 12 -29.48 -17.59 -23.04
C VAL C 12 -28.26 -16.73 -23.20
N TYR C 13 -28.21 -15.63 -22.47
CA TYR C 13 -27.12 -14.68 -22.59
C TYR C 13 -26.53 -14.33 -21.25
N TRP C 14 -25.24 -14.02 -21.27
CA TRP C 14 -24.56 -13.42 -20.15
C TRP C 14 -24.78 -11.91 -20.36
N VAL C 15 -25.25 -11.23 -19.32
CA VAL C 15 -25.48 -9.78 -19.35
C VAL C 15 -24.87 -9.16 -18.09
N GLY C 16 -23.76 -9.70 -17.64
CA GLY C 16 -23.11 -9.28 -16.41
C GLY C 16 -22.25 -8.04 -16.52
N VAL C 17 -21.49 -7.81 -15.46
CA VAL C 17 -20.66 -6.64 -15.31
C VAL C 17 -19.20 -7.03 -15.07
N LEU C 18 -18.29 -6.39 -15.81
CA LEU C 18 -16.85 -6.55 -15.66
C LEU C 18 -16.42 -5.48 -14.69
N ASP C 19 -16.10 -5.87 -13.44
CA ASP C 19 -15.58 -4.92 -12.45
C ASP C 19 -14.07 -4.93 -12.64
N TRP C 20 -13.61 -4.23 -13.68
CA TRP C 20 -12.22 -4.28 -14.08
C TRP C 20 -11.25 -3.89 -13.02
N ASP C 21 -11.58 -2.82 -12.27
CA ASP C 21 -10.60 -2.13 -11.44
C ASP C 21 -10.60 -2.40 -9.94
N ILE C 22 -11.52 -3.18 -9.43
CA ILE C 22 -11.51 -3.59 -8.03
C ILE C 22 -10.25 -4.49 -7.75
N ARG C 23 -9.61 -4.26 -6.62
CA ARG C 23 -8.43 -5.03 -6.15
C ARG C 23 -8.66 -5.80 -4.86
N MET C 24 -9.74 -5.51 -4.14
CA MET C 24 -10.04 -6.20 -2.89
C MET C 24 -11.53 -6.17 -2.63
N TYR C 25 -12.05 -7.26 -2.10
CA TYR C 25 -13.47 -7.40 -1.77
C TYR C 25 -13.56 -8.25 -0.50
N HIS C 26 -14.07 -7.68 0.60
CA HIS C 26 -14.15 -8.32 1.93
C HIS C 26 -12.82 -8.96 2.34
N GLY C 27 -11.71 -8.27 2.07
CA GLY C 27 -10.40 -8.78 2.47
C GLY C 27 -9.82 -9.86 1.57
N TYR C 28 -10.43 -10.09 0.42
CA TYR C 28 -10.03 -11.10 -0.56
C TYR C 28 -9.39 -10.32 -1.73
N THR C 29 -8.15 -10.54 -2.05
CA THR C 29 -7.48 -9.85 -3.15
C THR C 29 -7.80 -10.45 -4.48
N LEU C 30 -7.87 -9.62 -5.51
CA LEU C 30 -8.22 -10.10 -6.84
C LEU C 30 -7.79 -9.03 -7.88
N ASN C 31 -7.72 -9.40 -9.13
CA ASN C 31 -7.36 -8.49 -10.22
C ASN C 31 -8.63 -8.24 -11.02
N GLY C 32 -9.55 -7.56 -10.38
CA GLY C 32 -10.90 -7.36 -10.89
C GLY C 32 -11.74 -8.64 -10.67
N THR C 33 -13.04 -8.51 -10.86
CA THR C 33 -13.94 -9.65 -10.84
C THR C 33 -15.12 -9.33 -11.77
N THR C 34 -16.08 -10.24 -11.84
CA THR C 34 -17.28 -9.98 -12.60
C THR C 34 -18.47 -10.25 -11.71
N TYR C 35 -19.59 -9.63 -12.04
CA TYR C 35 -20.88 -9.91 -11.41
C TYR C 35 -21.72 -10.47 -12.54
N ASN C 36 -21.81 -11.79 -12.58
CA ASN C 36 -22.48 -12.47 -13.67
C ASN C 36 -23.99 -12.50 -13.47
N ALA C 37 -24.69 -12.00 -14.46
CA ALA C 37 -26.15 -11.97 -14.56
C ALA C 37 -26.52 -12.59 -15.88
N TYR C 38 -27.68 -13.26 -15.93
CA TYR C 38 -28.07 -14.02 -17.14
C TYR C 38 -29.48 -13.75 -17.56
N LEU C 39 -29.74 -13.77 -18.86
CA LEU C 39 -31.09 -13.54 -19.40
C LEU C 39 -31.47 -14.80 -20.10
N VAL C 40 -32.59 -15.38 -19.76
CA VAL C 40 -33.11 -16.57 -20.42
C VAL C 40 -34.39 -16.15 -21.18
N PHE C 41 -34.37 -16.26 -22.51
CA PHE C 41 -35.49 -15.93 -23.36
C PHE C 41 -36.25 -17.17 -23.69
N GLY C 42 -37.40 -17.35 -23.07
CA GLY C 42 -38.30 -18.41 -23.50
C GLY C 42 -39.08 -17.86 -24.68
N ASP C 43 -40.03 -18.62 -25.19
CA ASP C 43 -40.88 -18.18 -26.29
C ASP C 43 -41.74 -17.00 -25.90
N ASP C 44 -42.24 -17.01 -24.66
CA ASP C 44 -43.17 -16.04 -24.14
C ASP C 44 -42.59 -15.10 -23.08
N LYS C 45 -41.73 -15.59 -22.18
CA LYS C 45 -41.24 -14.74 -21.11
C LYS C 45 -39.72 -14.72 -21.07
N VAL C 46 -39.16 -13.61 -20.58
CA VAL C 46 -37.72 -13.46 -20.39
C VAL C 46 -37.46 -13.42 -18.92
N ALA C 47 -36.44 -14.14 -18.44
CA ALA C 47 -36.07 -14.11 -17.02
C ALA C 47 -34.68 -13.54 -16.84
N LEU C 48 -34.50 -12.63 -15.86
CA LEU C 48 -33.18 -12.15 -15.50
C LEU C 48 -32.75 -12.88 -14.21
N ILE C 49 -31.58 -13.52 -14.25
CA ILE C 49 -31.01 -14.32 -13.11
C ILE C 49 -29.87 -13.55 -12.52
N ASP C 50 -30.10 -13.02 -11.32
CA ASP C 50 -29.18 -12.18 -10.60
C ASP C 50 -28.87 -10.87 -11.34
N ASN C 51 -28.14 -9.98 -10.67
CA ASN C 51 -27.84 -8.69 -11.29
C ASN C 51 -26.46 -8.23 -10.85
N THR C 52 -26.27 -7.09 -10.14
CA THR C 52 -24.91 -6.61 -9.91
C THR C 52 -24.84 -5.66 -8.73
N TYR C 53 -23.63 -5.28 -8.40
CA TYR C 53 -23.31 -4.41 -7.28
C TYR C 53 -23.92 -3.02 -7.41
N PRO C 54 -24.36 -2.34 -6.32
CA PRO C 54 -24.93 -1.00 -6.49
C PRO C 54 -24.01 -0.04 -7.19
N GLY C 55 -24.56 0.72 -8.14
CA GLY C 55 -23.80 1.71 -8.90
C GLY C 55 -23.04 1.18 -10.09
N THR C 56 -23.16 -0.12 -10.41
CA THR C 56 -22.43 -0.74 -11.53
C THR C 56 -23.38 -1.25 -12.61
N SER C 57 -24.66 -0.85 -12.59
CA SER C 57 -25.62 -1.37 -13.55
C SER C 57 -25.47 -0.89 -14.99
N ALA C 58 -24.67 0.17 -15.26
CA ALA C 58 -24.58 0.71 -16.64
C ALA C 58 -24.27 -0.39 -17.66
N GLN C 59 -23.28 -1.21 -17.39
CA GLN C 59 -22.96 -2.29 -18.34
C GLN C 59 -24.10 -3.28 -18.47
N MET C 60 -24.70 -3.70 -17.34
CA MET C 60 -25.77 -4.68 -17.34
C MET C 60 -26.94 -4.22 -18.24
N TRP C 61 -27.39 -2.98 -18.07
CA TRP C 61 -28.49 -2.46 -18.89
C TRP C 61 -28.15 -2.43 -20.37
N GLY C 62 -26.90 -2.10 -20.70
CA GLY C 62 -26.45 -2.09 -22.09
C GLY C 62 -26.50 -3.49 -22.69
N ARG C 63 -26.06 -4.50 -21.92
CA ARG C 63 -26.04 -5.89 -22.39
C ARG C 63 -27.47 -6.47 -22.48
N ILE C 64 -28.35 -6.10 -21.55
CA ILE C 64 -29.74 -6.53 -21.61
C ILE C 64 -30.36 -5.98 -22.90
N LYS C 65 -30.15 -4.70 -23.15
CA LYS C 65 -30.69 -4.08 -24.39
C LYS C 65 -30.13 -4.75 -25.65
N ASP C 66 -28.82 -5.02 -25.65
CA ASP C 66 -28.18 -5.70 -26.77
C ASP C 66 -28.74 -7.10 -27.01
N ALA C 67 -28.91 -7.92 -25.93
CA ALA C 67 -29.43 -9.28 -26.05
C ALA C 67 -30.83 -9.25 -26.63
N CYS C 68 -31.69 -8.34 -26.13
CA CYS C 68 -33.07 -8.19 -26.67
C CYS C 68 -33.01 -7.90 -28.16
N GLU C 69 -32.14 -6.95 -28.56
CA GLU C 69 -31.99 -6.57 -29.97
C GLU C 69 -31.50 -7.75 -30.82
N LYS C 70 -30.54 -8.55 -30.31
CA LYS C 70 -30.05 -9.74 -31.01
C LYS C 70 -31.12 -10.80 -31.19
N GLU C 71 -32.02 -10.92 -30.22
CA GLU C 71 -33.14 -11.87 -30.25
C GLU C 71 -34.33 -11.34 -31.07
N GLY C 72 -34.34 -10.07 -31.44
CA GLY C 72 -35.46 -9.46 -32.14
C GLY C 72 -36.65 -9.32 -31.20
N ARG C 73 -36.38 -9.00 -29.90
CA ARG C 73 -37.38 -8.89 -28.88
C ARG C 73 -37.44 -7.49 -28.32
N GLU C 74 -38.57 -7.12 -27.80
CA GLU C 74 -38.70 -5.83 -27.12
C GLU C 74 -37.84 -5.80 -25.86
N PHE C 75 -37.54 -4.59 -25.39
CA PHE C 75 -36.77 -4.42 -24.16
C PHE C 75 -37.74 -4.64 -22.99
N LYS C 76 -37.80 -5.89 -22.50
CA LYS C 76 -38.70 -6.27 -21.42
C LYS C 76 -38.17 -7.49 -20.65
N ILE C 77 -38.30 -7.43 -19.32
CA ILE C 77 -37.99 -8.50 -18.38
C ILE C 77 -39.32 -8.89 -17.78
N ASP C 78 -39.63 -10.17 -17.83
CA ASP C 78 -40.88 -10.69 -17.25
C ASP C 78 -40.75 -11.28 -15.87
N VAL C 79 -39.59 -11.86 -15.55
CA VAL C 79 -39.35 -12.61 -14.31
C VAL C 79 -37.97 -12.21 -13.83
N ILE C 80 -37.83 -11.95 -12.52
CA ILE C 80 -36.57 -11.61 -11.91
C ILE C 80 -36.27 -12.74 -10.92
N VAL C 81 -35.06 -13.27 -11.00
CA VAL C 81 -34.61 -14.34 -10.11
C VAL C 81 -33.48 -13.78 -9.29
N GLN C 82 -33.58 -13.96 -7.96
CA GLN C 82 -32.56 -13.54 -7.04
C GLN C 82 -32.05 -14.81 -6.34
N ASN C 83 -30.89 -15.34 -6.80
CA ASN C 83 -30.32 -16.54 -6.17
C ASN C 83 -29.66 -16.24 -4.85
N HIS C 84 -29.53 -14.97 -4.47
CA HIS C 84 -28.88 -14.58 -3.23
C HIS C 84 -29.31 -13.17 -2.89
N VAL C 85 -29.14 -12.80 -1.64
CA VAL C 85 -29.46 -11.44 -1.17
C VAL C 85 -28.30 -10.47 -1.26
N GLU C 86 -27.06 -10.98 -1.11
CA GLU C 86 -25.88 -10.12 -1.03
C GLU C 86 -25.84 -9.12 -2.18
N LYS C 87 -25.44 -7.91 -1.87
CA LYS C 87 -25.52 -6.75 -2.78
C LYS C 87 -24.69 -6.87 -4.06
N ASP C 88 -23.68 -7.76 -4.13
CA ASP C 88 -22.94 -7.96 -5.37
C ASP C 88 -23.81 -8.63 -6.43
N HIS C 89 -24.95 -9.26 -6.04
CA HIS C 89 -25.87 -9.89 -6.99
C HIS C 89 -27.30 -9.31 -6.94
N SER C 90 -27.62 -8.41 -5.98
CA SER C 90 -28.97 -7.85 -5.85
C SER C 90 -28.97 -6.35 -5.84
N GLY C 91 -27.79 -5.70 -5.99
CA GLY C 91 -27.64 -4.26 -5.91
C GLY C 91 -28.44 -3.44 -6.89
N ALA C 92 -28.76 -4.01 -8.04
CA ALA C 92 -29.56 -3.30 -9.07
C ALA C 92 -31.03 -3.68 -8.97
N LEU C 93 -31.44 -4.54 -8.01
CA LEU C 93 -32.85 -4.94 -7.91
C LEU C 93 -33.80 -3.76 -7.76
N PRO C 94 -33.47 -2.71 -6.97
CA PRO C 94 -34.37 -1.57 -6.88
C PRO C 94 -34.60 -0.86 -8.23
N GLU C 95 -33.55 -0.80 -9.08
CA GLU C 95 -33.67 -0.23 -10.43
C GLU C 95 -34.48 -1.13 -11.35
N ILE C 96 -34.25 -2.46 -11.26
CA ILE C 96 -34.94 -3.40 -12.13
C ILE C 96 -36.44 -3.42 -11.78
N HIS C 97 -36.75 -3.43 -10.48
CA HIS C 97 -38.15 -3.39 -10.03
C HIS C 97 -38.81 -2.08 -10.43
N LYS C 98 -38.11 -0.95 -10.37
CA LYS C 98 -38.67 0.34 -10.80
C LYS C 98 -38.99 0.36 -12.32
N LYS C 99 -38.15 -0.27 -13.14
CA LYS C 99 -38.38 -0.31 -14.59
C LYS C 99 -39.45 -1.31 -14.98
N PHE C 100 -39.52 -2.46 -14.28
CA PHE C 100 -40.45 -3.55 -14.56
C PHE C 100 -41.18 -3.92 -13.28
N PRO C 101 -42.06 -3.02 -12.76
CA PRO C 101 -42.70 -3.25 -11.46
C PRO C 101 -43.68 -4.40 -11.35
N GLU C 102 -44.10 -4.99 -12.47
CA GLU C 102 -45.02 -6.13 -12.43
C GLU C 102 -44.27 -7.45 -12.59
N ALA C 103 -42.94 -7.44 -12.81
CA ALA C 103 -42.19 -8.66 -12.98
C ALA C 103 -42.02 -9.32 -11.60
N PRO C 104 -42.55 -10.55 -11.37
CA PRO C 104 -42.38 -11.17 -10.06
C PRO C 104 -40.90 -11.44 -9.76
N ILE C 105 -40.58 -11.44 -8.48
CA ILE C 105 -39.21 -11.65 -7.99
C ILE C 105 -39.21 -13.00 -7.27
N TYR C 106 -38.54 -14.00 -7.85
CA TYR C 106 -38.43 -15.33 -7.29
C TYR C 106 -37.20 -15.41 -6.41
N CYS C 107 -37.40 -15.78 -5.15
CA CYS C 107 -36.32 -15.89 -4.17
C CYS C 107 -36.85 -16.71 -2.97
N THR C 108 -36.01 -16.99 -1.98
CA THR C 108 -36.44 -17.75 -0.80
C THR C 108 -37.17 -16.84 0.16
N GLU C 109 -37.85 -17.41 1.15
CA GLU C 109 -38.58 -16.63 2.13
C GLU C 109 -37.69 -15.70 2.92
N VAL C 110 -36.52 -16.19 3.37
CA VAL C 110 -35.57 -15.35 4.08
C VAL C 110 -35.05 -14.27 3.16
N ALA C 111 -34.86 -14.61 1.90
CA ALA C 111 -34.35 -13.62 0.96
C ALA C 111 -35.27 -12.41 0.82
N VAL C 112 -36.58 -12.57 0.95
CA VAL C 112 -37.50 -11.44 0.89
C VAL C 112 -37.18 -10.46 2.03
N GLU C 113 -37.01 -10.99 3.22
CA GLU C 113 -36.72 -10.17 4.40
C GLU C 113 -35.37 -9.44 4.28
N GLY C 114 -34.36 -10.15 3.80
CA GLY C 114 -33.03 -9.61 3.58
C GLY C 114 -32.98 -8.57 2.49
N LEU C 115 -33.73 -8.78 1.39
CA LEU C 115 -33.78 -7.79 0.28
C LEU C 115 -34.48 -6.51 0.69
N VAL C 116 -35.59 -6.62 1.43
CA VAL C 116 -36.30 -5.45 1.92
C VAL C 116 -35.49 -4.71 3.00
N LYS C 117 -34.67 -5.41 3.77
CA LYS C 117 -33.81 -4.74 4.76
C LYS C 117 -32.73 -3.92 4.02
N HIS C 118 -32.16 -4.47 2.95
CA HIS C 118 -31.17 -3.74 2.13
C HIS C 118 -31.86 -2.59 1.40
N PHE C 119 -33.01 -2.88 0.76
CA PHE C 119 -33.69 -1.96 -0.14
C PHE C 119 -35.15 -1.76 0.28
N PRO C 120 -35.44 -0.78 1.14
CA PRO C 120 -36.83 -0.54 1.54
C PRO C 120 -37.83 -0.21 0.43
N SER C 121 -37.36 0.27 -0.74
CA SER C 121 -38.25 0.56 -1.85
C SER C 121 -38.87 -0.74 -2.43
N LEU C 122 -38.34 -1.93 -2.04
CA LEU C 122 -38.88 -3.23 -2.47
C LEU C 122 -40.04 -3.67 -1.58
N LYS C 123 -40.42 -2.88 -0.56
CA LYS C 123 -41.58 -3.22 0.25
C LYS C 123 -42.79 -3.08 -0.68
N GLY C 124 -43.57 -4.13 -0.79
CA GLY C 124 -44.72 -4.15 -1.70
C GLY C 124 -44.39 -4.60 -3.10
N ALA C 125 -43.14 -5.03 -3.39
CA ALA C 125 -42.78 -5.57 -4.71
C ALA C 125 -43.39 -6.96 -4.84
N PRO C 126 -43.61 -7.47 -6.07
CA PRO C 126 -44.25 -8.79 -6.23
C PRO C 126 -43.34 -10.00 -6.03
N PHE C 127 -42.94 -10.24 -4.78
CA PHE C 127 -42.11 -11.41 -4.46
C PHE C 127 -42.89 -12.71 -4.57
N LYS C 128 -42.25 -13.75 -5.10
CA LYS C 128 -42.79 -15.07 -5.26
C LYS C 128 -41.86 -16.00 -4.51
N VAL C 129 -42.27 -16.42 -3.31
CA VAL C 129 -41.41 -17.23 -2.45
C VAL C 129 -41.26 -18.65 -2.98
N VAL C 130 -40.01 -19.16 -3.01
CA VAL C 130 -39.64 -20.51 -3.46
C VAL C 130 -39.39 -21.41 -2.21
N LYS C 131 -39.92 -22.65 -2.23
CA LYS C 131 -39.71 -23.69 -1.18
C LYS C 131 -38.82 -24.90 -1.59
N SER C 132 -38.37 -24.94 -2.88
CA SER C 132 -37.47 -25.94 -3.50
C SER C 132 -38.18 -26.87 -4.43
N LEU C 133 -37.47 -27.28 -5.49
CA LEU C 133 -37.95 -28.11 -6.57
C LEU C 133 -39.15 -27.45 -7.32
N GLU C 134 -39.36 -26.09 -7.17
CA GLU C 134 -40.45 -25.37 -7.85
C GLU C 134 -39.99 -24.99 -9.23
N SER C 135 -40.88 -25.09 -10.21
CA SER C 135 -40.55 -24.75 -11.59
C SER C 135 -41.50 -23.76 -12.20
N ILE C 136 -41.00 -23.01 -13.17
CA ILE C 136 -41.78 -22.07 -13.96
C ILE C 136 -41.48 -22.29 -15.42
N ASP C 137 -42.48 -22.04 -16.28
CA ASP C 137 -42.38 -22.22 -17.72
C ASP C 137 -42.29 -20.86 -18.38
N LEU C 138 -41.22 -20.64 -19.14
CA LEU C 138 -41.04 -19.39 -19.91
C LEU C 138 -41.49 -19.53 -21.36
N GLY C 139 -41.90 -20.72 -21.76
CA GLY C 139 -42.33 -21.02 -23.12
C GLY C 139 -41.25 -21.80 -23.82
N GLY C 140 -41.27 -23.12 -23.66
CA GLY C 140 -40.26 -24.00 -24.23
C GLY C 140 -38.99 -24.10 -23.40
N LYS C 141 -38.85 -23.26 -22.34
CA LYS C 141 -37.71 -23.32 -21.42
C LYS C 141 -38.29 -23.35 -20.01
N THR C 142 -37.73 -24.18 -19.13
CA THR C 142 -38.19 -24.35 -17.74
C THR C 142 -37.11 -23.97 -16.79
N LEU C 143 -37.44 -23.13 -15.77
CA LEU C 143 -36.50 -22.80 -14.71
C LEU C 143 -36.96 -23.50 -13.45
N THR C 144 -36.06 -24.24 -12.78
CA THR C 144 -36.34 -24.97 -11.54
C THR C 144 -35.51 -24.34 -10.45
N PHE C 145 -36.17 -23.85 -9.41
CA PHE C 145 -35.51 -23.18 -8.29
C PHE C 145 -35.29 -24.22 -7.20
N LEU C 146 -34.06 -24.25 -6.65
CA LEU C 146 -33.65 -25.20 -5.62
C LEU C 146 -33.22 -24.36 -4.42
N GLU C 147 -34.02 -24.35 -3.35
CA GLU C 147 -33.79 -23.54 -2.14
C GLU C 147 -32.54 -24.00 -1.38
N ALA C 148 -31.75 -23.03 -0.87
CA ALA C 148 -30.57 -23.25 -0.03
C ALA C 148 -29.85 -24.60 -0.31
N PRO C 149 -29.27 -24.74 -1.50
CA PRO C 149 -28.65 -26.02 -1.89
C PRO C 149 -27.43 -26.44 -1.05
N LEU C 150 -26.60 -25.47 -0.65
CA LEU C 150 -25.44 -25.71 0.23
C LEU C 150 -25.90 -25.68 1.69
N LEU C 151 -27.22 -25.41 1.95
CA LEU C 151 -27.89 -25.48 3.24
C LEU C 151 -27.64 -24.32 4.20
N HIS C 152 -26.42 -23.88 4.30
CA HIS C 152 -26.01 -22.88 5.30
C HIS C 152 -26.59 -21.52 5.12
N TRP C 153 -26.82 -21.08 3.88
CA TRP C 153 -27.34 -19.73 3.62
C TRP C 153 -28.79 -19.83 3.21
N PRO C 154 -29.75 -19.56 4.11
CA PRO C 154 -31.17 -19.71 3.71
C PRO C 154 -31.64 -18.68 2.70
N ASP C 155 -30.82 -17.64 2.45
CA ASP C 155 -31.11 -16.57 1.48
C ASP C 155 -30.81 -17.00 0.05
N SER C 156 -30.14 -18.13 -0.13
CA SER C 156 -29.66 -18.53 -1.45
C SER C 156 -30.41 -19.64 -2.09
N MET C 157 -30.27 -19.73 -3.39
CA MET C 157 -30.81 -20.84 -4.15
C MET C 157 -29.97 -21.06 -5.38
N PHE C 158 -30.21 -22.18 -6.07
CA PHE C 158 -29.66 -22.46 -7.39
C PHE C 158 -30.85 -22.40 -8.31
N THR C 159 -30.63 -22.05 -9.58
CA THR C 159 -31.69 -22.09 -10.60
C THR C 159 -31.15 -23.00 -11.69
N LEU C 160 -31.94 -23.95 -12.13
CA LEU C 160 -31.56 -24.86 -13.21
C LEU C 160 -32.42 -24.60 -14.43
N TYR C 161 -31.80 -24.35 -15.61
CA TYR C 161 -32.53 -24.28 -16.88
C TYR C 161 -32.50 -25.75 -17.33
N ALA C 162 -33.60 -26.46 -17.06
CA ALA C 162 -33.71 -27.91 -17.21
C ALA C 162 -33.41 -28.47 -18.59
N GLU C 163 -33.94 -27.85 -19.66
CA GLU C 163 -33.82 -28.41 -21.01
C GLU C 163 -32.38 -28.49 -21.52
N GLU C 164 -31.54 -27.52 -21.18
CA GLU C 164 -30.11 -27.51 -21.59
C GLU C 164 -29.17 -27.93 -20.45
N GLY C 165 -29.69 -28.13 -19.25
CA GLY C 165 -28.88 -28.52 -18.12
C GLY C 165 -27.91 -27.44 -17.66
N ILE C 166 -28.32 -26.15 -17.70
CA ILE C 166 -27.46 -25.06 -17.28
C ILE C 166 -27.82 -24.74 -15.83
N LEU C 167 -26.87 -24.88 -14.94
CA LEU C 167 -27.06 -24.59 -13.52
C LEU C 167 -26.53 -23.20 -13.19
N PHE C 168 -27.41 -22.30 -12.75
CA PHE C 168 -27.02 -20.95 -12.29
C PHE C 168 -26.82 -21.14 -10.79
N SER C 169 -25.55 -21.28 -10.41
CA SER C 169 -25.16 -21.70 -9.08
C SER C 169 -24.81 -20.57 -8.10
N ASN C 170 -24.97 -19.32 -8.50
CA ASN C 170 -24.58 -18.15 -7.73
C ASN C 170 -23.13 -18.30 -7.27
N ASP C 171 -22.76 -18.00 -6.02
CA ASP C 171 -21.34 -18.02 -5.68
C ASP C 171 -20.72 -19.41 -5.73
N ALA C 172 -21.51 -20.49 -5.59
CA ALA C 172 -20.93 -21.84 -5.68
C ALA C 172 -20.28 -22.03 -7.01
N PHE C 173 -19.02 -22.50 -7.02
CA PHE C 173 -18.22 -22.72 -8.25
C PHE C 173 -17.74 -21.44 -8.91
N GLY C 174 -17.86 -20.32 -8.21
CA GLY C 174 -17.42 -19.05 -8.77
C GLY C 174 -15.94 -18.88 -8.60
N GLN C 175 -15.41 -17.91 -9.31
CA GLN C 175 -14.00 -17.52 -9.19
C GLN C 175 -13.89 -16.02 -9.42
N HIS C 176 -12.99 -15.36 -8.69
CA HIS C 176 -12.85 -13.92 -8.84
C HIS C 176 -11.82 -13.64 -9.94
N LEU C 177 -12.30 -13.60 -11.19
CA LEU C 177 -11.51 -13.33 -12.38
C LEU C 177 -12.23 -12.38 -13.28
N CYS C 178 -11.51 -11.48 -13.96
CA CYS C 178 -12.11 -10.52 -14.87
C CYS C 178 -11.39 -10.51 -16.19
N PHE C 179 -11.89 -11.33 -17.12
CA PHE C 179 -11.40 -11.45 -18.47
C PHE C 179 -12.50 -11.11 -19.46
N THR C 180 -12.10 -10.74 -20.69
CA THR C 180 -13.06 -10.54 -21.77
C THR C 180 -13.63 -11.93 -22.17
N GLN C 181 -12.82 -12.98 -21.97
CA GLN C 181 -13.23 -14.38 -22.27
C GLN C 181 -14.22 -14.80 -21.17
N ARG C 182 -15.31 -15.46 -21.52
CA ARG C 182 -16.37 -15.83 -20.55
C ARG C 182 -16.35 -17.27 -20.07
N PHE C 183 -15.75 -18.20 -20.86
CA PHE C 183 -15.80 -19.61 -20.54
C PHE C 183 -14.52 -20.16 -19.97
N ASP C 184 -14.66 -21.22 -19.17
CA ASP C 184 -13.54 -21.89 -18.55
C ASP C 184 -12.41 -22.26 -19.51
N HIS C 185 -12.79 -22.77 -20.68
CA HIS C 185 -11.83 -23.25 -21.65
C HIS C 185 -11.07 -22.17 -22.43
N GLU C 186 -11.41 -20.89 -22.27
CA GLU C 186 -10.79 -19.79 -23.04
C GLU C 186 -9.63 -19.12 -22.33
N ILE C 187 -9.29 -19.59 -21.12
CA ILE C 187 -8.17 -19.06 -20.37
C ILE C 187 -7.26 -20.20 -19.92
N PRO C 188 -6.01 -19.89 -19.53
CA PRO C 188 -5.12 -20.95 -19.06
C PRO C 188 -5.70 -21.71 -17.87
N GLU C 189 -5.64 -23.03 -17.94
CA GLU C 189 -6.16 -23.90 -16.88
C GLU C 189 -5.59 -23.59 -15.51
N ASN C 190 -4.29 -23.26 -15.39
CA ASN C 190 -3.71 -22.94 -14.10
CA ASN C 190 -3.78 -23.01 -14.05
C ASN C 190 -4.33 -21.69 -13.49
N ILE C 191 -4.66 -20.71 -14.32
CA ILE C 191 -5.28 -19.47 -13.79
C ILE C 191 -6.67 -19.80 -13.27
N LEU C 192 -7.42 -20.54 -14.03
CA LEU C 192 -8.78 -20.93 -13.66
C LEU C 192 -8.79 -21.76 -12.38
N MET C 193 -7.95 -22.81 -12.32
CA MET C 193 -7.95 -23.73 -11.18
C MET C 193 -7.32 -23.10 -9.93
N ASP C 194 -6.34 -22.20 -10.09
CA ASP C 194 -5.77 -21.44 -8.95
C ASP C 194 -6.85 -20.50 -8.40
N ALA C 195 -7.59 -19.80 -9.26
CA ALA C 195 -8.67 -18.93 -8.81
C ALA C 195 -9.80 -19.73 -8.13
N ASN C 196 -10.12 -20.89 -8.65
CA ASN C 196 -11.13 -21.75 -8.05
C ASN C 196 -10.66 -22.23 -6.68
N GLN C 197 -9.37 -22.55 -6.54
CA GLN C 197 -8.82 -23.03 -5.30
C GLN C 197 -8.89 -21.91 -4.26
N LYS C 198 -8.58 -20.70 -4.66
CA LYS C 198 -8.63 -19.51 -3.78
C LYS C 198 -10.07 -19.27 -3.31
N PHE C 199 -11.02 -19.43 -4.21
CA PHE C 199 -12.44 -19.21 -3.91
C PHE C 199 -12.93 -20.28 -2.92
N TYR C 200 -12.63 -21.54 -3.18
CA TYR C 200 -12.97 -22.58 -2.21
C TYR C 200 -12.32 -22.31 -0.83
N ALA C 201 -11.02 -22.06 -0.81
CA ALA C 201 -10.27 -21.90 0.43
C ALA C 201 -10.84 -20.79 1.32
N ASN C 202 -11.21 -19.69 0.72
CA ASN C 202 -11.66 -18.51 1.47
C ASN C 202 -13.15 -18.52 1.77
N LEU C 203 -13.95 -19.17 0.94
CA LEU C 203 -15.41 -19.09 1.06
C LEU C 203 -16.13 -20.40 1.28
N ILE C 204 -15.55 -21.57 0.92
CA ILE C 204 -16.27 -22.84 1.05
C ILE C 204 -15.73 -23.73 2.14
N THR C 205 -14.44 -23.61 2.51
CA THR C 205 -13.82 -24.48 3.54
C THR C 205 -14.72 -24.83 4.72
N PRO C 206 -15.29 -23.83 5.46
CA PRO C 206 -16.10 -24.20 6.64
C PRO C 206 -17.38 -24.97 6.32
N LEU C 207 -17.82 -24.97 5.06
CA LEU C 207 -19.02 -25.68 4.59
C LEU C 207 -18.65 -27.04 3.97
N SER C 208 -17.42 -27.51 4.14
CA SER C 208 -16.95 -28.77 3.53
C SER C 208 -17.81 -29.98 3.83
N LYS C 209 -18.26 -30.15 5.08
CA LYS C 209 -19.11 -31.32 5.40
C LYS C 209 -20.43 -31.24 4.64
N LEU C 210 -20.96 -30.02 4.44
CA LEU C 210 -22.22 -29.80 3.70
C LEU C 210 -22.03 -30.05 2.22
N VAL C 211 -20.84 -29.74 1.69
CA VAL C 211 -20.54 -29.98 0.28
C VAL C 211 -20.60 -31.49 0.01
N LEU C 212 -19.96 -32.28 0.85
CA LEU C 212 -19.96 -33.75 0.74
C LEU C 212 -21.36 -34.34 0.88
N LYS C 213 -22.11 -33.85 1.87
CA LYS C 213 -23.48 -34.31 2.10
C LYS C 213 -24.33 -34.02 0.86
N LYS C 214 -24.24 -32.79 0.32
CA LYS C 214 -24.97 -32.37 -0.87
C LYS C 214 -24.56 -33.17 -2.12
N PHE C 215 -23.27 -33.36 -2.32
CA PHE C 215 -22.80 -34.14 -3.46
C PHE C 215 -23.23 -35.61 -3.40
N LYS C 216 -23.15 -36.24 -2.21
CA LYS C 216 -23.56 -37.63 -1.98
C LYS C 216 -25.03 -37.80 -2.32
N GLU C 217 -25.85 -36.81 -1.93
CA GLU C 217 -27.29 -36.78 -2.22
C GLU C 217 -27.49 -36.71 -3.73
N VAL C 218 -26.85 -35.71 -4.39
CA VAL C 218 -26.92 -35.48 -5.86
C VAL C 218 -26.46 -36.73 -6.68
N ILE C 219 -25.42 -37.45 -6.24
CA ILE C 219 -24.86 -38.61 -6.96
C ILE C 219 -25.76 -39.84 -6.86
N GLU C 220 -26.23 -40.20 -5.65
CA GLU C 220 -27.11 -41.38 -5.52
C GLU C 220 -28.45 -41.12 -6.25
N LEU C 221 -28.99 -39.90 -6.17
CA LEU C 221 -30.23 -39.53 -6.85
C LEU C 221 -30.04 -39.50 -8.40
N GLY C 222 -28.84 -39.16 -8.87
CA GLY C 222 -28.54 -39.08 -10.30
C GLY C 222 -28.80 -37.73 -10.96
N LEU C 223 -28.92 -36.63 -10.17
CA LEU C 223 -29.11 -35.27 -10.72
C LEU C 223 -27.79 -34.77 -11.32
N LEU C 224 -26.66 -35.32 -10.89
CA LEU C 224 -25.34 -34.89 -11.38
C LEU C 224 -25.28 -34.88 -12.91
N GLU C 225 -25.74 -35.96 -13.54
CA GLU C 225 -25.74 -36.12 -15.00
C GLU C 225 -26.65 -35.13 -15.75
N LYS C 226 -27.59 -34.45 -15.07
CA LYS C 226 -28.43 -33.45 -15.72
C LYS C 226 -27.68 -32.10 -15.84
N ILE C 227 -26.50 -31.95 -15.21
CA ILE C 227 -25.74 -30.69 -15.23
C ILE C 227 -24.75 -30.71 -16.41
N LYS C 228 -25.02 -29.91 -17.45
CA LYS C 228 -24.16 -29.78 -18.62
C LYS C 228 -23.27 -28.53 -18.57
N MET C 229 -23.63 -27.52 -17.76
CA MET C 229 -22.86 -26.30 -17.67
C MET C 229 -23.15 -25.71 -16.32
N ILE C 230 -22.17 -25.08 -15.71
CA ILE C 230 -22.36 -24.38 -14.44
C ILE C 230 -22.00 -22.94 -14.71
N ALA C 231 -22.97 -22.02 -14.50
CA ALA C 231 -22.85 -20.60 -14.77
C ALA C 231 -22.90 -19.88 -13.43
N PRO C 232 -21.74 -19.62 -12.79
CA PRO C 232 -21.74 -19.02 -11.45
C PRO C 232 -21.88 -17.53 -11.49
N SER C 233 -21.93 -16.91 -10.32
CA SER C 233 -22.10 -15.46 -10.24
C SER C 233 -20.83 -14.62 -10.36
N HIS C 234 -19.64 -15.25 -10.39
CA HIS C 234 -18.37 -14.57 -10.59
C HIS C 234 -17.51 -15.45 -11.47
N GLY C 235 -16.73 -14.82 -12.35
CA GLY C 235 -15.74 -15.50 -13.13
C GLY C 235 -16.27 -16.29 -14.29
N GLN C 236 -15.53 -17.30 -14.61
CA GLN C 236 -15.79 -18.13 -15.80
C GLN C 236 -16.96 -19.08 -15.67
N ILE C 237 -17.59 -19.39 -16.82
CA ILE C 237 -18.69 -20.33 -16.94
C ILE C 237 -18.07 -21.69 -17.25
N TRP C 238 -18.47 -22.74 -16.51
CA TRP C 238 -17.91 -24.06 -16.67
C TRP C 238 -18.63 -24.83 -17.73
N THR C 239 -17.96 -25.04 -18.85
CA THR C 239 -18.45 -25.90 -19.92
C THR C 239 -18.06 -27.33 -19.60
N ASP C 240 -17.16 -27.53 -18.61
CA ASP C 240 -16.75 -28.85 -18.12
C ASP C 240 -17.10 -28.89 -16.62
N PRO C 241 -18.40 -29.05 -16.28
CA PRO C 241 -18.79 -29.00 -14.87
C PRO C 241 -18.14 -30.06 -13.97
N MET C 242 -17.84 -31.25 -14.48
CA MET C 242 -17.15 -32.26 -13.65
C MET C 242 -15.76 -31.84 -13.19
N LYS C 243 -15.12 -30.90 -13.88
CA LYS C 243 -13.81 -30.42 -13.50
C LYS C 243 -13.90 -29.65 -12.17
N VAL C 244 -14.88 -28.75 -12.05
CA VAL C 244 -15.04 -27.97 -10.81
C VAL C 244 -15.68 -28.83 -9.71
N ILE C 245 -16.63 -29.69 -10.07
CA ILE C 245 -17.23 -30.61 -9.09
C ILE C 245 -16.15 -31.51 -8.48
N GLY C 246 -15.28 -32.10 -9.33
CA GLY C 246 -14.15 -32.91 -8.88
C GLY C 246 -13.22 -32.16 -7.95
N ALA C 247 -12.87 -30.90 -8.29
CA ALA C 247 -12.01 -30.08 -7.44
C ALA C 247 -12.67 -29.86 -6.07
N TYR C 248 -13.98 -29.52 -6.06
CA TYR C 248 -14.73 -29.32 -4.79
C TYR C 248 -14.73 -30.59 -3.95
N GLN C 249 -14.87 -31.78 -4.59
CA GLN C 249 -14.83 -33.05 -3.85
C GLN C 249 -13.47 -33.28 -3.22
N ASP C 250 -12.38 -32.97 -3.94
CA ASP C 250 -11.01 -33.12 -3.42
C ASP C 250 -10.77 -32.19 -2.26
N PHE C 251 -11.18 -30.93 -2.40
CA PHE C 251 -10.98 -29.94 -1.33
C PHE C 251 -11.85 -30.25 -0.12
N ALA C 252 -13.09 -30.71 -0.33
CA ALA C 252 -13.99 -31.05 0.78
C ALA C 252 -13.54 -32.31 1.56
N THR C 253 -12.77 -33.23 0.93
CA THR C 253 -12.31 -34.47 1.58
C THR C 253 -10.86 -34.40 2.07
N GLY C 254 -10.20 -33.26 1.93
CA GLY C 254 -8.84 -33.09 2.40
C GLY C 254 -7.75 -33.75 1.57
N LYS C 255 -7.91 -33.78 0.24
CA LYS C 255 -6.87 -34.31 -0.65
C LYS C 255 -5.84 -33.21 -0.82
N CYS C 256 -4.63 -33.42 -0.31
CA CYS C 256 -3.55 -32.44 -0.30
C CYS C 256 -2.32 -32.92 -1.06
N LYS C 257 -1.44 -31.97 -1.36
CA LYS C 257 -0.16 -32.25 -2.01
C LYS C 257 0.90 -32.43 -0.93
N ASP C 258 2.05 -32.98 -1.29
CA ASP C 258 3.22 -33.10 -0.39
C ASP C 258 3.78 -31.69 -0.42
N LYS C 259 3.20 -30.85 0.42
CA LYS C 259 3.47 -29.44 0.41
C LYS C 259 3.24 -28.85 1.79
N VAL C 260 4.01 -27.82 2.11
CA VAL C 260 3.97 -27.12 3.39
C VAL C 260 3.84 -25.64 3.11
N THR C 261 2.96 -24.95 3.85
CA THR C 261 2.83 -23.51 3.76
C THR C 261 3.46 -22.96 5.02
N ILE C 262 4.40 -22.00 4.87
CA ILE C 262 5.09 -21.37 5.97
C ILE C 262 4.69 -19.92 6.00
N VAL C 263 4.32 -19.43 7.18
CA VAL C 263 3.92 -18.04 7.32
C VAL C 263 4.69 -17.49 8.47
N TYR C 264 5.21 -16.29 8.35
CA TYR C 264 5.89 -15.69 9.50
C TYR C 264 5.81 -14.18 9.46
N ASP C 265 6.10 -13.56 10.60
CA ASP C 265 6.37 -12.13 10.66
C ASP C 265 7.66 -11.94 11.45
N THR C 266 8.31 -10.76 11.30
CA THR C 266 9.57 -10.49 11.95
C THR C 266 9.72 -8.97 12.14
N MET C 267 10.41 -8.59 13.18
CA MET C 267 10.75 -7.20 13.45
C MET C 267 12.22 -6.91 13.04
N HIS C 268 13.15 -7.78 13.48
CA HIS C 268 14.58 -7.65 13.23
C HIS C 268 15.19 -8.71 12.27
N GLY C 269 14.38 -9.64 11.78
CA GLY C 269 14.83 -10.65 10.85
C GLY C 269 15.15 -12.05 11.37
N SER C 270 15.16 -12.28 12.68
CA SER C 270 15.53 -13.61 13.21
C SER C 270 14.49 -14.70 12.91
N THR C 271 13.20 -14.38 13.04
CA THR C 271 12.15 -15.33 12.70
C THR C 271 12.18 -15.67 11.24
N GLN C 272 12.54 -14.66 10.38
CA GLN C 272 12.68 -14.89 8.94
C GLN C 272 13.75 -15.93 8.67
N LYS C 273 14.92 -15.79 9.30
CA LYS C 273 16.00 -16.76 9.16
C LYS C 273 15.55 -18.15 9.55
N MET C 274 14.82 -18.28 10.66
CA MET C 274 14.26 -19.57 11.07
C MET C 274 13.32 -20.13 10.02
N ALA C 275 12.39 -19.30 9.51
CA ALA C 275 11.43 -19.75 8.49
C ALA C 275 12.16 -20.30 7.28
N HIS C 276 13.15 -19.58 6.79
CA HIS C 276 13.91 -20.04 5.62
C HIS C 276 14.67 -21.34 5.91
N ALA C 277 15.18 -21.50 7.13
CA ALA C 277 15.88 -22.73 7.51
C ALA C 277 14.93 -23.92 7.57
N PHE C 278 13.70 -23.73 8.12
CA PHE C 278 12.72 -24.82 8.09
C PHE C 278 12.45 -25.22 6.65
N ALA C 279 12.30 -24.22 5.75
CA ALA C 279 12.02 -24.50 4.34
C ALA C 279 13.10 -25.35 3.71
N GLU C 280 14.37 -25.06 4.01
CA GLU C 280 15.50 -25.82 3.47
C GLU C 280 15.44 -27.31 3.87
N GLY C 281 15.04 -27.55 5.11
CA GLY C 281 14.87 -28.92 5.61
C GLY C 281 13.78 -29.65 4.89
N ILE C 282 12.65 -28.97 4.70
CA ILE C 282 11.50 -29.52 3.98
C ILE C 282 11.87 -29.81 2.56
N MET C 283 12.54 -28.85 1.90
CA MET C 283 12.94 -29.02 0.51
C MET C 283 13.93 -30.14 0.30
N SER C 284 14.79 -30.45 1.32
CA SER C 284 15.74 -31.54 1.20
C SER C 284 15.05 -32.90 1.01
N GLU C 285 13.78 -33.01 1.41
CA GLU C 285 12.97 -34.23 1.24
C GLU C 285 12.08 -34.23 -0.02
N GLY C 286 12.26 -33.26 -0.89
CA GLY C 286 11.46 -33.14 -2.10
C GLY C 286 10.03 -32.70 -1.86
N VAL C 287 9.74 -32.07 -0.71
CA VAL C 287 8.42 -31.56 -0.36
C VAL C 287 8.35 -30.05 -0.76
N ASP C 288 7.21 -29.63 -1.31
CA ASP C 288 7.06 -28.26 -1.79
C ASP C 288 6.85 -27.30 -0.63
N VAL C 289 7.27 -26.09 -0.83
CA VAL C 289 7.14 -25.01 0.17
C VAL C 289 6.56 -23.77 -0.48
N LYS C 290 5.60 -23.13 0.20
CA LYS C 290 5.12 -21.80 -0.13
C LYS C 290 5.46 -20.95 1.09
N MET C 291 6.09 -19.79 0.87
CA MET C 291 6.56 -18.92 1.96
C MET C 291 5.83 -17.61 1.93
N TYR C 292 5.27 -17.19 3.08
CA TYR C 292 4.51 -15.95 3.17
C TYR C 292 5.07 -15.12 4.32
N PHE C 293 5.20 -13.83 4.08
CA PHE C 293 5.71 -12.86 5.04
C PHE C 293 4.54 -11.95 5.38
N LEU C 294 4.02 -12.02 6.60
CA LEU C 294 2.81 -11.28 6.99
C LEU C 294 2.91 -9.77 6.91
N HIS C 295 4.12 -9.22 6.90
CA HIS C 295 4.31 -7.78 6.76
C HIS C 295 3.62 -7.26 5.50
N ASN C 296 3.73 -7.99 4.41
CA ASN C 296 3.13 -7.48 3.17
C ASN C 296 2.33 -8.50 2.35
N ASP C 297 2.13 -9.74 2.83
CA ASP C 297 1.35 -10.74 2.12
C ASP C 297 -0.09 -10.79 2.62
N GLU C 298 -0.95 -11.43 1.85
CA GLU C 298 -2.40 -11.40 2.05
C GLU C 298 -2.97 -12.66 2.63
N ARG C 299 -3.90 -12.53 3.59
CA ARG C 299 -4.55 -13.69 4.19
C ARG C 299 -5.23 -14.59 3.13
N SER C 300 -5.82 -13.98 2.08
CA SER C 300 -6.55 -14.78 1.09
C SER C 300 -5.67 -15.66 0.23
N GLU C 301 -4.42 -15.25 -0.04
CA GLU C 301 -3.48 -16.10 -0.75
C GLU C 301 -2.94 -17.18 0.21
N ILE C 302 -2.69 -16.81 1.45
CA ILE C 302 -2.17 -17.79 2.43
C ILE C 302 -3.10 -18.97 2.53
N VAL C 303 -4.40 -18.72 2.74
CA VAL C 303 -5.34 -19.82 2.97
C VAL C 303 -5.56 -20.64 1.70
N LYS C 304 -5.40 -20.04 0.51
CA LYS C 304 -5.42 -20.77 -0.76
C LYS C 304 -4.38 -21.90 -0.72
N ASP C 305 -3.16 -21.56 -0.26
CA ASP C 305 -2.09 -22.54 -0.22
C ASP C 305 -2.23 -23.52 0.95
N ILE C 306 -2.76 -23.09 2.09
CA ILE C 306 -3.04 -24.03 3.19
C ILE C 306 -3.99 -25.15 2.73
N LEU C 307 -4.97 -24.80 1.88
CA LEU C 307 -5.98 -25.75 1.45
C LEU C 307 -5.43 -27.02 0.85
N ASP C 308 -4.36 -26.95 0.06
CA ASP C 308 -3.83 -28.22 -0.47
C ASP C 308 -2.44 -28.57 0.12
N SER C 309 -2.10 -27.99 1.30
CA SER C 309 -0.88 -28.28 2.03
C SER C 309 -1.21 -29.30 3.14
N LYS C 310 -0.32 -30.26 3.38
CA LYS C 310 -0.48 -31.22 4.47
C LYS C 310 0.04 -30.67 5.78
N ALA C 311 0.83 -29.57 5.74
CA ALA C 311 1.35 -28.94 6.95
C ALA C 311 1.41 -27.47 6.82
N PHE C 312 1.39 -26.79 7.97
CA PHE C 312 1.36 -25.34 8.07
C PHE C 312 2.25 -24.91 9.20
N LEU C 313 3.23 -24.05 8.91
CA LEU C 313 4.16 -23.55 9.91
C LEU C 313 3.81 -22.08 10.17
N LEU C 314 3.77 -21.66 11.43
CA LEU C 314 3.50 -20.26 11.76
C LEU C 314 4.56 -19.75 12.74
N GLY C 315 5.22 -18.67 12.37
CA GLY C 315 6.26 -18.09 13.19
C GLY C 315 6.11 -16.61 13.43
N ALA C 316 6.52 -16.21 14.60
CA ALA C 316 6.52 -14.80 14.98
C ALA C 316 7.33 -14.57 16.21
N PRO C 317 7.95 -13.38 16.33
CA PRO C 317 8.69 -13.05 17.55
C PRO C 317 7.73 -12.66 18.67
N THR C 318 8.27 -12.59 19.90
CA THR C 318 7.49 -12.15 21.05
C THR C 318 7.63 -10.66 21.23
N ILE C 319 6.49 -10.00 21.49
CA ILE C 319 6.40 -8.58 21.77
C ILE C 319 5.45 -8.44 22.94
N TYR C 320 5.96 -8.00 24.08
CA TYR C 320 5.22 -7.88 25.34
C TYR C 320 4.40 -9.14 25.68
N ASP C 321 5.11 -10.28 25.72
CA ASP C 321 4.60 -11.60 26.06
C ASP C 321 3.67 -12.23 25.05
N GLU C 322 3.36 -11.57 23.94
CA GLU C 322 2.45 -12.08 22.93
C GLU C 322 3.17 -12.25 21.62
N PRO C 323 2.65 -13.07 20.70
CA PRO C 323 3.26 -13.12 19.36
C PRO C 323 2.98 -11.81 18.62
N PHE C 324 3.86 -11.46 17.66
CA PHE C 324 3.73 -10.25 16.83
C PHE C 324 2.27 -10.13 16.33
N PRO C 325 1.59 -8.97 16.50
CA PRO C 325 0.12 -8.98 16.34
C PRO C 325 -0.46 -9.31 14.98
N SER C 326 0.30 -9.18 13.90
CA SER C 326 -0.19 -9.54 12.56
C SER C 326 -0.70 -10.98 12.50
N VAL C 327 -0.17 -11.87 13.35
CA VAL C 327 -0.64 -13.27 13.36
C VAL C 327 -2.10 -13.38 13.84
N GLY C 328 -2.55 -12.44 14.65
CA GLY C 328 -3.91 -12.44 15.15
C GLY C 328 -4.95 -12.32 14.06
N ASP C 329 -4.63 -11.59 12.98
CA ASP C 329 -5.55 -11.46 11.88
C ASP C 329 -5.69 -12.81 11.18
N LEU C 330 -4.57 -13.44 10.89
CA LEU C 330 -4.61 -14.74 10.23
C LEU C 330 -5.29 -15.79 11.11
N ILE C 331 -4.97 -15.79 12.42
CA ILE C 331 -5.58 -16.72 13.36
C ILE C 331 -7.13 -16.53 13.42
N TYR C 332 -7.61 -15.29 13.50
CA TYR C 332 -9.07 -15.04 13.49
C TYR C 332 -9.70 -15.56 12.21
N TYR C 333 -9.02 -15.39 11.08
CA TYR C 333 -9.54 -15.85 9.81
C TYR C 333 -9.55 -17.37 9.75
N LEU C 334 -8.49 -18.03 10.23
CA LEU C 334 -8.47 -19.50 10.29
C LEU C 334 -9.53 -20.07 11.25
N LYS C 335 -9.84 -19.35 12.32
CA LYS C 335 -10.89 -19.80 13.27
C LYS C 335 -12.23 -19.82 12.55
N GLY C 336 -12.46 -18.89 11.65
CA GLY C 336 -13.69 -18.84 10.87
C GLY C 336 -13.74 -19.91 9.80
N LEU C 337 -12.62 -20.13 9.10
CA LEU C 337 -12.55 -21.09 7.99
C LEU C 337 -12.65 -22.54 8.42
N LYS C 338 -12.17 -22.90 9.62
CA LYS C 338 -12.27 -24.25 10.17
C LYS C 338 -11.76 -25.34 9.22
N PHE C 339 -10.47 -25.31 8.89
CA PHE C 339 -9.86 -26.29 7.97
C PHE C 339 -10.04 -27.75 8.39
N ASN C 340 -10.18 -28.02 9.66
CA ASN C 340 -10.47 -29.40 10.12
C ASN C 340 -11.79 -29.95 9.53
N ARG C 341 -12.73 -29.05 9.05
CA ARG C 341 -14.01 -29.47 8.44
C ARG C 341 -13.78 -30.27 7.15
N THR C 342 -12.58 -30.15 6.57
CA THR C 342 -12.19 -30.91 5.39
C THR C 342 -11.99 -32.41 5.69
N GLY C 343 -11.94 -32.82 6.97
CA GLY C 343 -11.70 -34.19 7.39
C GLY C 343 -10.24 -34.47 7.68
N LEU C 344 -9.35 -33.48 7.46
CA LEU C 344 -7.92 -33.64 7.69
C LEU C 344 -7.51 -32.65 8.72
N LYS C 345 -6.68 -33.07 9.69
CA LYS C 345 -6.06 -32.17 10.67
C LYS C 345 -4.63 -32.02 10.14
N ARG C 346 -4.36 -30.94 9.41
CA ARG C 346 -3.05 -30.68 8.85
C ARG C 346 -2.04 -30.51 9.96
N LEU C 347 -0.80 -30.96 9.71
CA LEU C 347 0.27 -30.84 10.68
C LEU C 347 0.70 -29.41 10.87
N ALA C 348 1.30 -29.11 12.00
CA ALA C 348 1.78 -27.76 12.23
C ALA C 348 2.93 -27.68 13.20
N LEU C 349 3.72 -26.62 13.05
CA LEU C 349 4.82 -26.27 13.94
C LEU C 349 4.70 -24.77 14.22
N ALA C 350 4.97 -24.37 15.46
CA ALA C 350 5.00 -22.96 15.86
C ALA C 350 6.46 -22.59 16.14
N PHE C 351 6.91 -21.40 15.71
CA PHE C 351 8.29 -21.01 15.98
C PHE C 351 8.46 -19.52 16.17
N GLY C 352 9.62 -19.13 16.61
CA GLY C 352 9.88 -17.70 16.81
C GLY C 352 11.12 -17.37 17.57
N SER C 353 11.48 -16.08 17.56
CA SER C 353 12.62 -15.58 18.32
C SER C 353 12.09 -14.72 19.45
N MET C 354 12.90 -14.54 20.46
CA MET C 354 12.55 -13.79 21.67
C MET C 354 13.79 -13.06 22.20
N GLY C 355 13.57 -12.08 23.05
CA GLY C 355 14.66 -11.37 23.69
C GLY C 355 14.66 -11.44 25.22
N GLY C 356 13.62 -12.01 25.82
CA GLY C 356 13.53 -12.11 27.26
C GLY C 356 12.82 -13.37 27.70
N ASN C 357 11.62 -13.22 28.25
CA ASN C 357 10.85 -14.35 28.73
C ASN C 357 10.20 -15.17 27.61
N GLY C 358 10.02 -14.60 26.43
CA GLY C 358 9.37 -15.31 25.35
C GLY C 358 7.89 -15.55 25.65
N GLY C 359 7.33 -16.60 25.07
CA GLY C 359 5.94 -16.96 25.24
C GLY C 359 5.08 -16.87 24.00
N GLY C 360 5.53 -16.14 22.98
CA GLY C 360 4.77 -16.00 21.76
C GLY C 360 4.53 -17.32 21.05
N THR C 361 5.50 -18.22 21.09
CA THR C 361 5.41 -19.52 20.40
C THR C 361 4.39 -20.45 21.08
N LYS C 362 4.25 -20.32 22.38
CA LYS C 362 3.27 -21.10 23.16
C LYS C 362 1.88 -20.63 22.82
N VAL C 363 1.68 -19.31 22.64
CA VAL C 363 0.38 -18.77 22.22
C VAL C 363 0.08 -19.31 20.82
N LEU C 364 1.03 -19.24 19.87
CA LEU C 364 0.83 -19.73 18.50
C LEU C 364 0.40 -21.19 18.49
N ALA C 365 1.04 -22.04 19.29
CA ALA C 365 0.68 -23.47 19.37
C ALA C 365 -0.75 -23.67 19.87
N GLU C 366 -1.16 -22.91 20.90
CA GLU C 366 -2.51 -23.02 21.45
C GLU C 366 -3.54 -22.62 20.41
N LYS C 367 -3.25 -21.55 19.68
CA LYS C 367 -4.18 -21.04 18.65
C LYS C 367 -4.26 -21.97 17.45
N LEU C 368 -3.13 -22.51 16.99
CA LEU C 368 -3.11 -23.49 15.90
C LEU C 368 -3.97 -24.69 16.27
N LYS C 369 -3.89 -25.19 17.51
CA LYS C 369 -4.73 -26.29 17.98
C LYS C 369 -6.22 -25.89 17.95
N GLU C 370 -6.55 -24.66 18.40
CA GLU C 370 -7.93 -24.17 18.33
C GLU C 370 -8.47 -24.09 16.89
N CYS C 371 -7.58 -23.83 15.91
CA CYS C 371 -7.94 -23.74 14.49
C CYS C 371 -8.01 -25.11 13.81
N GLY C 372 -7.77 -26.19 14.55
CA GLY C 372 -7.88 -27.55 14.05
C GLY C 372 -6.64 -28.21 13.52
N PHE C 373 -5.46 -27.60 13.73
CA PHE C 373 -4.21 -28.18 13.27
C PHE C 373 -3.65 -29.17 14.32
N GLU C 374 -2.89 -30.18 13.85
CA GLU C 374 -2.19 -31.13 14.73
C GLU C 374 -0.80 -30.54 14.96
N VAL C 375 -0.63 -29.81 16.06
CA VAL C 375 0.65 -29.15 16.36
C VAL C 375 1.63 -30.19 16.89
N LEU C 376 2.72 -30.42 16.16
CA LEU C 376 3.71 -31.42 16.51
C LEU C 376 4.77 -30.92 17.44
N ASP C 377 5.17 -29.65 17.29
CA ASP C 377 6.24 -29.12 18.11
C ASP C 377 6.26 -27.61 18.06
N GLU C 378 7.06 -27.05 18.95
CA GLU C 378 7.29 -25.62 19.05
C GLU C 378 8.78 -25.40 19.12
N TYR C 379 9.28 -24.31 18.56
CA TYR C 379 10.68 -23.94 18.72
C TYR C 379 10.86 -22.44 18.85
N GLU C 380 11.28 -22.00 20.03
CA GLU C 380 11.55 -20.60 20.32
C GLU C 380 13.03 -20.46 20.69
N LEU C 381 13.73 -19.49 20.10
CA LEU C 381 15.15 -19.25 20.40
C LEU C 381 15.39 -17.80 20.79
N TYR C 382 16.59 -17.54 21.29
CA TYR C 382 17.00 -16.21 21.79
C TYR C 382 17.69 -15.38 20.72
N TYR C 383 17.12 -14.22 20.38
CA TYR C 383 17.70 -13.29 19.39
C TYR C 383 18.11 -13.97 18.07
N VAL C 384 19.33 -13.73 17.56
CA VAL C 384 19.74 -14.20 16.25
C VAL C 384 20.10 -15.66 16.31
N PRO C 385 19.55 -16.52 15.43
CA PRO C 385 19.93 -17.93 15.47
C PRO C 385 21.40 -18.15 15.17
N THR C 386 22.02 -19.08 15.88
CA THR C 386 23.39 -19.48 15.58
C THR C 386 23.29 -20.47 14.41
N GLU C 387 24.41 -20.86 13.85
CA GLU C 387 24.47 -21.87 12.78
C GLU C 387 23.84 -23.20 13.25
N ASP C 388 24.15 -23.62 14.48
CA ASP C 388 23.56 -24.85 15.03
C ASP C 388 22.05 -24.73 15.21
N GLU C 389 21.52 -23.57 15.60
CA GLU C 389 20.07 -23.41 15.73
C GLU C 389 19.38 -23.46 14.37
N LEU C 390 20.02 -22.92 13.32
CA LEU C 390 19.48 -23.00 11.97
C LEU C 390 19.53 -24.44 11.49
N GLU C 391 20.52 -25.23 11.92
CA GLU C 391 20.58 -26.65 11.56
C GLU C 391 19.44 -27.39 12.27
N LYS C 392 19.06 -26.95 13.48
CA LYS C 392 17.94 -27.56 14.20
C LYS C 392 16.64 -27.30 13.45
N CYS C 393 16.44 -26.06 12.96
CA CYS C 393 15.26 -25.72 12.15
C CYS C 393 15.21 -26.62 10.91
N TYR C 394 16.34 -26.75 10.19
CA TYR C 394 16.47 -27.64 9.03
C TYR C 394 16.07 -29.06 9.38
N ASN C 395 16.62 -29.63 10.46
CA ASN C 395 16.32 -31.01 10.87
C ASN C 395 14.86 -31.19 11.22
N MET C 396 14.27 -30.23 11.91
CA MET C 396 12.83 -30.25 12.24
C MET C 396 11.98 -30.21 10.99
N GLY C 397 12.38 -29.38 10.01
CA GLY C 397 11.67 -29.30 8.75
C GLY C 397 11.81 -30.61 7.97
N LYS C 398 13.00 -31.21 8.01
CA LYS C 398 13.26 -32.51 7.35
C LYS C 398 12.37 -33.61 7.96
N ARG C 399 12.30 -33.68 9.31
CA ARG C 399 11.47 -34.69 9.99
C ARG C 399 9.98 -34.48 9.69
N LEU C 400 9.54 -33.21 9.64
CA LEU C 400 8.15 -32.87 9.28
C LEU C 400 7.86 -33.33 7.88
N ALA C 401 8.77 -33.06 6.94
CA ALA C 401 8.58 -33.48 5.58
C ALA C 401 8.49 -34.99 5.41
N VAL C 402 9.26 -35.79 6.17
CA VAL C 402 9.16 -37.25 6.11
C VAL C 402 7.75 -37.64 6.55
N LYS C 403 7.22 -36.99 7.59
CA LYS C 403 5.87 -37.29 8.11
C LYS C 403 4.81 -36.88 7.09
N VAL C 404 5.00 -35.72 6.40
CA VAL C 404 4.09 -35.25 5.36
C VAL C 404 4.00 -36.32 4.24
N LYS C 405 5.12 -36.86 3.80
CA LYS C 405 5.11 -37.89 2.74
C LYS C 405 4.45 -39.21 3.14
N GLU C 406 4.50 -39.55 4.44
CA GLU C 406 3.86 -40.76 4.96
C GLU C 406 2.34 -40.60 5.13
N MET C 407 1.81 -39.36 5.16
CA MET C 407 0.39 -39.14 5.32
C MET C 407 -0.36 -39.49 4.07
N LYS C 408 -1.32 -40.41 4.18
CA LYS C 408 -2.19 -40.79 3.08
C LYS C 408 -3.46 -39.96 3.19
N THR C 409 -3.78 -39.17 2.14
CA THR C 409 -5.00 -38.35 2.11
C THR C 409 -6.08 -39.10 1.32
N MET D 1 24.14 -21.50 7.44
CA MET D 1 22.81 -22.06 7.19
C MET D 1 22.95 -23.34 6.37
N LYS D 2 22.23 -24.41 6.75
CA LYS D 2 22.24 -25.65 5.97
C LYS D 2 21.21 -25.47 4.83
N ALA D 3 21.62 -25.69 3.58
CA ALA D 3 20.77 -25.53 2.38
C ALA D 3 21.30 -26.42 1.28
N ASP D 4 20.45 -27.17 0.59
CA ASP D 4 20.91 -28.13 -0.39
C ASP D 4 21.13 -27.54 -1.79
N ALA D 5 22.17 -28.03 -2.47
CA ALA D 5 22.43 -27.67 -3.84
C ALA D 5 21.56 -28.53 -4.71
N VAL D 6 21.33 -28.11 -5.96
CA VAL D 6 20.52 -28.89 -6.91
C VAL D 6 21.38 -29.22 -8.11
N LYS D 7 21.50 -30.49 -8.41
CA LYS D 7 22.28 -30.89 -9.57
C LYS D 7 21.53 -30.60 -10.84
N ILE D 8 22.17 -29.95 -11.79
CA ILE D 8 21.51 -29.60 -13.06
C ILE D 8 22.13 -30.35 -14.25
N ALA D 9 23.34 -30.93 -14.07
CA ALA D 9 24.06 -31.76 -15.06
C ALA D 9 25.17 -32.44 -14.29
N ASP D 10 25.89 -33.36 -14.91
CA ASP D 10 26.99 -34.04 -14.23
C ASP D 10 28.05 -33.00 -13.81
N GLY D 11 28.35 -32.94 -12.52
CA GLY D 11 29.29 -31.96 -11.98
C GLY D 11 28.88 -30.50 -12.08
N VAL D 12 27.57 -30.19 -12.29
CA VAL D 12 27.10 -28.80 -12.38
C VAL D 12 25.94 -28.65 -11.43
N TYR D 13 26.01 -27.65 -10.55
CA TYR D 13 24.99 -27.45 -9.52
C TYR D 13 24.50 -26.05 -9.49
N TRP D 14 23.22 -25.90 -9.17
CA TRP D 14 22.63 -24.61 -8.83
C TRP D 14 22.94 -24.45 -7.34
N VAL D 15 23.50 -23.30 -6.97
CA VAL D 15 23.82 -22.96 -5.58
C VAL D 15 23.33 -21.56 -5.28
N GLY D 16 22.19 -21.20 -5.86
CA GLY D 16 21.63 -19.87 -5.75
C GLY D 16 20.86 -19.60 -4.48
N VAL D 17 20.16 -18.46 -4.52
CA VAL D 17 19.42 -17.97 -3.38
C VAL D 17 17.95 -17.76 -3.74
N LEU D 18 17.06 -18.24 -2.88
CA LEU D 18 15.62 -18.03 -3.00
C LEU D 18 15.30 -16.79 -2.20
N ASP D 19 15.00 -15.68 -2.88
CA ASP D 19 14.60 -14.43 -2.19
C ASP D 19 13.07 -14.53 -2.08
N TRP D 20 12.62 -15.28 -1.09
CA TRP D 20 11.21 -15.60 -0.97
C TRP D 20 10.31 -14.39 -0.82
N ASP D 21 10.73 -13.43 -0.04
CA ASP D 21 9.88 -12.38 0.48
C ASP D 21 9.95 -11.00 -0.20
N ILE D 22 10.82 -10.80 -1.15
CA ILE D 22 10.84 -9.53 -1.89
C ILE D 22 9.54 -9.42 -2.74
N ARG D 23 8.99 -8.21 -2.79
CA ARG D 23 7.79 -7.90 -3.58
C ARG D 23 8.02 -6.88 -4.70
N MET D 24 9.15 -6.18 -4.66
CA MET D 24 9.46 -5.17 -5.67
C MET D 24 10.95 -4.98 -5.77
N TYR D 25 11.41 -4.79 -6.98
CA TYR D 25 12.83 -4.60 -7.28
C TYR D 25 12.92 -3.62 -8.44
N HIS D 26 13.49 -2.44 -8.21
CA HIS D 26 13.60 -1.33 -9.17
C HIS D 26 12.27 -1.00 -9.84
N GLY D 27 11.18 -1.03 -9.05
CA GLY D 27 9.86 -0.69 -9.56
C GLY D 27 9.18 -1.81 -10.34
N TYR D 28 9.73 -3.01 -10.29
CA TYR D 28 9.22 -4.19 -10.98
C TYR D 28 8.58 -5.07 -9.90
N THR D 29 7.26 -5.35 -9.98
CA THR D 29 6.61 -6.17 -8.95
C THR D 29 6.81 -7.63 -9.20
N LEU D 30 6.93 -8.42 -8.12
CA LEU D 30 7.19 -9.86 -8.25
C LEU D 30 6.80 -10.55 -6.92
N ASN D 31 6.61 -11.85 -6.96
CA ASN D 31 6.25 -12.66 -5.78
C ASN D 31 7.49 -13.46 -5.40
N GLY D 32 8.51 -12.72 -4.97
CA GLY D 32 9.84 -13.25 -4.73
C GLY D 32 10.60 -13.43 -6.04
N THR D 33 11.89 -13.64 -5.94
CA THR D 33 12.72 -13.99 -7.08
C THR D 33 13.87 -14.87 -6.59
N THR D 34 14.77 -15.23 -7.49
CA THR D 34 15.96 -15.98 -7.11
C THR D 34 17.15 -15.27 -7.66
N TYR D 35 18.29 -15.51 -7.03
CA TYR D 35 19.60 -15.05 -7.54
C TYR D 35 20.36 -16.35 -7.82
N ASN D 36 20.36 -16.73 -9.09
CA ASN D 36 20.91 -18.00 -9.50
C ASN D 36 22.43 -17.89 -9.65
N ALA D 37 23.12 -18.78 -8.95
CA ALA D 37 24.58 -18.96 -8.97
C ALA D 37 24.85 -20.42 -9.24
N TYR D 38 25.95 -20.72 -9.95
CA TYR D 38 26.21 -22.09 -10.37
C TYR D 38 27.65 -22.54 -10.06
N LEU D 39 27.81 -23.81 -9.76
CA LEU D 39 29.13 -24.40 -9.45
C LEU D 39 29.37 -25.43 -10.49
N VAL D 40 30.48 -25.31 -11.22
CA VAL D 40 30.88 -26.30 -12.26
C VAL D 40 32.13 -27.03 -11.72
N PHE D 41 32.03 -28.34 -11.51
CA PHE D 41 33.11 -29.16 -11.05
C PHE D 41 33.85 -29.84 -12.19
N GLY D 42 35.02 -29.32 -12.51
CA GLY D 42 35.89 -29.98 -13.46
C GLY D 42 36.73 -31.03 -12.73
N ASP D 43 37.59 -31.78 -13.44
CA ASP D 43 38.42 -32.79 -12.81
C ASP D 43 39.41 -32.14 -11.87
N ASP D 44 39.92 -30.94 -12.24
CA ASP D 44 40.96 -30.23 -11.53
C ASP D 44 40.54 -28.97 -10.82
N LYS D 45 39.59 -28.21 -11.37
CA LYS D 45 39.20 -26.92 -10.81
C LYS D 45 37.69 -26.80 -10.74
N VAL D 46 37.20 -25.99 -9.80
CA VAL D 46 35.79 -25.68 -9.60
C VAL D 46 35.60 -24.23 -9.87
N ALA D 47 34.56 -23.87 -10.66
CA ALA D 47 34.23 -22.47 -10.92
C ALA D 47 32.88 -22.11 -10.33
N LEU D 48 32.75 -20.91 -9.71
CA LEU D 48 31.51 -20.38 -9.22
C LEU D 48 31.07 -19.30 -10.25
N ILE D 49 29.91 -19.48 -10.86
CA ILE D 49 29.38 -18.52 -11.87
C ILE D 49 28.30 -17.66 -11.20
N ASP D 50 28.63 -16.36 -11.00
CA ASP D 50 27.80 -15.39 -10.34
C ASP D 50 27.55 -15.75 -8.89
N ASN D 51 26.88 -14.83 -8.15
CA ASN D 51 26.61 -15.08 -6.74
C ASN D 51 25.28 -14.43 -6.34
N THR D 52 25.22 -13.43 -5.44
CA THR D 52 23.93 -13.03 -4.95
C THR D 52 23.99 -11.65 -4.34
N TYR D 53 22.81 -11.13 -4.00
CA TYR D 53 22.57 -9.81 -3.42
C TYR D 53 23.26 -9.62 -2.07
N PRO D 54 23.80 -8.42 -1.72
CA PRO D 54 24.46 -8.28 -0.41
C PRO D 54 23.55 -8.67 0.75
N GLY D 55 24.11 -9.42 1.71
CA GLY D 55 23.36 -9.86 2.87
C GLY D 55 22.52 -11.10 2.70
N THR D 56 22.56 -11.75 1.51
CA THR D 56 21.75 -12.94 1.24
C THR D 56 22.63 -14.17 0.97
N SER D 57 23.92 -14.13 1.30
CA SER D 57 24.80 -15.25 1.00
C SER D 57 24.62 -16.50 1.86
N ALA D 58 23.87 -16.45 2.97
CA ALA D 58 23.76 -17.64 3.86
C ALA D 58 23.34 -18.89 3.10
N GLN D 59 22.30 -18.77 2.27
CA GLN D 59 21.86 -19.94 1.48
C GLN D 59 22.94 -20.40 0.51
N MET D 60 23.56 -19.45 -0.21
CA MET D 60 24.58 -19.77 -1.20
C MET D 60 25.72 -20.59 -0.60
N TRP D 61 26.25 -20.13 0.53
CA TRP D 61 27.35 -20.87 1.19
C TRP D 61 26.95 -22.26 1.63
N GLY D 62 25.72 -22.42 2.09
CA GLY D 62 25.20 -23.73 2.48
C GLY D 62 25.13 -24.67 1.28
N ARG D 63 24.67 -24.16 0.14
CA ARG D 63 24.54 -24.97 -1.08
C ARG D 63 25.91 -25.30 -1.67
N ILE D 64 26.85 -24.36 -1.61
CA ILE D 64 28.20 -24.60 -2.10
C ILE D 64 28.81 -25.75 -1.28
N LYS D 65 28.67 -25.67 0.04
CA LYS D 65 29.20 -26.72 0.92
C LYS D 65 28.54 -28.08 0.64
N ASP D 66 27.22 -28.07 0.43
CA ASP D 66 26.49 -29.28 0.12
C ASP D 66 26.96 -29.90 -1.20
N ALA D 67 27.14 -29.06 -2.24
CA ALA D 67 27.59 -29.51 -3.56
C ALA D 67 28.96 -30.14 -3.50
N CYS D 68 29.90 -29.52 -2.77
CA CYS D 68 31.23 -30.09 -2.58
C CYS D 68 31.15 -31.45 -1.90
N GLU D 69 30.33 -31.55 -0.85
CA GLU D 69 30.14 -32.82 -0.11
C GLU D 69 29.53 -33.91 -1.03
N LYS D 70 28.53 -33.56 -1.86
CA LYS D 70 27.94 -34.50 -2.81
C LYS D 70 28.94 -34.99 -3.84
N GLU D 71 29.90 -34.12 -4.23
CA GLU D 71 30.96 -34.45 -5.19
C GLU D 71 32.14 -35.16 -4.57
N GLY D 72 32.19 -35.24 -3.25
CA GLY D 72 33.34 -35.83 -2.55
C GLY D 72 34.57 -34.97 -2.73
N ARG D 73 34.38 -33.61 -2.76
CA ARG D 73 35.45 -32.67 -3.01
C ARG D 73 35.63 -31.77 -1.80
N GLU D 74 36.82 -31.23 -1.67
CA GLU D 74 37.08 -30.27 -0.59
C GLU D 74 36.29 -29.00 -0.84
N PHE D 75 36.07 -28.22 0.23
CA PHE D 75 35.35 -26.96 0.13
C PHE D 75 36.37 -25.93 -0.41
N LYS D 76 36.38 -25.78 -1.73
CA LYS D 76 37.32 -24.89 -2.42
C LYS D 76 36.75 -24.45 -3.75
N ILE D 77 36.94 -23.19 -4.04
CA ILE D 77 36.56 -22.56 -5.29
C ILE D 77 37.83 -22.07 -5.93
N ASP D 78 38.09 -22.49 -7.17
CA ASP D 78 39.30 -22.11 -7.90
C ASP D 78 39.13 -20.92 -8.85
N VAL D 79 37.96 -20.77 -9.44
CA VAL D 79 37.70 -19.74 -10.43
C VAL D 79 36.40 -19.06 -10.05
N ILE D 80 36.34 -17.73 -10.10
CA ILE D 80 35.13 -16.97 -9.85
C ILE D 80 34.77 -16.28 -11.18
N VAL D 81 33.55 -16.44 -11.63
CA VAL D 81 33.08 -15.80 -12.85
C VAL D 81 32.01 -14.78 -12.46
N GLN D 82 32.18 -13.54 -12.95
CA GLN D 82 31.16 -12.52 -12.82
C GLN D 82 30.64 -12.16 -14.20
N ASN D 83 29.40 -12.60 -14.51
CA ASN D 83 28.78 -12.28 -15.77
C ASN D 83 28.20 -10.87 -15.79
N HIS D 84 28.20 -10.16 -14.67
CA HIS D 84 27.64 -8.80 -14.60
C HIS D 84 28.19 -8.16 -13.33
N VAL D 85 28.10 -6.85 -13.25
CA VAL D 85 28.52 -6.08 -12.09
C VAL D 85 27.38 -5.82 -11.08
N GLU D 86 26.15 -5.75 -11.54
CA GLU D 86 25.03 -5.39 -10.68
C GLU D 86 24.99 -6.25 -9.41
N LYS D 87 24.71 -5.61 -8.29
CA LYS D 87 24.82 -6.21 -6.95
C LYS D 87 23.93 -7.42 -6.70
N ASP D 88 22.85 -7.64 -7.47
CA ASP D 88 22.05 -8.84 -7.31
C ASP D 88 22.81 -10.09 -7.72
N HIS D 89 23.94 -9.95 -8.49
CA HIS D 89 24.78 -11.09 -8.91
C HIS D 89 26.22 -10.99 -8.43
N SER D 90 26.64 -9.87 -7.82
CA SER D 90 28.03 -9.67 -7.39
C SER D 90 28.15 -9.26 -5.93
N GLY D 91 27.02 -9.16 -5.24
CA GLY D 91 26.96 -8.71 -3.85
C GLY D 91 27.76 -9.52 -2.84
N ALA D 92 27.99 -10.79 -3.12
CA ALA D 92 28.80 -11.65 -2.21
C ALA D 92 30.25 -11.75 -2.68
N LEU D 93 30.63 -11.05 -3.78
CA LEU D 93 32.01 -11.15 -4.26
C LEU D 93 33.04 -10.77 -3.21
N PRO D 94 32.82 -9.73 -2.38
CA PRO D 94 33.81 -9.40 -1.35
C PRO D 94 34.01 -10.54 -0.34
N GLU D 95 32.94 -11.29 -0.01
CA GLU D 95 33.04 -12.45 0.88
C GLU D 95 33.75 -13.61 0.21
N ILE D 96 33.43 -13.84 -1.07
CA ILE D 96 34.03 -14.98 -1.81
C ILE D 96 35.52 -14.72 -1.98
N HIS D 97 35.89 -13.49 -2.35
CA HIS D 97 37.30 -13.11 -2.51
C HIS D 97 38.05 -13.21 -1.18
N LYS D 98 37.43 -12.82 -0.08
CA LYS D 98 38.05 -12.95 1.25
C LYS D 98 38.31 -14.43 1.64
N LYS D 99 37.39 -15.34 1.31
CA LYS D 99 37.56 -16.76 1.60
C LYS D 99 38.55 -17.46 0.68
N PHE D 100 38.57 -17.06 -0.61
CA PHE D 100 39.42 -17.66 -1.64
C PHE D 100 40.15 -16.54 -2.37
N PRO D 101 41.12 -15.89 -1.67
CA PRO D 101 41.79 -14.72 -2.27
C PRO D 101 42.70 -14.96 -3.46
N GLU D 102 43.03 -16.21 -3.79
CA GLU D 102 43.85 -16.52 -4.95
C GLU D 102 43.02 -16.98 -6.14
N ALA D 103 41.68 -17.11 -5.99
CA ALA D 103 40.84 -17.55 -7.10
C ALA D 103 40.69 -16.38 -8.07
N PRO D 104 41.17 -16.50 -9.34
CA PRO D 104 40.99 -15.38 -10.27
C PRO D 104 39.53 -15.06 -10.52
N ILE D 105 39.26 -13.80 -10.81
CA ILE D 105 37.92 -13.31 -11.07
C ILE D 105 37.83 -12.98 -12.55
N TYR D 106 37.11 -13.81 -13.32
CA TYR D 106 36.90 -13.57 -14.76
C TYR D 106 35.69 -12.66 -14.99
N CYS D 107 35.92 -11.56 -15.72
CA CYS D 107 34.90 -10.56 -16.04
C CYS D 107 35.40 -9.64 -17.14
N THR D 108 34.57 -8.72 -17.60
CA THR D 108 35.04 -7.79 -18.65
C THR D 108 35.88 -6.66 -18.03
N GLU D 109 36.53 -5.89 -18.90
CA GLU D 109 37.35 -4.77 -18.45
C GLU D 109 36.55 -3.72 -17.71
N VAL D 110 35.38 -3.35 -18.22
CA VAL D 110 34.51 -2.39 -17.56
C VAL D 110 34.00 -2.99 -16.23
N ALA D 111 33.72 -4.31 -16.20
CA ALA D 111 33.26 -4.93 -14.94
C ALA D 111 34.27 -4.79 -13.83
N VAL D 112 35.57 -4.78 -14.13
CA VAL D 112 36.56 -4.59 -13.07
C VAL D 112 36.35 -3.22 -12.41
N GLU D 113 36.18 -2.19 -13.23
CA GLU D 113 36.01 -0.83 -12.72
C GLU D 113 34.71 -0.68 -11.93
N GLY D 114 33.63 -1.25 -12.43
CA GLY D 114 32.32 -1.25 -11.76
C GLY D 114 32.34 -2.04 -10.46
N LEU D 115 32.98 -3.22 -10.46
CA LEU D 115 33.08 -4.05 -9.24
C LEU D 115 33.89 -3.37 -8.17
N VAL D 116 35.06 -2.76 -8.54
CA VAL D 116 35.87 -2.04 -7.55
C VAL D 116 35.13 -0.79 -7.04
N LYS D 117 34.28 -0.15 -7.84
CA LYS D 117 33.54 1.05 -7.41
C LYS D 117 32.47 0.63 -6.37
N HIS D 118 31.81 -0.50 -6.59
CA HIS D 118 30.86 -1.04 -5.61
C HIS D 118 31.59 -1.53 -4.35
N PHE D 119 32.69 -2.27 -4.52
CA PHE D 119 33.40 -2.95 -3.44
C PHE D 119 34.88 -2.59 -3.45
N PRO D 120 35.27 -1.52 -2.75
CA PRO D 120 36.70 -1.16 -2.71
C PRO D 120 37.65 -2.19 -2.15
N SER D 121 37.18 -3.16 -1.33
CA SER D 121 38.06 -4.20 -0.79
C SER D 121 38.57 -5.13 -1.91
N LEU D 122 37.98 -5.06 -3.12
CA LEU D 122 38.42 -5.86 -4.25
C LEU D 122 39.58 -5.20 -5.00
N LYS D 123 40.04 -4.02 -4.56
CA LYS D 123 41.20 -3.39 -5.17
C LYS D 123 42.39 -4.32 -4.88
N GLY D 124 43.08 -4.72 -5.91
CA GLY D 124 44.18 -5.67 -5.76
C GLY D 124 43.76 -7.14 -5.82
N ALA D 125 42.47 -7.43 -6.10
CA ALA D 125 42.01 -8.82 -6.26
C ALA D 125 42.53 -9.34 -7.61
N PRO D 126 42.64 -10.66 -7.79
CA PRO D 126 43.18 -11.20 -9.05
C PRO D 126 42.18 -11.24 -10.23
N PHE D 127 41.81 -10.09 -10.74
CA PHE D 127 40.94 -10.00 -11.92
C PHE D 127 41.63 -10.50 -13.19
N LYS D 128 40.89 -11.24 -14.01
CA LYS D 128 41.35 -11.77 -15.29
C LYS D 128 40.40 -11.20 -16.31
N VAL D 129 40.82 -10.18 -17.05
CA VAL D 129 39.95 -9.50 -18.02
C VAL D 129 39.71 -10.38 -19.24
N VAL D 130 38.45 -10.54 -19.65
CA VAL D 130 38.13 -11.30 -20.84
C VAL D 130 37.93 -10.27 -21.96
N LYS D 131 38.66 -10.46 -23.05
CA LYS D 131 38.61 -9.61 -24.24
C LYS D 131 37.97 -10.42 -25.37
N SER D 132 36.74 -10.06 -25.78
CA SER D 132 35.97 -10.68 -26.84
C SER D 132 35.53 -12.12 -26.51
N LEU D 133 36.47 -13.05 -26.58
CA LEU D 133 36.20 -14.46 -26.34
C LEU D 133 37.42 -15.09 -25.67
N GLU D 134 37.18 -15.98 -24.70
CA GLU D 134 38.26 -16.69 -24.02
C GLU D 134 37.73 -17.97 -23.42
N SER D 135 38.55 -19.00 -23.41
CA SER D 135 38.18 -20.24 -22.79
C SER D 135 39.16 -20.64 -21.73
N ILE D 136 38.67 -21.34 -20.72
CA ILE D 136 39.53 -21.94 -19.71
C ILE D 136 39.14 -23.39 -19.57
N ASP D 137 40.09 -24.21 -19.13
CA ASP D 137 39.91 -25.64 -18.97
C ASP D 137 39.89 -25.96 -17.50
N LEU D 138 38.77 -26.51 -17.00
CA LEU D 138 38.66 -26.94 -15.60
C LEU D 138 39.10 -28.40 -15.41
N GLY D 139 39.38 -29.13 -16.50
CA GLY D 139 39.73 -30.55 -16.46
C GLY D 139 38.55 -31.35 -16.95
N GLY D 140 38.48 -31.53 -18.26
CA GLY D 140 37.39 -32.25 -18.91
C GLY D 140 36.16 -31.41 -19.14
N LYS D 141 36.16 -30.14 -18.66
CA LYS D 141 35.04 -29.22 -18.83
C LYS D 141 35.65 -27.86 -19.21
N THR D 142 35.11 -27.23 -20.24
CA THR D 142 35.59 -25.96 -20.76
C THR D 142 34.56 -24.88 -20.54
N LEU D 143 34.96 -23.72 -20.01
CA LEU D 143 34.09 -22.57 -19.89
C LEU D 143 34.58 -21.57 -20.95
N THR D 144 33.68 -21.10 -21.81
CA THR D 144 33.97 -20.08 -22.83
C THR D 144 33.20 -18.82 -22.44
N PHE D 145 33.95 -17.74 -22.25
CA PHE D 145 33.42 -16.43 -21.88
C PHE D 145 33.17 -15.61 -23.15
N LEU D 146 31.99 -15.00 -23.26
CA LEU D 146 31.56 -14.21 -24.42
C LEU D 146 31.28 -12.80 -23.90
N GLU D 147 32.15 -11.83 -24.23
CA GLU D 147 32.03 -10.45 -23.74
C GLU D 147 30.84 -9.72 -24.37
N ALA D 148 30.08 -8.95 -23.51
CA ALA D 148 28.94 -8.11 -23.90
C ALA D 148 28.14 -8.67 -25.08
N PRO D 149 27.47 -9.82 -24.88
CA PRO D 149 26.75 -10.48 -25.99
C PRO D 149 25.60 -9.68 -26.59
N LEU D 150 24.95 -8.82 -25.81
CA LEU D 150 23.90 -7.93 -26.37
C LEU D 150 24.44 -6.55 -26.63
N LEU D 151 25.78 -6.36 -26.54
CA LEU D 151 26.52 -5.13 -26.84
C LEU D 151 26.27 -3.96 -25.90
N HIS D 152 25.03 -3.75 -25.49
CA HIS D 152 24.69 -2.54 -24.75
C HIS D 152 25.33 -2.40 -23.40
N TRP D 153 25.53 -3.53 -22.67
CA TRP D 153 26.10 -3.47 -21.33
C TRP D 153 27.52 -4.00 -21.38
N PRO D 154 28.52 -3.13 -21.37
CA PRO D 154 29.92 -3.63 -21.48
C PRO D 154 30.38 -4.36 -20.23
N ASP D 155 29.63 -4.24 -19.13
CA ASP D 155 29.96 -4.92 -17.88
C ASP D 155 29.50 -6.39 -17.86
N SER D 156 28.79 -6.86 -18.90
CA SER D 156 28.22 -8.19 -18.93
C SER D 156 28.91 -9.17 -19.86
N MET D 157 28.69 -10.47 -19.57
CA MET D 157 29.18 -11.59 -20.37
C MET D 157 28.13 -12.70 -20.35
N PHE D 158 28.29 -13.65 -21.24
CA PHE D 158 27.65 -14.94 -21.16
C PHE D 158 28.80 -15.92 -20.93
N THR D 159 28.58 -17.00 -20.20
CA THR D 159 29.54 -18.05 -20.01
C THR D 159 28.92 -19.28 -20.61
N LEU D 160 29.64 -20.02 -21.46
CA LEU D 160 29.14 -21.27 -22.03
C LEU D 160 29.96 -22.45 -21.49
N TYR D 161 29.31 -23.48 -20.94
CA TYR D 161 29.98 -24.73 -20.58
C TYR D 161 29.82 -25.54 -21.87
N ALA D 162 30.87 -25.53 -22.70
CA ALA D 162 30.86 -26.06 -24.05
C ALA D 162 30.47 -27.52 -24.21
N GLU D 163 31.00 -28.42 -23.37
CA GLU D 163 30.78 -29.86 -23.54
C GLU D 163 29.33 -30.29 -23.42
N GLU D 164 28.55 -29.65 -22.52
CA GLU D 164 27.13 -29.95 -22.33
C GLU D 164 26.21 -28.91 -22.95
N GLY D 165 26.77 -27.84 -23.50
CA GLY D 165 25.97 -26.79 -24.12
C GLY D 165 25.10 -26.02 -23.14
N ILE D 166 25.60 -25.78 -21.94
CA ILE D 166 24.89 -25.00 -20.91
C ILE D 166 25.31 -23.55 -21.03
N LEU D 167 24.37 -22.66 -21.37
CA LEU D 167 24.65 -21.24 -21.48
C LEU D 167 24.23 -20.54 -20.19
N PHE D 168 25.18 -19.88 -19.52
CA PHE D 168 24.95 -19.11 -18.29
C PHE D 168 24.79 -17.70 -18.83
N SER D 169 23.53 -17.31 -19.02
CA SER D 169 23.16 -16.10 -19.77
C SER D 169 22.94 -14.88 -18.91
N ASN D 170 23.15 -15.00 -17.61
CA ASN D 170 22.89 -13.89 -16.66
C ASN D 170 21.45 -13.40 -16.81
N ASP D 171 21.18 -12.09 -16.85
CA ASP D 171 19.79 -11.65 -16.90
C ASP D 171 19.06 -12.01 -18.17
N ALA D 172 19.77 -12.22 -19.30
CA ALA D 172 19.10 -12.61 -20.55
C ALA D 172 18.36 -13.92 -20.33
N PHE D 173 17.08 -13.96 -20.71
CA PHE D 173 16.21 -15.14 -20.57
C PHE D 173 15.82 -15.43 -19.12
N GLY D 174 16.05 -14.48 -18.23
CA GLY D 174 15.64 -14.65 -16.85
C GLY D 174 14.18 -14.36 -16.66
N GLN D 175 13.62 -14.79 -15.52
CA GLN D 175 12.26 -14.45 -15.12
C GLN D 175 12.26 -14.27 -13.60
N HIS D 176 11.49 -13.31 -13.08
CA HIS D 176 11.44 -13.08 -11.66
C HIS D 176 10.39 -13.99 -11.04
N LEU D 177 10.81 -15.23 -10.69
CA LEU D 177 9.98 -16.26 -10.09
C LEU D 177 10.74 -16.94 -8.96
N CYS D 178 10.04 -17.31 -7.88
CA CYS D 178 10.66 -17.97 -6.74
C CYS D 178 9.86 -19.20 -6.36
N PHE D 179 10.25 -20.34 -6.95
CA PHE D 179 9.68 -21.65 -6.69
C PHE D 179 10.76 -22.57 -6.14
N THR D 180 10.32 -23.65 -5.46
CA THR D 180 11.25 -24.72 -5.02
C THR D 180 11.70 -25.47 -6.28
N GLN D 181 10.84 -25.49 -7.31
CA GLN D 181 11.14 -26.18 -8.59
C GLN D 181 12.15 -25.29 -9.33
N ARG D 182 13.15 -25.87 -9.94
CA ARG D 182 14.23 -25.10 -10.61
C ARG D 182 14.15 -25.00 -12.10
N PHE D 183 13.46 -25.96 -12.77
CA PHE D 183 13.42 -26.02 -14.20
C PHE D 183 12.16 -25.53 -14.83
N ASP D 184 12.27 -25.04 -16.06
CA ASP D 184 11.11 -24.55 -16.81
C ASP D 184 9.92 -25.50 -16.86
N HIS D 185 10.17 -26.79 -17.10
CA HIS D 185 9.11 -27.78 -17.25
C HIS D 185 8.42 -28.18 -15.95
N GLU D 186 8.87 -27.73 -14.78
CA GLU D 186 8.30 -28.14 -13.49
C GLU D 186 7.22 -27.19 -12.96
N ILE D 187 6.92 -26.10 -13.70
CA ILE D 187 5.91 -25.16 -13.28
C ILE D 187 4.91 -24.97 -14.44
N PRO D 188 3.71 -24.43 -14.19
CA PRO D 188 2.75 -24.22 -15.28
C PRO D 188 3.31 -23.31 -16.37
N GLU D 189 3.15 -23.72 -17.63
CA GLU D 189 3.66 -22.96 -18.78
C GLU D 189 3.20 -21.53 -18.80
N ASN D 190 1.94 -21.24 -18.44
CA ASN D 190 1.44 -19.86 -18.45
CA ASN D 190 1.52 -19.84 -18.52
C ASN D 190 2.19 -19.00 -17.45
N ILE D 191 2.54 -19.56 -16.28
CA ILE D 191 3.26 -18.77 -15.27
C ILE D 191 4.65 -18.44 -15.81
N LEU D 192 5.31 -19.43 -16.36
CA LEU D 192 6.65 -19.26 -16.91
C LEU D 192 6.68 -18.26 -18.05
N MET D 193 5.77 -18.41 -19.02
CA MET D 193 5.76 -17.55 -20.21
C MET D 193 5.26 -16.15 -19.91
N ASP D 194 4.31 -15.98 -18.96
CA ASP D 194 3.85 -14.66 -18.50
C ASP D 194 5.02 -13.96 -17.81
N ALA D 195 5.77 -14.66 -16.93
CA ALA D 195 6.93 -14.07 -16.27
C ALA D 195 8.03 -13.70 -17.27
N ASN D 196 8.27 -14.53 -18.28
CA ASN D 196 9.24 -14.24 -19.30
C ASN D 196 8.80 -13.00 -20.11
N GLN D 197 7.49 -12.88 -20.39
CA GLN D 197 6.98 -11.76 -21.15
C GLN D 197 7.17 -10.48 -20.35
N LYS D 198 6.92 -10.54 -19.06
CA LYS D 198 7.11 -9.37 -18.16
C LYS D 198 8.57 -8.95 -18.12
N PHE D 199 9.47 -9.92 -18.10
CA PHE D 199 10.91 -9.66 -18.05
C PHE D 199 11.37 -9.03 -19.36
N TYR D 200 10.96 -9.58 -20.50
CA TYR D 200 11.30 -8.95 -21.75
C TYR D 200 10.73 -7.49 -21.83
N ALA D 201 9.45 -7.33 -21.52
CA ALA D 201 8.78 -6.03 -21.65
C ALA D 201 9.47 -4.93 -20.84
N ASN D 202 9.89 -5.24 -19.64
CA ASN D 202 10.46 -4.25 -18.72
C ASN D 202 11.96 -4.06 -18.88
N LEU D 203 12.67 -5.08 -19.35
CA LEU D 203 14.13 -5.05 -19.39
C LEU D 203 14.79 -5.24 -20.73
N ILE D 204 14.11 -5.82 -21.75
CA ILE D 204 14.74 -6.08 -23.03
C ILE D 204 14.19 -5.23 -24.15
N THR D 205 12.93 -4.76 -24.07
CA THR D 205 12.33 -3.96 -25.14
C THR D 205 13.26 -2.97 -25.82
N PRO D 206 13.92 -2.03 -25.09
CA PRO D 206 14.77 -1.06 -25.80
C PRO D 206 15.98 -1.65 -26.54
N LEU D 207 16.36 -2.90 -26.22
CA LEU D 207 17.47 -3.60 -26.85
C LEU D 207 16.98 -4.53 -27.97
N SER D 208 15.72 -4.40 -28.41
CA SER D 208 15.15 -5.28 -29.43
C SER D 208 15.92 -5.37 -30.71
N LYS D 209 16.43 -4.23 -31.23
CA LYS D 209 17.21 -4.28 -32.49
C LYS D 209 18.49 -5.09 -32.28
N LEU D 210 19.10 -5.01 -31.08
CA LEU D 210 20.33 -5.75 -30.75
C LEU D 210 20.08 -7.24 -30.58
N VAL D 211 18.93 -7.61 -30.03
CA VAL D 211 18.53 -9.02 -29.87
C VAL D 211 18.43 -9.64 -31.27
N LEU D 212 17.74 -8.97 -32.20
CA LEU D 212 17.58 -9.48 -33.57
C LEU D 212 18.91 -9.60 -34.29
N LYS D 213 19.80 -8.57 -34.13
CA LYS D 213 21.13 -8.55 -34.76
C LYS D 213 21.97 -9.70 -34.22
N LYS D 214 21.99 -9.89 -32.88
CA LYS D 214 22.73 -10.97 -32.23
C LYS D 214 22.19 -12.36 -32.65
N PHE D 215 20.85 -12.51 -32.74
CA PHE D 215 20.23 -13.77 -33.15
C PHE D 215 20.55 -14.11 -34.60
N LYS D 216 20.41 -13.14 -35.53
CA LYS D 216 20.76 -13.35 -36.94
C LYS D 216 22.20 -13.80 -37.09
N GLU D 217 23.12 -13.19 -36.33
CA GLU D 217 24.53 -13.55 -36.33
C GLU D 217 24.72 -15.00 -35.86
N VAL D 218 24.16 -15.34 -34.69
CA VAL D 218 24.22 -16.69 -34.11
C VAL D 218 23.60 -17.78 -35.04
N ILE D 219 22.47 -17.48 -35.71
CA ILE D 219 21.80 -18.45 -36.59
C ILE D 219 22.64 -18.69 -37.85
N GLU D 220 23.16 -17.62 -38.48
CA GLU D 220 23.99 -17.72 -39.69
C GLU D 220 25.38 -18.38 -39.39
N LEU D 221 25.86 -18.28 -38.14
CA LEU D 221 27.15 -18.84 -37.70
C LEU D 221 27.04 -20.33 -37.29
N GLY D 222 25.86 -20.77 -36.84
CA GLY D 222 25.63 -22.14 -36.41
C GLY D 222 25.89 -22.38 -34.93
N LEU D 223 25.91 -21.30 -34.11
CA LEU D 223 26.17 -21.39 -32.67
C LEU D 223 24.88 -21.76 -31.92
N LEU D 224 23.68 -21.45 -32.48
CA LEU D 224 22.37 -21.74 -31.85
C LEU D 224 22.25 -23.18 -31.43
N GLU D 225 22.60 -24.11 -32.33
CA GLU D 225 22.53 -25.55 -32.10
C GLU D 225 23.47 -26.08 -30.99
N LYS D 226 24.48 -25.31 -30.57
CA LYS D 226 25.35 -25.72 -29.47
C LYS D 226 24.67 -25.44 -28.10
N ILE D 227 23.53 -24.73 -28.06
CA ILE D 227 22.85 -24.39 -26.80
C ILE D 227 21.80 -25.47 -26.47
N LYS D 228 22.08 -26.28 -25.44
CA LYS D 228 21.17 -27.33 -24.96
C LYS D 228 20.38 -26.92 -23.71
N MET D 229 20.86 -25.93 -22.96
CA MET D 229 20.20 -25.48 -21.75
C MET D 229 20.59 -24.02 -21.55
N ILE D 230 19.65 -23.21 -21.08
CA ILE D 230 19.94 -21.80 -20.75
C ILE D 230 19.67 -21.66 -19.29
N ALA D 231 20.71 -21.28 -18.51
CA ALA D 231 20.67 -21.18 -17.06
C ALA D 231 20.83 -19.69 -16.73
N PRO D 232 19.72 -18.94 -16.59
CA PRO D 232 19.84 -17.49 -16.35
C PRO D 232 20.08 -17.16 -14.91
N SER D 233 20.21 -15.87 -14.60
CA SER D 233 20.51 -15.42 -13.25
C SER D 233 19.28 -15.25 -12.34
N HIS D 234 18.06 -15.35 -12.89
CA HIS D 234 16.83 -15.30 -12.11
C HIS D 234 15.85 -16.33 -12.68
N GLY D 235 15.10 -16.95 -11.79
CA GLY D 235 14.01 -17.82 -12.19
C GLY D 235 14.43 -19.17 -12.69
N GLN D 236 13.61 -19.70 -13.54
CA GLN D 236 13.77 -21.07 -14.03
C GLN D 236 14.85 -21.26 -15.04
N ILE D 237 15.39 -22.51 -15.07
CA ILE D 237 16.43 -22.92 -16.00
C ILE D 237 15.71 -23.54 -17.19
N TRP D 238 16.07 -23.11 -18.41
CA TRP D 238 15.42 -23.59 -19.61
C TRP D 238 16.03 -24.86 -20.12
N THR D 239 15.30 -25.95 -19.97
CA THR D 239 15.67 -27.24 -20.55
C THR D 239 15.20 -27.28 -22.00
N ASP D 240 14.35 -26.32 -22.40
CA ASP D 240 13.86 -26.16 -23.78
C ASP D 240 14.27 -24.76 -24.24
N PRO D 241 15.57 -24.55 -24.54
CA PRO D 241 16.02 -23.20 -24.90
C PRO D 241 15.34 -22.57 -26.11
N MET D 242 14.93 -23.35 -27.11
CA MET D 242 14.23 -22.77 -28.27
C MET D 242 12.89 -22.14 -27.92
N LYS D 243 12.28 -22.51 -26.79
CA LYS D 243 11.03 -21.93 -26.35
C LYS D 243 11.23 -20.46 -25.97
N VAL D 244 12.28 -20.16 -25.18
CA VAL D 244 12.55 -18.77 -24.78
C VAL D 244 13.19 -17.98 -25.93
N ILE D 245 14.06 -18.61 -26.72
CA ILE D 245 14.66 -17.95 -27.89
C ILE D 245 13.55 -17.52 -28.86
N GLY D 246 12.60 -18.43 -29.15
CA GLY D 246 11.44 -18.15 -30.01
C GLY D 246 10.61 -16.99 -29.49
N ALA D 247 10.33 -16.97 -28.18
CA ALA D 247 9.57 -15.88 -27.56
C ALA D 247 10.33 -14.55 -27.74
N TYR D 248 11.64 -14.52 -27.48
CA TYR D 248 12.46 -13.31 -27.65
C TYR D 248 12.42 -12.83 -29.10
N GLN D 249 12.46 -13.75 -30.06
CA GLN D 249 12.38 -13.39 -31.48
C GLN D 249 11.04 -12.72 -31.80
N ASP D 250 9.93 -13.27 -31.26
CA ASP D 250 8.60 -12.73 -31.49
C ASP D 250 8.47 -11.34 -30.88
N PHE D 251 8.95 -11.18 -29.66
CA PHE D 251 8.86 -9.89 -28.96
C PHE D 251 9.77 -8.84 -29.63
N ALA D 252 10.96 -9.26 -30.09
CA ALA D 252 11.88 -8.33 -30.74
C ALA D 252 11.39 -7.87 -32.12
N THR D 253 10.55 -8.68 -32.80
CA THR D 253 10.07 -8.34 -34.15
C THR D 253 8.65 -7.74 -34.15
N GLY D 254 8.06 -7.55 -32.98
CA GLY D 254 6.73 -6.95 -32.88
C GLY D 254 5.57 -7.85 -33.23
N LYS D 255 5.66 -9.15 -32.94
CA LYS D 255 4.54 -10.07 -33.17
C LYS D 255 3.58 -9.89 -31.99
N CYS D 256 2.39 -9.35 -32.26
CA CYS D 256 1.38 -9.01 -31.26
C CYS D 256 0.09 -9.78 -31.46
N LYS D 257 -0.74 -9.77 -30.42
CA LYS D 257 -2.06 -10.37 -30.47
C LYS D 257 -3.07 -9.31 -30.87
N ASP D 258 -4.29 -9.73 -31.25
CA ASP D 258 -5.40 -8.80 -31.53
C ASP D 258 -5.88 -8.42 -30.15
N LYS D 259 -5.18 -7.44 -29.58
CA LYS D 259 -5.35 -7.06 -28.21
C LYS D 259 -5.02 -5.58 -28.00
N VAL D 260 -5.71 -4.96 -27.08
CA VAL D 260 -5.55 -3.54 -26.74
C VAL D 260 -5.35 -3.43 -25.24
N THR D 261 -4.38 -2.61 -24.81
CA THR D 261 -4.17 -2.32 -23.40
C THR D 261 -4.70 -0.92 -23.16
N ILE D 262 -5.57 -0.76 -22.16
CA ILE D 262 -6.17 0.53 -21.81
C ILE D 262 -5.68 0.90 -20.44
N VAL D 263 -5.20 2.13 -20.29
CA VAL D 263 -4.72 2.62 -19.02
C VAL D 263 -5.39 3.93 -18.76
N TYR D 264 -5.81 4.16 -17.54
CA TYR D 264 -6.39 5.47 -17.23
C TYR D 264 -6.22 5.82 -15.78
N ASP D 265 -6.44 7.09 -15.46
CA ASP D 265 -6.61 7.55 -14.08
C ASP D 265 -7.83 8.44 -14.05
N THR D 266 -8.40 8.66 -12.84
CA THR D 266 -9.62 9.45 -12.70
C THR D 266 -9.66 10.03 -11.28
N MET D 267 -10.27 11.18 -11.16
CA MET D 267 -10.50 11.84 -9.86
C MET D 267 -11.95 11.62 -9.42
N HIS D 268 -12.90 11.87 -10.31
CA HIS D 268 -14.36 11.76 -10.06
C HIS D 268 -15.08 10.61 -10.80
N GLY D 269 -14.37 9.84 -11.62
CA GLY D 269 -14.92 8.70 -12.31
C GLY D 269 -15.32 8.84 -13.77
N SER D 270 -15.29 10.05 -14.34
CA SER D 270 -15.70 10.24 -15.74
C SER D 270 -14.76 9.58 -16.75
N THR D 271 -13.44 9.70 -16.55
CA THR D 271 -12.47 9.06 -17.43
C THR D 271 -12.59 7.56 -17.34
N GLN D 272 -12.92 7.03 -16.15
CA GLN D 272 -13.15 5.59 -15.98
C GLN D 272 -14.31 5.13 -16.87
N LYS D 273 -15.42 5.86 -16.82
CA LYS D 273 -16.58 5.54 -17.67
C LYS D 273 -16.21 5.52 -19.15
N MET D 274 -15.42 6.50 -19.59
CA MET D 274 -14.92 6.53 -20.97
C MET D 274 -14.09 5.31 -21.29
N ALA D 275 -13.12 4.97 -20.40
CA ALA D 275 -12.25 3.82 -20.61
C ALA D 275 -13.06 2.54 -20.79
N HIS D 276 -14.05 2.33 -19.92
CA HIS D 276 -14.89 1.15 -20.02
C HIS D 276 -15.69 1.12 -21.29
N ALA D 277 -16.16 2.28 -21.74
CA ALA D 277 -16.90 2.38 -22.99
C ALA D 277 -16.03 2.05 -24.19
N PHE D 278 -14.77 2.57 -24.22
CA PHE D 278 -13.86 2.20 -25.32
C PHE D 278 -13.69 0.69 -25.34
N ALA D 279 -13.51 0.06 -24.14
CA ALA D 279 -13.34 -1.39 -24.06
C ALA D 279 -14.51 -2.14 -24.66
N GLU D 280 -15.75 -1.69 -24.40
CA GLU D 280 -16.95 -2.34 -24.94
C GLU D 280 -16.94 -2.35 -26.47
N GLY D 281 -16.51 -1.24 -27.06
CA GLY D 281 -16.40 -1.11 -28.51
C GLY D 281 -15.40 -2.07 -29.08
N ILE D 282 -14.23 -2.16 -28.42
CA ILE D 282 -13.16 -3.07 -28.83
C ILE D 282 -13.62 -4.51 -28.70
N MET D 283 -14.25 -4.84 -27.57
CA MET D 283 -14.75 -6.19 -27.36
C MET D 283 -15.82 -6.61 -28.34
N SER D 284 -16.64 -5.65 -28.86
CA SER D 284 -17.67 -5.99 -29.83
C SER D 284 -17.09 -6.56 -31.12
N GLU D 285 -15.81 -6.31 -31.40
CA GLU D 285 -15.07 -6.83 -32.57
C GLU D 285 -14.25 -8.09 -32.27
N GLY D 286 -14.42 -8.68 -31.09
CA GLY D 286 -13.69 -9.87 -30.69
C GLY D 286 -12.22 -9.64 -30.42
N VAL D 287 -11.83 -8.38 -30.13
CA VAL D 287 -10.47 -8.02 -29.77
C VAL D 287 -10.33 -8.00 -28.24
N ASP D 288 -9.20 -8.52 -27.73
CA ASP D 288 -8.97 -8.62 -26.30
C ASP D 288 -8.65 -7.26 -25.69
N VAL D 289 -9.00 -7.10 -24.45
CA VAL D 289 -8.74 -5.86 -23.68
C VAL D 289 -8.13 -6.21 -22.34
N LYS D 290 -7.08 -5.45 -21.95
CA LYS D 290 -6.55 -5.47 -20.61
C LYS D 290 -6.76 -4.05 -20.09
N MET D 291 -7.33 -3.90 -18.92
CA MET D 291 -7.67 -2.60 -18.33
C MET D 291 -6.87 -2.34 -17.09
N TYR D 292 -6.22 -1.16 -17.02
CA TYR D 292 -5.39 -0.80 -15.88
C TYR D 292 -5.83 0.56 -15.36
N PHE D 293 -5.88 0.69 -14.05
CA PHE D 293 -6.27 1.90 -13.34
C PHE D 293 -5.01 2.37 -12.61
N LEU D 294 -4.44 3.51 -13.04
CA LEU D 294 -3.18 3.99 -12.48
C LEU D 294 -3.18 4.33 -11.01
N HIS D 295 -4.34 4.53 -10.42
CA HIS D 295 -4.44 4.78 -8.99
C HIS D 295 -3.78 3.67 -8.19
N ASN D 296 -3.99 2.42 -8.58
CA ASN D 296 -3.41 1.34 -7.80
C ASN D 296 -2.74 0.21 -8.61
N ASP D 297 -2.59 0.35 -9.94
CA ASP D 297 -1.92 -0.66 -10.74
C ASP D 297 -0.46 -0.31 -11.00
N GLU D 298 0.29 -1.29 -11.45
CA GLU D 298 1.75 -1.22 -11.56
C GLU D 298 2.26 -1.02 -12.95
N ARG D 299 3.23 -0.12 -13.13
CA ARG D 299 3.83 0.12 -14.44
C ARG D 299 4.39 -1.18 -15.05
N SER D 300 4.97 -2.09 -14.23
CA SER D 300 5.58 -3.30 -14.77
C SER D 300 4.61 -4.28 -15.35
N GLU D 301 3.39 -4.35 -14.83
CA GLU D 301 2.36 -5.21 -15.41
C GLU D 301 1.77 -4.51 -16.67
N ILE D 302 1.63 -3.22 -16.63
CA ILE D 302 1.11 -2.48 -17.79
C ILE D 302 1.95 -2.73 -19.00
N VAL D 303 3.29 -2.56 -18.88
CA VAL D 303 4.16 -2.70 -20.05
C VAL D 303 4.25 -4.14 -20.51
N LYS D 304 4.06 -5.13 -19.62
CA LYS D 304 3.98 -6.55 -20.00
C LYS D 304 2.87 -6.73 -21.02
N ASP D 305 1.71 -6.11 -20.77
CA ASP D 305 0.58 -6.25 -21.66
C ASP D 305 0.72 -5.40 -22.92
N ILE D 306 1.33 -4.21 -22.83
CA ILE D 306 1.60 -3.42 -24.05
C ILE D 306 2.44 -4.23 -25.05
N LEU D 307 3.41 -5.02 -24.55
CA LEU D 307 4.32 -5.75 -25.40
C LEU D 307 3.67 -6.63 -26.43
N ASP D 308 2.56 -7.30 -26.11
CA ASP D 308 1.93 -8.10 -27.17
C ASP D 308 0.56 -7.52 -27.59
N SER D 309 0.32 -6.21 -27.32
CA SER D 309 -0.88 -5.50 -27.74
C SER D 309 -0.57 -4.71 -29.02
N LYS D 310 -1.51 -4.66 -29.96
CA LYS D 310 -1.35 -3.88 -31.20
C LYS D 310 -1.76 -2.42 -30.99
N ALA D 311 -2.48 -2.13 -29.89
CA ALA D 311 -2.89 -0.77 -29.57
C ALA D 311 -2.85 -0.51 -28.11
N PHE D 312 -2.73 0.77 -27.76
CA PHE D 312 -2.61 1.25 -26.41
C PHE D 312 -3.42 2.53 -26.22
N LEU D 313 -4.36 2.55 -25.26
CA LEU D 313 -5.13 3.79 -25.06
C LEU D 313 -4.70 4.33 -23.73
N LEU D 314 -4.60 5.64 -23.61
CA LEU D 314 -4.22 6.29 -22.36
C LEU D 314 -5.18 7.43 -22.07
N GLY D 315 -5.79 7.41 -20.89
CA GLY D 315 -6.75 8.41 -20.50
C GLY D 315 -6.49 9.04 -19.17
N ALA D 316 -6.80 10.29 -19.06
CA ALA D 316 -6.70 11.02 -17.81
C ALA D 316 -7.44 12.33 -17.87
N PRO D 317 -7.98 12.78 -16.74
CA PRO D 317 -8.61 14.09 -16.72
C PRO D 317 -7.59 15.22 -16.69
N THR D 318 -8.06 16.46 -16.91
CA THR D 318 -7.20 17.63 -16.85
C THR D 318 -7.22 18.18 -15.44
N ILE D 319 -6.03 18.53 -14.94
CA ILE D 319 -5.83 19.17 -13.64
C ILE D 319 -4.81 20.27 -13.89
N TYR D 320 -5.22 21.53 -13.73
CA TYR D 320 -4.42 22.71 -13.98
C TYR D 320 -3.66 22.64 -15.32
N ASP D 321 -4.44 22.45 -16.39
CA ASP D 321 -4.00 22.41 -17.78
C ASP D 321 -3.16 21.20 -18.18
N GLU D 322 -2.88 20.28 -17.27
CA GLU D 322 -2.06 19.12 -17.53
C GLU D 322 -2.86 17.86 -17.31
N PRO D 323 -2.44 16.71 -17.87
CA PRO D 323 -3.13 15.46 -17.54
C PRO D 323 -2.80 15.07 -16.09
N PHE D 324 -3.69 14.29 -15.47
CA PHE D 324 -3.51 13.80 -14.08
C PHE D 324 -2.10 13.26 -13.90
N PRO D 325 -1.33 13.68 -12.88
CA PRO D 325 0.13 13.41 -12.89
C PRO D 325 0.60 11.98 -12.89
N SER D 326 -0.19 11.01 -12.44
CA SER D 326 0.20 9.60 -12.45
C SER D 326 0.61 9.12 -13.85
N VAL D 327 0.06 9.74 -14.92
CA VAL D 327 0.45 9.36 -16.28
C VAL D 327 1.90 9.68 -16.57
N GLY D 328 2.47 10.69 -15.90
CA GLY D 328 3.86 11.08 -16.12
C GLY D 328 4.83 9.99 -15.76
N ASP D 329 4.49 9.14 -14.76
CA ASP D 329 5.35 8.05 -14.37
C ASP D 329 5.37 7.03 -15.48
N LEU D 330 4.21 6.67 -15.98
CA LEU D 330 4.14 5.68 -17.06
C LEU D 330 4.79 6.21 -18.32
N ILE D 331 4.54 7.48 -18.66
CA ILE D 331 5.14 8.12 -19.83
C ILE D 331 6.69 8.11 -19.74
N TYR D 332 7.24 8.47 -18.59
CA TYR D 332 8.71 8.42 -18.42
C TYR D 332 9.26 7.01 -18.61
N TYR D 333 8.54 6.01 -18.11
CA TYR D 333 8.94 4.62 -18.24
C TYR D 333 8.87 4.17 -19.68
N LEU D 334 7.78 4.53 -20.40
CA LEU D 334 7.66 4.20 -21.83
C LEU D 334 8.73 4.91 -22.68
N LYS D 335 9.13 6.12 -22.30
CA LYS D 335 10.18 6.84 -23.04
C LYS D 335 11.50 6.05 -22.92
N GLY D 336 11.73 5.40 -21.80
CA GLY D 336 12.93 4.58 -21.60
C GLY D 336 12.86 3.27 -22.35
N LEU D 337 11.68 2.62 -22.33
CA LEU D 337 11.51 1.31 -22.97
C LEU D 337 11.53 1.33 -24.47
N LYS D 338 11.09 2.42 -25.11
CA LYS D 338 11.14 2.60 -26.57
C LYS D 338 10.51 1.45 -27.34
N PHE D 339 9.19 1.22 -27.15
CA PHE D 339 8.48 0.12 -27.84
C PHE D 339 8.58 0.13 -29.36
N ASN D 340 8.77 1.28 -29.97
CA ASN D 340 9.00 1.34 -31.44
C ASN D 340 10.26 0.54 -31.87
N ARG D 341 11.22 0.27 -30.95
CA ARG D 341 12.43 -0.53 -31.25
C ARG D 341 12.08 -1.98 -31.66
N THR D 342 10.88 -2.45 -31.31
CA THR D 342 10.40 -3.78 -31.74
C THR D 342 10.09 -3.83 -33.27
N GLY D 343 10.09 -2.69 -33.97
CA GLY D 343 9.78 -2.63 -35.40
C GLY D 343 8.32 -2.32 -35.67
N LEU D 344 7.48 -2.22 -34.60
CA LEU D 344 6.06 -1.94 -34.75
C LEU D 344 5.76 -0.64 -34.04
N LYS D 345 4.97 0.23 -34.66
CA LYS D 345 4.46 1.44 -34.04
C LYS D 345 3.03 1.09 -33.67
N ARG D 346 2.80 0.69 -32.41
CA ARG D 346 1.48 0.30 -31.96
C ARG D 346 0.54 1.49 -32.06
N LEU D 347 -0.74 1.22 -32.34
CA LEU D 347 -1.74 2.27 -32.44
C LEU D 347 -2.07 2.84 -31.08
N ALA D 348 -2.59 4.05 -31.07
CA ALA D 348 -2.97 4.66 -29.82
C ALA D 348 -4.05 5.70 -29.93
N LEU D 349 -4.78 5.90 -28.83
CA LEU D 349 -5.79 6.93 -28.66
C LEU D 349 -5.56 7.59 -27.31
N ALA D 350 -5.76 8.90 -27.24
CA ALA D 350 -5.67 9.66 -25.98
C ALA D 350 -7.08 10.13 -25.63
N PHE D 351 -7.47 10.06 -24.34
CA PHE D 351 -8.83 10.48 -23.96
C PHE D 351 -8.88 11.08 -22.58
N GLY D 352 -9.99 11.67 -22.24
CA GLY D 352 -10.15 12.26 -20.91
C GLY D 352 -11.33 13.16 -20.74
N SER D 353 -11.59 13.51 -19.48
CA SER D 353 -12.67 14.43 -19.14
C SER D 353 -12.03 15.74 -18.64
N MET D 354 -12.77 16.82 -18.79
CA MET D 354 -12.34 18.19 -18.42
C MET D 354 -13.50 18.97 -17.78
N GLY D 355 -13.17 20.00 -17.01
CA GLY D 355 -14.16 20.88 -16.42
C GLY D 355 -14.10 22.32 -16.90
N GLY D 356 -13.07 22.68 -17.66
CA GLY D 356 -12.92 24.04 -18.16
C GLY D 356 -12.25 24.09 -19.51
N ASN D 357 -11.02 24.60 -19.56
CA ASN D 357 -10.29 24.70 -20.81
C ASN D 357 -9.74 23.37 -21.33
N GLY D 358 -9.59 22.37 -20.47
CA GLY D 358 -9.05 21.08 -20.93
C GLY D 358 -7.59 21.22 -21.32
N GLY D 359 -7.13 20.36 -22.21
CA GLY D 359 -5.75 20.32 -22.68
C GLY D 359 -4.95 19.09 -22.29
N GLY D 360 -5.39 18.34 -21.29
CA GLY D 360 -4.69 17.13 -20.88
C GLY D 360 -4.58 16.08 -21.97
N THR D 361 -5.63 15.94 -22.84
CA THR D 361 -5.63 14.93 -23.91
C THR D 361 -4.61 15.31 -25.00
N LYS D 362 -4.45 16.60 -25.31
CA LYS D 362 -3.46 17.01 -26.30
C LYS D 362 -2.04 16.74 -25.78
N VAL D 363 -1.80 16.89 -24.46
CA VAL D 363 -0.48 16.54 -23.89
C VAL D 363 -0.28 15.03 -24.04
N LEU D 364 -1.28 14.20 -23.67
CA LEU D 364 -1.16 12.74 -23.79
C LEU D 364 -0.82 12.30 -25.22
N ALA D 365 -1.47 12.89 -26.22
CA ALA D 365 -1.22 12.61 -27.63
C ALA D 365 0.22 12.93 -28.02
N GLU D 366 0.74 14.08 -27.60
CA GLU D 366 2.11 14.48 -27.91
C GLU D 366 3.10 13.51 -27.29
N LYS D 367 2.85 13.10 -26.04
CA LYS D 367 3.75 12.19 -25.33
C LYS D 367 3.69 10.79 -25.91
N LEU D 368 2.51 10.30 -26.27
CA LEU D 368 2.38 8.98 -26.91
C LEU D 368 3.19 8.96 -28.21
N LYS D 369 3.14 10.04 -29.02
CA LYS D 369 3.94 10.14 -30.24
C LYS D 369 5.45 10.10 -29.90
N GLU D 370 5.87 10.84 -28.86
CA GLU D 370 7.27 10.80 -28.43
C GLU D 370 7.73 9.38 -27.99
N CYS D 371 6.80 8.56 -27.45
CA CYS D 371 7.09 7.20 -27.00
C CYS D 371 7.04 6.19 -28.16
N GLY D 372 6.79 6.65 -29.38
CA GLY D 372 6.77 5.80 -30.56
C GLY D 372 5.45 5.22 -30.99
N PHE D 373 4.33 5.65 -30.40
CA PHE D 373 3.03 5.14 -30.79
C PHE D 373 2.46 5.92 -31.99
N GLU D 374 1.62 5.27 -32.80
CA GLU D 374 0.91 5.91 -33.91
C GLU D 374 -0.44 6.39 -33.35
N VAL D 375 -0.51 7.66 -32.90
CA VAL D 375 -1.71 8.21 -32.29
C VAL D 375 -2.74 8.51 -33.38
N LEU D 376 -3.85 7.82 -33.35
CA LEU D 376 -4.90 7.96 -34.37
C LEU D 376 -5.86 9.07 -34.07
N ASP D 377 -6.19 9.28 -32.80
CA ASP D 377 -7.17 10.29 -32.45
C ASP D 377 -7.10 10.65 -31.00
N GLU D 378 -7.82 11.69 -30.65
CA GLU D 378 -7.97 12.18 -29.29
C GLU D 378 -9.44 12.41 -29.02
N TYR D 379 -9.89 12.19 -27.77
CA TYR D 379 -11.26 12.55 -27.40
C TYR D 379 -11.32 13.07 -25.98
N GLU D 380 -11.66 14.33 -25.84
CA GLU D 380 -11.83 15.00 -24.56
C GLU D 380 -13.28 15.49 -24.44
N LEU D 381 -13.95 15.20 -23.30
CA LEU D 381 -15.32 15.66 -23.10
C LEU D 381 -15.45 16.44 -21.80
N TYR D 382 -16.60 17.07 -21.60
CA TYR D 382 -16.90 17.92 -20.46
C TYR D 382 -17.57 17.15 -19.32
N TYR D 383 -16.94 17.09 -18.14
CA TYR D 383 -17.50 16.42 -16.96
C TYR D 383 -18.03 14.99 -17.24
N VAL D 384 -19.27 14.66 -16.82
CA VAL D 384 -19.78 13.29 -16.91
C VAL D 384 -20.22 13.00 -18.32
N PRO D 385 -19.79 11.88 -18.93
CA PRO D 385 -20.26 11.59 -20.29
C PRO D 385 -21.76 11.34 -20.34
N THR D 386 -22.39 11.81 -21.39
CA THR D 386 -23.79 11.51 -21.63
C THR D 386 -23.82 10.12 -22.29
N GLU D 387 -25.01 9.56 -22.48
CA GLU D 387 -25.17 8.27 -23.15
C GLU D 387 -24.60 8.33 -24.58
N ASP D 388 -24.87 9.42 -25.31
CA ASP D 388 -24.33 9.58 -26.65
C ASP D 388 -22.80 9.67 -26.65
N GLU D 389 -22.20 10.34 -25.66
CA GLU D 389 -20.73 10.42 -25.61
C GLU D 389 -20.11 9.04 -25.33
N LEU D 390 -20.79 8.21 -24.50
CA LEU D 390 -20.31 6.85 -24.25
C LEU D 390 -20.46 6.02 -25.51
N GLU D 391 -21.47 6.29 -26.34
CA GLU D 391 -21.64 5.60 -27.62
C GLU D 391 -20.50 6.02 -28.58
N LYS D 392 -20.07 7.30 -28.59
CA LYS D 392 -18.95 7.73 -29.42
C LYS D 392 -17.66 6.99 -28.95
N CYS D 393 -17.43 6.81 -27.61
CA CYS D 393 -16.27 6.04 -27.13
C CYS D 393 -16.33 4.60 -27.67
N TYR D 394 -17.50 3.96 -27.56
CA TYR D 394 -17.74 2.62 -28.09
C TYR D 394 -17.39 2.56 -29.59
N ASN D 395 -17.94 3.49 -30.38
CA ASN D 395 -17.71 3.50 -31.84
C ASN D 395 -16.25 3.70 -32.16
N MET D 396 -15.57 4.58 -31.46
CA MET D 396 -14.12 4.80 -31.62
C MET D 396 -13.32 3.54 -31.30
N GLY D 397 -13.71 2.84 -30.24
CA GLY D 397 -13.08 1.59 -29.86
C GLY D 397 -13.35 0.51 -30.89
N LYS D 398 -14.57 0.47 -31.44
CA LYS D 398 -14.93 -0.47 -32.49
C LYS D 398 -14.08 -0.24 -33.77
N ARG D 399 -13.95 1.03 -34.20
CA ARG D 399 -13.16 1.39 -35.39
C ARG D 399 -11.67 1.06 -35.18
N LEU D 400 -11.17 1.29 -33.97
CA LEU D 400 -9.79 0.94 -33.62
C LEU D 400 -9.60 -0.57 -33.71
N ALA D 401 -10.55 -1.36 -33.18
CA ALA D 401 -10.45 -2.82 -33.21
C ALA D 401 -10.46 -3.38 -34.61
N VAL D 402 -11.21 -2.75 -35.54
CA VAL D 402 -11.21 -3.19 -36.94
C VAL D 402 -9.81 -2.95 -37.52
N LYS D 403 -9.21 -1.81 -37.20
CA LYS D 403 -7.87 -1.48 -37.69
C LYS D 403 -6.82 -2.41 -37.08
N VAL D 404 -6.95 -2.72 -35.78
CA VAL D 404 -6.07 -3.68 -35.10
C VAL D 404 -6.11 -5.05 -35.82
N LYS D 405 -7.30 -5.56 -36.16
CA LYS D 405 -7.41 -6.86 -36.86
C LYS D 405 -6.81 -6.85 -38.27
N GLU D 406 -6.83 -5.70 -38.96
CA GLU D 406 -6.25 -5.56 -40.30
C GLU D 406 -4.72 -5.46 -40.27
N MET D 407 -4.11 -5.09 -39.12
CA MET D 407 -2.65 -4.98 -39.01
C MET D 407 -2.02 -6.37 -39.09
N LYS D 408 -1.09 -6.59 -40.01
CA LYS D 408 -0.45 -7.91 -40.17
C LYS D 408 0.64 -8.14 -39.13
N THR D 409 0.80 -9.41 -38.73
CA THR D 409 1.75 -9.85 -37.70
C THR D 409 3.09 -10.22 -38.33
N1 FMN E . 22.48 3.03 -16.13
C2 FMN E . 22.71 3.80 -17.19
O2 FMN E . 23.68 4.54 -17.16
N3 FMN E . 21.93 3.81 -18.25
C4 FMN E . 20.86 3.05 -18.33
O4 FMN E . 20.18 3.09 -19.31
C4A FMN E . 20.51 2.17 -17.19
N5 FMN E . 19.46 1.36 -17.18
C5A FMN E . 19.19 0.59 -16.13
C6 FMN E . 18.08 -0.22 -16.11
C7 FMN E . 17.79 -0.99 -15.02
C7M FMN E . 16.59 -1.89 -15.01
C8 FMN E . 18.68 -0.99 -13.86
C8M FMN E . 18.39 -1.86 -12.68
C9 FMN E . 19.79 -0.18 -13.87
C9A FMN E . 20.09 0.62 -14.96
N10 FMN E . 21.19 1.44 -14.96
C10 FMN E . 21.44 2.22 -16.06
C1' FMN E . 22.13 1.48 -13.86
C2' FMN E . 21.80 2.39 -12.72
O2' FMN E . 21.64 3.66 -13.23
C3' FMN E . 22.93 2.31 -11.70
O3' FMN E . 22.87 1.04 -11.11
C4' FMN E . 22.90 3.35 -10.59
O4' FMN E . 24.09 3.22 -9.88
C5' FMN E . 21.73 3.12 -9.68
O5' FMN E . 21.54 4.08 -8.68
P FMN E . 20.69 3.73 -7.43
O1P FMN E . 21.55 2.93 -6.65
O2P FMN E . 20.44 5.04 -6.89
O3P FMN E . 19.51 3.06 -7.88
HN3 FMN E . 22.18 4.42 -19.05
H6 FMN E . 17.41 -0.23 -16.97
HM71 FMN E . 16.34 -2.13 -14.02
HM72 FMN E . 16.81 -2.78 -15.54
HM73 FMN E . 15.77 -1.39 -15.47
HM81 FMN E . 19.17 -1.76 -11.97
HM82 FMN E . 18.32 -2.87 -12.99
HM83 FMN E . 17.47 -1.56 -12.24
H9 FMN E . 20.46 -0.16 -13.02
H1'1 FMN E . 23.11 1.76 -14.26
H1'2 FMN E . 22.24 0.46 -13.47
H2' FMN E . 20.87 2.05 -12.25
HO2' FMN E . 20.81 3.72 -13.71
H3' FMN E . 23.88 2.41 -12.24
HO3' FMN E . 23.54 0.98 -10.42
H4' FMN E . 22.83 4.35 -11.04
HO4' FMN E . 24.31 4.07 -9.47
H5'1 FMN E . 21.83 2.14 -9.21
H5'2 FMN E . 20.81 3.08 -10.30
CA CA F . 9.40 9.65 4.00
CA CA G . -32.06 33.21 16.90
CA CA H . -21.12 25.35 -22.56
TB TB I . -13.75 20.98 -2.96
C1 GOL J . -9.73 19.87 -3.27
O1 GOL J . -9.21 18.86 -2.50
C2 GOL J . -11.20 19.68 -3.29
O2 GOL J . -11.70 20.57 -2.37
C3 GOL J . -11.74 19.86 -4.68
O3 GOL J . -13.08 19.51 -4.51
H11 GOL J . -9.31 19.87 -4.28
H12 GOL J . -9.54 20.82 -2.79
HO1 GOL J . -9.67 18.00 -2.62
H2 GOL J . -11.45 18.70 -2.94
H31 GOL J . -11.25 19.15 -5.36
H32 GOL J . -11.62 20.87 -5.04
N1 FMN K . -23.25 -13.41 8.45
C2 FMN K . -23.45 -14.21 9.53
O2 FMN K . -24.43 -13.99 10.27
N3 FMN K . -22.62 -15.21 9.85
C4 FMN K . -21.54 -15.51 9.11
O4 FMN K . -20.78 -16.45 9.43
C4A FMN K . -21.27 -14.69 7.91
N5 FMN K . -20.20 -14.93 7.11
C5A FMN K . -19.97 -14.16 6.02
C6 FMN K . -18.86 -14.42 5.21
C7 FMN K . -18.63 -13.63 4.09
C7M FMN K . -17.43 -13.92 3.22
C8 FMN K . -19.55 -12.53 3.74
C8M FMN K . -19.28 -11.67 2.53
C9 FMN K . -20.65 -12.26 4.55
C9A FMN K . -20.89 -13.04 5.67
N10 FMN K . -22.01 -12.78 6.49
C10 FMN K . -22.21 -13.60 7.61
C1' FMN K . -22.93 -11.69 6.17
C2' FMN K . -22.41 -10.38 6.77
O2' FMN K . -22.24 -10.54 8.19
C3' FMN K . -23.38 -9.24 6.51
O3' FMN K . -23.36 -8.91 5.11
C4' FMN K . -23.01 -8.01 7.33
O4' FMN K . -24.12 -7.10 7.35
C5' FMN K . -21.79 -7.31 6.76
O5' FMN K . -21.54 -6.10 7.47
P FMN K . -20.77 -4.88 6.76
O1P FMN K . -21.79 -4.32 5.79
O2P FMN K . -20.43 -3.95 7.90
O3P FMN K . -19.58 -5.53 6.11
HN3 FMN K . -22.82 -15.80 10.70
H6 FMN K . -18.19 -15.23 5.46
HM71 FMN K . -17.51 -13.37 2.32
HM72 FMN K . -17.40 -14.96 3.00
HM73 FMN K . -16.55 -13.64 3.73
HM81 FMN K . -19.94 -10.85 2.52
HM82 FMN K . -19.44 -12.26 1.66
HM83 FMN K . -18.28 -11.33 2.55
H9 FMN K . -21.32 -11.44 4.29
H1'1 FMN K . -23.92 -11.91 6.58
H1'2 FMN K . -23.02 -11.58 5.09
H2' FMN K . -21.45 -10.15 6.31
HO2' FMN K . -21.35 -10.90 8.37
H3' FMN K . -24.39 -9.56 6.79
HO3' FMN K . -24.23 -8.60 4.84
H4' FMN K . -22.78 -8.34 8.36
HO4' FMN K . -24.42 -6.98 8.26
H5'1 FMN K . -21.93 -7.10 5.71
H5'2 FMN K . -20.91 -7.96 6.85
CA CA L . -8.47 6.96 8.76
CA CA M . 21.63 -16.55 29.39
TB TB N . 14.96 1.72 20.31
C8 PE4 O . -33.38 -2.66 20.12
O5 PE4 O . -32.41 -3.12 21.03
C9 PE4 O . -31.76 -4.34 20.74
C10 PE4 O . -30.80 -4.77 21.85
O6 PE4 O . -30.17 -3.66 22.46
C11 PE4 O . -28.94 -3.89 23.14
C12 PE4 O . -29.06 -3.33 24.55
O7 PE4 O . -28.92 -1.93 24.51
C13 PE4 O . -29.34 -1.25 25.65
C14 PE4 O . -28.85 0.19 25.57
O8 PE4 O . -29.93 1.07 25.76
C15 PE4 O . -29.64 2.45 25.68
H91 PE4 O . -31.20 -4.23 19.82
H92 PE4 O . -32.50 -5.13 20.60
H101 PE4 O . -30.05 -5.43 21.42
H102 PE4 O . -31.36 -5.31 22.61
H111 PE4 O . -28.13 -3.37 22.61
H112 PE4 O . -28.71 -4.95 23.19
H121 PE4 O . -28.27 -3.73 25.17
H122 PE4 O . -30.03 -3.59 24.97
H131 PE4 O . -28.93 -1.72 26.54
H132 PE4 O . -30.43 -1.27 25.71
H141 PE4 O . -28.41 0.37 24.58
H142 PE4 O . -28.09 0.34 26.34
C8 PE4 P . 38.20 5.12 9.21
O5 PE4 P . 36.86 4.80 9.44
C9 PE4 P . 35.88 5.22 8.53
C10 PE4 P . 34.54 4.55 8.86
O6 PE4 P . 34.67 3.15 8.92
C11 PE4 P . 33.62 2.35 8.46
C12 PE4 P . 33.44 1.08 9.32
O7 PE4 P . 34.66 0.42 9.57
C13 PE4 P . 34.56 -0.94 9.92
C14 PE4 P . 35.82 -1.45 10.64
O8 PE4 P . 36.96 -0.72 10.23
C15 PE4 P . 38.21 -1.19 10.69
H91 PE4 P . 36.16 4.98 7.51
H92 PE4 P . 35.74 6.30 8.64
H101 PE4 P . 33.82 4.83 8.09
H102 PE4 P . 34.20 4.92 9.81
H111 PE4 P . 33.82 2.04 7.43
H112 PE4 P . 32.68 2.90 8.48
H121 PE4 P . 32.76 0.40 8.80
H122 PE4 P . 33.00 1.36 10.28
H131 PE4 P . 34.38 -1.54 9.03
H132 PE4 P . 33.71 -1.07 10.60
H141 PE4 P . 35.93 -2.50 10.39
H142 PE4 P . 35.67 -1.35 11.72
C1 GOL Q . 10.96 1.02 19.69
O1 GOL Q . 10.62 1.73 18.57
C2 GOL Q . 12.40 0.94 19.41
O2 GOL Q . 12.83 2.22 19.69
C3 GOL Q . 13.05 -0.18 20.15
O3 GOL Q . 14.21 -0.35 19.46
H11 GOL Q . 10.49 0.04 19.76
H12 GOL Q . 10.81 1.60 20.60
HO1 GOL Q . 9.64 1.76 18.50
H2 GOL Q . 12.50 0.73 18.36
H31 GOL Q . 12.43 -1.08 20.07
H32 GOL Q . 13.22 0.04 21.19
N1 FMN R . 11.12 -10.41 23.85
C2 FMN R . 10.58 -11.13 24.85
O2 FMN R . 11.05 -12.21 25.11
N3 FMN R . 9.53 -10.72 25.54
C4 FMN R . 8.94 -9.56 25.33
O4 FMN R . 7.99 -9.18 25.97
C4A FMN R . 9.45 -8.70 24.26
N5 FMN R . 8.91 -7.52 23.99
C5A FMN R . 9.40 -6.76 23.00
C6 FMN R . 8.82 -5.56 22.69
C7 FMN R . 9.31 -4.78 21.65
C7M FMN R . 8.71 -3.45 21.31
C8 FMN R . 10.46 -5.20 20.88
C8M FMN R . 10.97 -4.32 19.77
C9 FMN R . 11.03 -6.41 21.19
C9A FMN R . 10.56 -7.21 22.21
N10 FMN R . 11.15 -8.46 22.47
C10 FMN R . 10.62 -9.23 23.51
C1' FMN R . 12.31 -8.87 21.75
C2' FMN R . 12.10 -9.62 20.48
O2' FMN R . 11.27 -10.67 20.79
C3' FMN R . 13.50 -10.00 20.02
O3' FMN R . 14.15 -8.85 19.55
C4' FMN R . 13.50 -11.06 18.93
O4' FMN R . 14.78 -11.56 18.64
C5' FMN R . 12.95 -10.48 17.65
O5' FMN R . 12.83 -11.47 16.66
P FMN R . 12.67 -11.05 15.16
O1P FMN R . 14.02 -10.74 14.80
O2P FMN R . 12.23 -12.19 14.45
O3P FMN R . 11.89 -9.87 15.22
HN3 FMN R . 9.19 -11.33 26.31
H6 FMN R . 7.96 -5.21 23.24
HM71 FMN R . 8.75 -3.31 20.26
HM72 FMN R . 9.26 -2.69 21.79
HM73 FMN R . 7.71 -3.43 21.64
HM81 FMN R . 11.83 -4.76 19.33
HM82 FMN R . 11.23 -3.37 20.17
HM83 FMN R . 10.21 -4.20 19.04
H9 FMN R . 11.89 -6.74 20.61
H1'1 FMN R . 12.91 -9.50 22.42
H1'2 FMN R . 12.91 -7.99 21.53
H2' FMN R . 11.64 -8.96 19.74
HO2' FMN R . 10.36 -10.38 20.77
H3' FMN R . 14.05 -10.40 20.88
HO3' FMN R . 15.08 -9.05 19.37
H4' FMN R . 12.84 -11.89 19.25
HO4' FMN R . 14.70 -12.43 18.22
H5'1 FMN R . 13.61 -9.69 17.29
H5'2 FMN R . 11.96 -10.05 17.84
CA CA S . 5.45 -12.72 -0.36
CA CA T . -44.12 -12.06 -23.65
CA CA U . 5.95 -10.81 31.12
CA CA V . 3.49 -27.21 23.55
CA CA W . -30.83 -31.97 1.38
TB TB X . -20.77 -13.15 -4.29
C21 7MT Y . -42.46 -11.14 -28.98
C10 7MT Y . -46.70 -5.91 -25.69
C11 7MT Y . -45.01 -10.42 -28.58
C01 7MT Y . -47.80 -7.01 -28.08
C03 7MT Y . -47.83 -8.13 -29.15
C04 7MT Y . -46.63 -5.37 -29.37
C05 7MT Y . -46.21 -6.19 -30.59
C07 7MT Y . -45.23 -8.28 -31.17
C08 7MT Y . -46.32 -9.20 -30.66
C13 7MT Y . -47.28 -5.43 -24.51
C14 7MT Y . -47.18 -6.17 -23.37
C15 7MT Y . -46.53 -7.38 -23.39
C16 7MT Y . -45.97 -7.82 -24.59
C18 7MT Y . -45.22 -9.13 -24.79
C19 7MT Y . -44.73 -11.75 -28.85
C20 7MT Y . -43.43 -12.11 -29.06
C22 7MT Y . -42.82 -9.81 -28.72
C24 7MT Y . -41.73 -8.74 -28.63
C29 7MT Y . -46.44 -9.94 -28.37
C30 7MT Y . -46.75 -5.16 -27.04
N02 7MT Y . -46.59 -6.14 -28.14
N06 7MT Y . -45.18 -7.17 -30.23
N09 7MT Y . -46.53 -8.83 -29.26
N17 7MT Y . -46.08 -7.09 -25.70
N23 7MT Y . -44.09 -9.47 -28.51
O25 7MT Y . -40.52 -9.06 -28.74
O26 7MT Y . -42.04 -7.54 -28.44
O27 7MT Y . -45.22 -10.05 -23.92
O28 7MT Y . -44.58 -9.21 -25.87
TB 7MT Y . -44.45 -7.62 -27.70
H1 7MT Y . -44.25 -6.71 -30.27
H211 7MT Y . -41.43 -11.40 -29.14
H012 7MT Y . -47.86 -7.50 -27.11
H011 7MT Y . -48.68 -6.38 -28.21
H031 7MT Y . -48.09 -7.68 -30.12
H032 7MT Y . -48.60 -8.85 -28.90
H042 7MT Y . -47.64 -5.00 -29.52
H041 7MT Y . -45.95 -4.51 -29.27
H051 7MT Y . -45.82 -5.52 -31.35
H052 7MT Y . -47.09 -6.71 -30.99
H072 7MT Y . -45.48 -7.91 -32.16
H071 7MT Y . -44.27 -8.80 -31.18
H081 7MT Y . -46.03 -10.25 -30.77
H082 7MT Y . -47.25 -9.02 -31.22
H131 7MT Y . -47.79 -4.48 -24.50
H141 7MT Y . -47.62 -5.82 -22.46
H151 7MT Y . -46.45 -7.97 -22.49
H191 7MT Y . -45.51 -12.49 -28.91
H201 7MT Y . -43.17 -13.13 -29.27
H292 7MT Y . -46.60 -9.62 -27.33
H291 7MT Y . -47.16 -10.72 -28.64
H302 7MT Y . -45.94 -4.42 -27.08
H301 7MT Y . -47.72 -4.65 -27.14
C21 7MT Z . -42.49 -2.85 -27.61
C10 7MT Z . -41.07 -7.02 -31.83
C11 7MT Z . -41.26 -1.79 -29.80
C01 7MT Z . -38.88 -4.13 -30.74
C03 7MT Z . -38.73 -2.72 -31.38
C04 7MT Z . -38.80 -5.36 -32.78
C05 7MT Z . -39.61 -5.26 -34.08
C07 7MT Z . -39.41 -2.88 -34.18
C08 7MT Z . -39.87 -1.74 -33.26
C13 7MT Z . -41.00 -8.41 -31.89
C14 7MT Z . -41.87 -9.10 -32.66
C15 7MT Z . -42.83 -8.43 -33.37
C16 7MT Z . -42.89 -7.04 -33.29
C18 7MT Z . -43.97 -6.29 -34.09
C19 7MT Z . -41.29 -1.08 -28.61
C20 7MT Z . -41.92 -1.61 -27.52
C22 7MT Z . -42.44 -3.55 -28.82
C24 7MT Z . -43.08 -4.94 -28.92
C29 7MT Z . -40.55 -1.18 -31.03
C30 7MT Z . -40.06 -6.23 -30.95
N02 7MT Z . -39.64 -5.00 -31.66
N06 7MT Z . -40.34 -3.99 -34.11
N09 7MT Z . -40.04 -2.25 -31.89
N17 7MT Z . -42.02 -6.35 -32.53
N23 7MT Z . -41.81 -3.01 -29.90
O25 7MT Z . -42.98 -5.61 -29.98
O26 7MT Z . -43.73 -5.41 -27.95
O27 7MT Z . -44.77 -6.92 -34.83
O28 7MT Z . -44.05 -5.04 -34.00
TB 7MT Z . -42.02 -4.13 -32.04
H1 7MT Z . -40.93 -3.90 -33.24
H211 7MT Z . -42.99 -3.28 -26.75
H012 7MT Z . -39.43 -4.04 -29.80
H011 7MT Z . -37.90 -4.56 -30.56
H031 7MT Z . -38.01 -2.78 -32.19
H032 7MT Z . -38.36 -2.03 -30.62
H042 7MT Z . -37.95 -4.68 -32.83
H041 7MT Z . -38.44 -6.39 -32.66
H051 7MT Z . -40.31 -6.09 -34.13
H052 7MT Z . -38.93 -5.30 -34.92
H072 7MT Z . -38.42 -3.21 -33.88
H071 7MT Z . -39.36 -2.52 -35.21
H081 7MT Z . -40.82 -1.35 -33.62
H082 7MT Z . -39.13 -0.94 -33.27
H131 7MT Z . -40.24 -8.93 -31.33
H141 7MT Z . -41.82 -10.18 -32.71
H151 7MT Z . -43.53 -8.98 -33.97
H191 7MT Z . -40.84 -0.10 -28.55
H201 7MT Z . -41.96 -1.06 -26.60
H292 7MT Z . -39.71 -0.55 -30.70
H291 7MT Z . -41.26 -0.56 -31.59
H302 7MT Z . -39.20 -6.85 -30.75
H301 7MT Z . -40.54 -5.96 -30.01
C8 PE4 AA . -23.53 -20.27 -1.73
O5 PE4 AA . -22.45 -20.34 -0.84
C9 PE4 AA . -21.25 -19.78 -1.33
C10 PE4 AA . -20.29 -19.63 -0.17
O6 PE4 AA . -20.63 -18.52 0.61
C11 PE4 AA . -19.56 -17.69 0.94
C12 PE4 AA . -19.99 -16.59 1.90
O7 PE4 AA . -21.19 -16.03 1.46
C13 PE4 AA . -21.63 -14.95 2.26
C14 PE4 AA . -23.11 -14.74 2.05
O8 PE4 AA . -23.63 -14.09 3.19
C15 PE4 AA . -24.70 -14.70 3.88
H91 PE4 AA . -21.42 -18.80 -1.76
H92 PE4 AA . -20.81 -20.44 -2.09
H101 PE4 AA . -19.29 -19.51 -0.58
H102 PE4 AA . -20.33 -20.53 0.45
H111 PE4 AA . -19.14 -17.28 0.05
H112 PE4 AA . -18.79 -18.27 1.43
H121 PE4 AA . -19.23 -15.81 1.92
H122 PE4 AA . -20.12 -17.01 2.90
H131 PE4 AA . -21.10 -14.03 1.97
H132 PE4 AA . -21.44 -15.14 3.32
H141 PE4 AA . -23.60 -15.71 1.90
H142 PE4 AA . -23.28 -14.10 1.18
C8 PE4 BA . -44.63 -3.63 -24.41
O5 PE4 BA . -44.68 -3.13 -23.11
C9 PE4 BA . -44.74 -4.15 -22.14
C10 PE4 BA . -45.59 -3.78 -20.92
O6 PE4 BA . -46.33 -4.92 -20.56
C11 PE4 BA . -47.27 -4.84 -19.51
C12 PE4 BA . -46.80 -5.49 -18.21
O7 PE4 BA . -46.48 -6.85 -18.37
C13 PE4 BA . -46.34 -7.60 -17.18
C14 PE4 BA . -45.06 -8.45 -17.22
O8 PE4 BA . -45.32 -9.76 -16.81
C15 PE4 BA . -44.86 -10.15 -15.53
H91 PE4 BA . -43.73 -4.37 -21.81
H92 PE4 BA . -45.17 -5.05 -22.61
H101 PE4 BA . -46.27 -2.95 -21.16
H102 PE4 BA . -44.94 -3.48 -20.10
H111 PE4 BA . -48.18 -5.35 -19.84
H112 PE4 BA . -47.51 -3.79 -19.32
H121 PE4 BA . -47.61 -5.41 -17.49
H122 PE4 BA . -45.94 -4.95 -17.83
H131 PE4 BA . -47.21 -8.25 -17.05
H132 PE4 BA . -46.30 -6.93 -16.31
H141 PE4 BA . -44.32 -7.98 -16.58
H142 PE4 BA . -44.68 -8.49 -18.23
C1 GOL CA . -41.60 -10.01 -24.89
O1 GOL CA . -42.53 -10.90 -25.42
C2 GOL CA . -40.97 -10.76 -23.72
O2 GOL CA . -42.02 -11.17 -22.85
C3 GOL CA . -40.24 -11.97 -24.29
O3 GOL CA . -38.99 -11.59 -24.86
H11 GOL CA . -42.10 -9.12 -24.53
H12 GOL CA . -40.86 -9.77 -25.64
H2 GOL CA . -40.29 -10.10 -23.18
H31 GOL CA . -40.83 -12.47 -25.04
H32 GOL CA . -40.07 -12.69 -23.48
HO3 GOL CA . -39.10 -10.82 -25.45
C1 GOL DA . -17.50 -13.75 -1.93
O1 GOL DA . -16.54 -13.15 -2.65
C2 GOL DA . -18.45 -12.86 -2.59
O2 GOL DA . -18.53 -13.40 -3.86
C3 GOL DA . -19.72 -12.73 -1.82
O3 GOL DA . -20.46 -11.77 -2.47
H11 GOL DA . -17.46 -13.64 -0.85
H12 GOL DA . -17.64 -14.79 -2.26
H2 GOL DA . -18.01 -11.88 -2.62
H31 GOL DA . -19.47 -12.42 -0.80
H32 GOL DA . -20.28 -13.65 -1.82
N1 FMN EA . -10.60 21.07 -15.70
C2 FMN EA . -10.04 21.78 -16.67
O2 FMN EA . -10.60 21.80 -17.73
N3 FMN EA . -8.91 22.46 -16.54
C4 FMN EA . -8.27 22.52 -15.38
O4 FMN EA . -7.23 23.13 -15.28
C4A FMN EA . -8.80 21.76 -14.23
N5 FMN EA . -8.18 21.72 -13.06
C5A FMN EA . -8.68 20.99 -12.05
C6 FMN EA . -8.03 20.93 -10.83
C7 FMN EA . -8.54 20.18 -9.80
C7M FMN EA . -7.86 20.13 -8.46
C8 FMN EA . -9.77 19.43 -9.96
C8M FMN EA . -10.30 18.63 -8.83
C9 FMN EA . -10.41 19.47 -11.18
C9A FMN EA . -9.92 20.22 -12.23
N10 FMN EA . -10.56 20.23 -13.47
C10 FMN EA . -10.04 21.00 -14.50
C1' FMN EA . -11.81 19.51 -13.64
C2' FMN EA . -11.70 18.07 -14.02
O2' FMN EA . -10.92 17.95 -15.16
C3' FMN EA . -13.12 17.59 -14.25
O3' FMN EA . -13.74 17.55 -12.98
C4' FMN EA . -13.22 16.26 -14.96
O4' FMN EA . -14.56 16.00 -15.30
C5' FMN EA . -12.69 15.15 -14.07
O5' FMN EA . -12.59 13.87 -14.70
P FMN EA . -12.61 12.57 -13.85
O1P FMN EA . -13.96 12.38 -13.40
O2P FMN EA . -12.17 11.57 -14.79
O3P FMN EA . -11.76 12.82 -12.73
HN3 FMN EA . -8.56 23.04 -17.34
H6 FMN EA . -7.12 21.49 -10.68
HM71 FMN EA . -8.03 19.18 -8.02
HM72 FMN EA . -8.26 20.88 -7.84
HM73 FMN EA . -6.83 20.29 -8.59
HM81 FMN EA . -11.27 18.26 -9.07
HM82 FMN EA . -10.37 19.25 -7.96
HM83 FMN EA . -9.66 17.82 -8.62
H9 FMN EA . -11.33 18.91 -11.31
H1'1 FMN EA . -12.40 20.03 -14.39
H1'2 FMN EA . -12.37 19.58 -12.70
H2' FMN EA . -11.26 17.50 -13.19
HO2' FMN EA . -10.01 17.75 -14.91
H3' FMN EA . -13.63 18.35 -14.87
HO3' FMN EA . -14.70 17.55 -13.09
H4' FMN EA . -12.61 16.30 -15.87
HO4' FMN EA . -14.59 15.32 -15.98
H5'1 FMN EA . -13.35 15.05 -13.19
H5'2 FMN EA . -11.70 15.43 -13.70
CA CA FA . 42.39 -28.71 -7.83
CA CA GA . -6.27 -3.32 -11.73
CA CA HA . -4.91 27.64 -18.33
CA CA IA . -4.04 16.00 -32.08
CA CA JA . 28.61 -8.83 -32.95
TB TB KA . 19.60 -9.00 -12.51
C21 7MT LA . 40.10 -33.68 -5.81
C10 7MT LA . 45.43 -29.59 -1.67
C11 7MT LA . 42.78 -33.27 -5.63
C01 7MT LA . 46.17 -32.37 -2.28
C03 7MT LA . 45.84 -32.45 -3.79
C04 7MT LA . 44.60 -32.96 -0.46
C05 7MT LA . 44.18 -34.22 -1.17
C07 7MT LA . 43.52 -35.28 -3.11
C08 7MT LA . 44.73 -34.73 -3.91
C13 7MT LA . 46.28 -28.48 -1.66
C14 7MT LA . 46.17 -27.57 -2.67
C15 7MT LA . 45.27 -27.77 -3.69
C16 7MT LA . 44.42 -28.88 -3.65
C18 7MT LA . 43.43 -29.28 -4.72
C19 7MT LA . 42.24 -33.92 -6.74
C20 7MT LA . 40.90 -34.12 -6.83
C22 7MT LA . 40.68 -33.07 -4.69
C24 7MT LA . 39.82 -32.57 -3.56
C29 7MT LA . 44.29 -33.03 -5.54
C30 7MT LA . 45.41 -30.74 -0.64
N02 7MT LA . 45.02 -31.94 -1.42
N06 7MT LA . 43.05 -34.28 -2.12
N09 7MT LA . 44.62 -33.26 -4.12
N17 7MT LA . 44.55 -29.77 -2.66
N23 7MT LA . 42.04 -32.87 -4.56
O25 7MT LA . 40.40 -32.11 -2.53
O26 7MT LA . 38.55 -32.55 -3.72
O27 7MT LA . 43.26 -28.54 -5.73
O28 7MT LA . 42.83 -30.39 -4.57
TB 7MT LA . 42.78 -31.70 -2.61
H1 7MT LA . 42.26 -34.72 -1.63
H211 7MT LA . 39.04 -33.85 -5.86
H012 7MT LA . 47.01 -31.68 -2.16
H011 7MT LA . 46.53 -33.34 -1.97
H031 7MT LA . 46.70 -32.90 -4.30
H032 7MT LA . 45.73 -31.45 -4.16
H042 7MT LA . 45.44 -33.23 0.17
H041 7MT LA . 43.82 -32.64 0.20
H051 7MT LA . 44.33 -35.13 -0.60
H052 7MT LA . 44.98 -34.27 -1.85
H072 7MT LA . 43.80 -36.21 -2.61
H071 7MT LA . 42.70 -35.50 -3.80
H081 7MT LA . 44.73 -35.27 -4.86
H082 7MT LA . 45.67 -34.97 -3.42
H131 7MT LA . 46.99 -28.33 -0.86
H141 7MT LA . 46.80 -26.70 -2.69
H151 7MT LA . 45.21 -27.07 -4.50
H191 7MT LA . 42.89 -34.24 -7.55
H201 7MT LA . 40.47 -34.60 -7.70
H292 7MT LA . 44.50 -32.02 -5.84
H291 7MT LA . 44.82 -33.72 -6.20
H302 7MT LA . 44.71 -30.53 0.16
H301 7MT LA . 46.41 -30.87 -0.21
C21 7MT MA . 41.28 -30.38 2.01
C10 7MT MA . 39.22 -35.32 -0.83
C11 7MT MA . 40.03 -32.11 3.70
C01 7MT MA . 37.35 -33.51 1.92
C03 7MT MA . 37.34 -33.78 3.45
C04 7MT MA . 37.15 -35.79 1.24
C05 7MT MA . 37.99 -37.03 1.58
C07 7MT MA . 38.03 -36.55 3.91
C08 7MT MA . 38.60 -35.38 4.73
C13 7MT MA . 38.98 -35.71 -2.14
C14 7MT MA . 39.78 -36.64 -2.72
C15 7MT MA . 40.80 -37.19 -2.01
C16 7MT MA . 41.02 -36.79 -0.69
C18 7MT MA . 42.17 -37.42 0.11
C19 7MT MA . 40.20 -30.79 4.07
C20 7MT MA . 40.83 -29.93 3.23
C22 7MT MA . 41.09 -31.71 1.65
C24 7MT MA . 41.60 -32.22 0.29
C29 7MT MA . 39.30 -33.09 4.66
C30 7MT MA . 38.30 -34.24 -0.18
N02 7MT MA . 38.02 -34.63 1.23
N06 7MT MA . 38.85 -36.76 2.73
N09 7MT MA . 38.69 -34.19 3.89
N17 7MT MA . 40.23 -35.86 -0.12
N23 7MT MA . 40.47 -32.56 2.51
O25 7MT MA . 41.42 -33.41 -0.04
O26 7MT MA . 42.19 -31.42 -0.49
O27 7MT MA . 42.95 -38.24 -0.43
O28 7MT MA . 42.33 -37.10 1.32
TB 7MT MA . 40.46 -34.98 1.94
H1 7MT MA . 39.42 -35.91 2.54
H211 7MT MA . 41.78 -29.70 1.34
H012 7MT MA . 37.88 -32.58 1.72
H011 7MT MA . 36.32 -33.42 1.57
H031 7MT MA . 36.63 -34.57 3.67
H032 7MT MA . 37.04 -32.88 3.98
H042 7MT MA . 36.38 -35.66 2.00
H041 7MT MA . 36.69 -35.91 0.27
H051 7MT MA . 38.59 -37.30 0.72
H052 7MT MA . 37.32 -37.86 1.81
H072 7MT MA . 37.02 -36.32 3.62
H071 7MT MA . 38.04 -37.46 4.52
H081 7MT MA . 39.59 -35.65 5.10
H082 7MT MA . 37.95 -35.18 5.58
H131 7MT MA . 38.17 -35.26 -2.70
H141 7MT MA . 39.61 -36.95 -3.74
H151 7MT MA . 41.44 -37.94 -2.47
H191 7MT MA . 39.84 -30.45 5.04
H201 7MT MA . 40.96 -28.90 3.51
H292 7MT MA . 38.53 -32.56 5.21
H291 7MT MA . 40.03 -33.50 5.36
H302 7MT MA . 37.37 -34.17 -0.72
H301 7MT MA . 38.81 -33.28 -0.19
C8 PE4 NA . 21.64 -8.46 -20.56
O5 PE4 NA . 20.72 -7.41 -20.46
C9 PE4 NA . 19.59 -7.70 -19.68
C10 PE4 NA . 18.71 -6.46 -19.61
O6 PE4 NA . 19.33 -5.50 -18.80
C11 PE4 NA . 18.52 -4.93 -17.81
C12 PE4 NA . 19.17 -3.63 -17.34
O7 PE4 NA . 20.43 -3.91 -16.79
C13 PE4 NA . 20.94 -2.93 -15.93
C14 PE4 NA . 22.47 -2.99 -15.94
O8 PE4 NA . 22.93 -1.69 -15.74
C15 PE4 NA . 24.27 -1.37 -16.07
H91 PE4 NA . 19.87 -7.98 -18.67
H92 PE4 NA . 19.00 -8.51 -20.14
H101 PE4 NA . 17.75 -6.76 -19.21
H102 PE4 NA . 18.58 -6.05 -20.62
H111 PE4 NA . 18.42 -5.63 -16.97
H112 PE4 NA . 17.54 -4.70 -18.21
H121 PE4 NA . 18.54 -3.19 -16.57
H122 PE4 NA . 19.27 -2.96 -18.17
H131 PE4 NA . 20.57 -3.09 -14.92
H132 PE4 NA . 20.62 -1.94 -16.28
H141 PE4 NA . 22.82 -3.39 -16.90
H142 PE4 NA . 22.80 -3.64 -15.12
C8 PE4 OA . 44.03 -25.37 -1.28
O5 PE4 OA . 43.74 -24.02 -1.14
C9 PE4 OA . 44.46 -23.28 -0.21
C10 PE4 OA . 45.57 -22.54 -0.94
O6 PE4 OA . 45.78 -23.11 -2.20
C11 PE4 OA . 46.60 -22.42 -3.10
C12 PE4 OA . 45.80 -21.35 -3.84
O7 PE4 OA . 44.95 -21.91 -4.80
C13 PE4 OA . 44.82 -21.11 -5.95
C14 PE4 OA . 43.52 -21.44 -6.68
O8 PE4 OA . 43.58 -20.83 -7.94
C15 PE4 OA . 43.89 -21.66 -9.04
H91 PE4 OA . 44.91 -23.93 0.54
H92 PE4 OA . 43.81 -22.57 0.28
H101 PE4 OA . 46.48 -22.59 -0.33
H102 PE4 OA . 45.30 -21.49 -1.04
H111 PE4 OA . 47.04 -23.13 -3.78
H112 PE4 OA . 47.39 -21.91 -2.55
H121 PE4 OA . 46.52 -20.69 -4.32
H122 PE4 OA . 45.19 -20.78 -3.14
H131 PE4 OA . 45.67 -21.27 -6.60
H132 PE4 OA . 44.78 -20.06 -5.68
H141 PE4 OA . 42.69 -21.02 -6.13
H142 PE4 OA . 43.40 -22.53 -6.75
C1 GOL PA . 38.48 -29.09 -7.40
O1 GOL PA . 37.27 -29.64 -6.91
C2 GOL PA . 39.24 -28.34 -6.31
O2 GOL PA . 40.24 -27.51 -6.84
C3 GOL PA . 39.95 -29.36 -5.44
O3 GOL PA . 40.89 -29.99 -6.28
H11 GOL PA . 38.27 -28.42 -8.23
H12 GOL PA . 39.09 -29.90 -7.79
HO1 GOL PA . 37.24 -29.67 -5.94
H2 GOL PA . 38.56 -27.73 -5.71
HO2 GOL PA . 40.44 -27.76 -7.76
H31 GOL PA . 39.24 -30.09 -5.07
H32 GOL PA . 40.45 -28.86 -4.63
C1 GOL QA . 18.26 -6.52 -12.43
O1 GOL QA . 19.41 -7.11 -11.73
C2 GOL QA . 17.13 -7.57 -12.48
O2 GOL QA . 17.43 -8.70 -13.14
C3 GOL QA . 15.75 -7.11 -12.88
O3 GOL QA . 15.87 -6.08 -13.82
H11 GOL QA . 18.55 -6.23 -13.44
H12 GOL QA . 17.88 -5.65 -11.89
H2 GOL QA . 17.03 -7.94 -11.49
H31 GOL QA . 15.18 -6.84 -12.00
H32 GOL QA . 15.25 -7.93 -13.39
HO3 GOL QA . 16.47 -5.35 -13.56
NA NA RA . 34.17 -3.90 -0.15
#